data_5U1Z
#
_entry.id   5U1Z
#
_cell.length_a   107.726
_cell.length_b   56.837
_cell.length_c   124.797
_cell.angle_alpha   90.00
_cell.angle_beta   90.04
_cell.angle_gamma   90.00
#
_symmetry.space_group_name_H-M   'P 1 21 1'
#
loop_
_entity.id
_entity.type
_entity.pdbx_description
1 polymer 'Putative aminotransferase'
2 non-polymer 'CHLORIDE ION'
3 non-polymer 'SODIUM ION'
4 water water
#
_entity_poly.entity_id   1
_entity_poly.type   'polypeptide(L)'
_entity_poly.pdbx_seq_one_letter_code
;MGSSHHHHHHSSRNLYFQGGGHMFFLNLKQINDRFNTEFITKFKEILESGWYILGKQCEKFENNFAKYCGVKHCIGVANG
LDALRLIIKAYDFKENDEIIVPANTYIASILAITDNKCKPILIEPDINTYNINPDLIEEKITKKTKAIMVVHLYGQVCDM
EKIQLLANKYNLKIIEDCAQAHGAIYKDKRVGNLGDAAGFSFYPGKNLGALGDAGCICTNDDNFASKIRALANYGSHKKY
ENLYTGLNSRLDEIQAAFLDIKLKYLDEDNNKRKNIANFYLQNIKNENIILPSNKFDHVWHLFVVKTKLRDELQHYLNNH
DIQTIIHYPIPPHKQKCYKDLNHLKLPITENIHQEVLSLPISPTMKENDFKKVADILNKWKV
;
_entity_poly.pdbx_strand_id   A,B,C,D
#
loop_
_chem_comp.id
_chem_comp.type
_chem_comp.name
_chem_comp.formula
CL non-polymer 'CHLORIDE ION' 'Cl -1'
NA non-polymer 'SODIUM ION' 'Na 1'
#
# COMPACT_ATOMS: atom_id res chain seq x y z
N HIS A 22 17.95 9.79 -43.39
CA HIS A 22 18.04 8.34 -43.09
C HIS A 22 16.90 7.66 -43.81
N MET A 23 17.27 6.80 -44.76
CA MET A 23 16.27 6.01 -45.47
C MET A 23 16.13 4.76 -44.61
N PHE A 24 14.93 4.57 -44.05
CA PHE A 24 14.61 3.44 -43.20
C PHE A 24 14.40 2.16 -43.98
N PHE A 25 14.71 1.04 -43.34
CA PHE A 25 14.48 -0.25 -43.93
C PHE A 25 13.01 -0.51 -44.33
N LEU A 26 12.08 -0.23 -43.44
CA LEU A 26 10.65 -0.33 -43.78
C LEU A 26 9.93 0.76 -43.03
N ASN A 27 9.55 1.80 -43.76
CA ASN A 27 8.86 2.93 -43.16
C ASN A 27 7.36 2.68 -43.01
N LEU A 28 6.93 2.21 -41.84
CA LEU A 28 5.54 1.87 -41.67
C LEU A 28 4.57 3.05 -41.68
N LYS A 29 5.02 4.22 -41.24
CA LYS A 29 4.13 5.39 -41.11
C LYS A 29 3.81 5.80 -42.56
N GLN A 30 4.80 5.65 -43.44
CA GLN A 30 4.61 5.90 -44.86
C GLN A 30 3.61 4.94 -45.52
N ILE A 31 3.69 3.67 -45.15
CA ILE A 31 2.77 2.65 -45.61
C ILE A 31 1.34 2.92 -45.14
N ASN A 32 1.18 3.41 -43.92
CA ASN A 32 -0.12 3.42 -43.25
C ASN A 32 -0.83 4.75 -43.32
N ASP A 33 -0.07 5.80 -43.60
CA ASP A 33 -0.67 7.16 -43.68
C ASP A 33 -1.76 7.24 -44.74
N ARG A 34 -1.69 6.42 -45.80
CA ARG A 34 -2.73 6.35 -46.83
C ARG A 34 -4.12 6.05 -46.29
N PHE A 35 -4.16 5.40 -45.14
CA PHE A 35 -5.39 4.90 -44.59
C PHE A 35 -5.80 5.56 -43.29
N ASN A 36 -5.11 6.60 -42.83
CA ASN A 36 -5.43 7.13 -41.50
C ASN A 36 -6.90 7.46 -41.35
N THR A 37 -7.49 8.13 -42.33
CA THR A 37 -8.83 8.65 -42.13
C THR A 37 -9.84 7.50 -41.98
N GLU A 38 -9.77 6.51 -42.86
CA GLU A 38 -10.50 5.24 -42.67
C GLU A 38 -10.17 4.53 -41.33
N PHE A 39 -8.91 4.32 -40.99
CA PHE A 39 -8.53 3.79 -39.66
C PHE A 39 -9.26 4.46 -38.50
N ILE A 40 -9.20 5.80 -38.45
CA ILE A 40 -9.87 6.54 -37.38
C ILE A 40 -11.37 6.30 -37.44
N THR A 41 -11.95 6.36 -38.64
CA THR A 41 -13.38 6.04 -38.78
C THR A 41 -13.78 4.70 -38.20
N LYS A 42 -13.06 3.66 -38.59
CA LYS A 42 -13.36 2.31 -38.13
C LYS A 42 -13.15 2.20 -36.62
N PHE A 43 -12.11 2.83 -36.07
CA PHE A 43 -11.88 2.85 -34.62
C PHE A 43 -13.12 3.37 -33.88
N LYS A 44 -13.59 4.53 -34.30
CA LYS A 44 -14.77 5.17 -33.71
C LYS A 44 -16.00 4.27 -33.82
N GLU A 45 -16.10 3.58 -34.93
CA GLU A 45 -17.18 2.62 -35.16
C GLU A 45 -17.14 1.50 -34.11
N ILE A 46 -15.96 0.96 -33.86
CA ILE A 46 -15.79 -0.14 -32.91
C ILE A 46 -16.05 0.36 -31.49
N LEU A 47 -15.57 1.55 -31.16
CA LEU A 47 -16.02 2.30 -29.98
C LEU A 47 -17.54 2.36 -29.86
N GLU A 48 -18.18 2.81 -30.93
CA GLU A 48 -19.63 2.87 -30.98
C GLU A 48 -20.28 1.50 -30.75
N SER A 49 -19.55 0.43 -31.06
CA SER A 49 -20.11 -0.90 -30.99
C SER A 49 -20.03 -1.51 -29.60
N GLY A 50 -19.07 -1.10 -28.79
CA GLY A 50 -18.83 -1.73 -27.50
C GLY A 50 -18.37 -3.17 -27.57
N TRP A 51 -17.98 -3.59 -28.76
CA TRP A 51 -17.62 -4.98 -29.02
C TRP A 51 -16.17 -5.03 -29.55
N TYR A 52 -15.27 -5.61 -28.77
CA TYR A 52 -13.86 -5.55 -29.13
C TYR A 52 -13.23 -6.89 -29.52
N ILE A 53 -13.93 -7.96 -29.18
CA ILE A 53 -13.43 -9.33 -29.35
C ILE A 53 -14.44 -10.19 -30.06
N LEU A 54 -13.96 -11.01 -31.01
CA LEU A 54 -14.82 -11.93 -31.77
C LEU A 54 -16.15 -11.32 -32.20
N GLY A 55 -16.08 -10.27 -33.01
CA GLY A 55 -17.26 -9.57 -33.51
C GLY A 55 -17.37 -9.52 -35.01
N LYS A 56 -18.09 -8.51 -35.48
CA LYS A 56 -18.39 -8.38 -36.90
C LYS A 56 -17.21 -7.93 -37.76
N GLN A 57 -16.25 -7.22 -37.19
CA GLN A 57 -15.05 -6.92 -37.97
C GLN A 57 -14.20 -8.16 -38.21
N CYS A 58 -14.02 -9.00 -37.19
CA CYS A 58 -13.36 -10.28 -37.40
CA CYS A 58 -13.37 -10.30 -37.41
C CYS A 58 -14.06 -11.13 -38.48
N GLU A 59 -15.38 -11.26 -38.36
CA GLU A 59 -16.11 -12.10 -39.31
C GLU A 59 -15.87 -11.57 -40.73
N LYS A 60 -16.00 -10.26 -40.88
CA LYS A 60 -15.92 -9.60 -42.19
C LYS A 60 -14.54 -9.78 -42.80
N PHE A 61 -13.50 -9.45 -42.05
CA PHE A 61 -12.15 -9.70 -42.47
C PHE A 61 -11.91 -11.17 -42.83
N GLU A 62 -12.42 -12.06 -42.01
CA GLU A 62 -12.12 -13.46 -42.27
C GLU A 62 -12.71 -13.83 -43.63
N ASN A 63 -13.96 -13.44 -43.83
CA ASN A 63 -14.71 -13.81 -45.02
C ASN A 63 -13.99 -13.22 -46.25
N ASN A 64 -13.51 -11.98 -46.14
CA ASN A 64 -12.75 -11.42 -47.25
C ASN A 64 -11.39 -11.99 -47.53
N PHE A 65 -10.70 -12.40 -46.47
CA PHE A 65 -9.36 -12.98 -46.67
C PHE A 65 -9.53 -14.40 -47.19
N ALA A 66 -10.55 -15.10 -46.72
CA ALA A 66 -10.85 -16.39 -47.26
C ALA A 66 -11.08 -16.30 -48.79
N LYS A 67 -11.87 -15.32 -49.25
CA LYS A 67 -12.11 -15.13 -50.67
C LYS A 67 -10.84 -14.79 -51.38
N TYR A 68 -10.07 -13.89 -50.78
CA TYR A 68 -8.79 -13.56 -51.34
C TYR A 68 -7.86 -14.73 -51.61
N CYS A 69 -7.66 -15.63 -50.63
CA CYS A 69 -6.84 -16.83 -50.81
C CYS A 69 -7.55 -17.96 -51.54
N GLY A 70 -8.86 -17.81 -51.72
CA GLY A 70 -9.67 -18.74 -52.48
C GLY A 70 -9.93 -19.99 -51.66
N VAL A 71 -10.03 -19.83 -50.35
CA VAL A 71 -10.24 -20.94 -49.43
C VAL A 71 -11.64 -20.83 -48.80
N LYS A 72 -12.11 -21.93 -48.25
CA LYS A 72 -13.42 -21.89 -47.60
C LYS A 72 -13.49 -21.18 -46.25
N HIS A 73 -12.44 -21.40 -45.45
CA HIS A 73 -12.41 -20.97 -44.07
C HIS A 73 -11.18 -20.15 -43.75
N CYS A 74 -11.36 -19.03 -43.05
CA CYS A 74 -10.29 -18.23 -42.44
C CYS A 74 -10.62 -17.93 -40.95
N ILE A 75 -9.72 -18.34 -40.06
CA ILE A 75 -9.86 -18.11 -38.61
C ILE A 75 -8.81 -17.09 -38.18
N GLY A 76 -9.24 -15.91 -37.80
CA GLY A 76 -8.32 -14.94 -37.25
C GLY A 76 -7.77 -15.40 -35.93
N VAL A 77 -6.46 -15.25 -35.70
CA VAL A 77 -5.82 -15.62 -34.44
C VAL A 77 -4.84 -14.52 -34.02
N ALA A 78 -4.12 -14.75 -32.92
CA ALA A 78 -3.40 -13.62 -32.33
C ALA A 78 -2.12 -13.20 -33.05
N ASN A 79 -1.42 -14.15 -33.68
CA ASN A 79 -0.23 -13.86 -34.49
C ASN A 79 0.11 -15.09 -35.34
N GLY A 80 1.19 -15.02 -36.12
CA GLY A 80 1.54 -16.04 -37.10
C GLY A 80 2.20 -17.25 -36.48
N LEU A 81 2.96 -17.05 -35.40
CA LEU A 81 3.45 -18.20 -34.67
C LEU A 81 2.32 -18.96 -34.02
N ASP A 82 1.36 -18.27 -33.40
CA ASP A 82 0.18 -18.97 -32.92
C ASP A 82 -0.54 -19.73 -34.04
N ALA A 83 -0.66 -19.13 -35.23
CA ALA A 83 -1.37 -19.73 -36.31
C ALA A 83 -0.75 -21.06 -36.63
N LEU A 84 0.57 -21.09 -36.76
CA LEU A 84 1.28 -22.36 -36.99
C LEU A 84 1.14 -23.36 -35.85
N ARG A 85 1.28 -22.89 -34.62
CA ARG A 85 1.30 -23.78 -33.46
C ARG A 85 -0.08 -24.44 -33.33
N LEU A 86 -1.13 -23.70 -33.65
CA LEU A 86 -2.50 -24.21 -33.54
C LEU A 86 -2.78 -25.30 -34.57
N ILE A 87 -2.33 -25.10 -35.80
CA ILE A 87 -2.55 -26.07 -36.88
C ILE A 87 -1.95 -27.41 -36.40
N ILE A 88 -0.73 -27.35 -35.90
CA ILE A 88 0.03 -28.55 -35.49
C ILE A 88 -0.69 -29.19 -34.31
N LYS A 89 -1.12 -28.35 -33.38
CA LYS A 89 -1.85 -28.82 -32.19
CA LYS A 89 -1.84 -28.83 -32.20
C LYS A 89 -3.11 -29.57 -32.59
N ALA A 90 -3.87 -29.03 -33.54
CA ALA A 90 -5.16 -29.57 -33.95
C ALA A 90 -4.99 -30.93 -34.63
N TYR A 91 -3.82 -31.23 -35.16
CA TYR A 91 -3.58 -32.59 -35.74
C TYR A 91 -3.32 -33.70 -34.75
N ASP A 92 -3.03 -33.37 -33.49
CA ASP A 92 -2.83 -34.36 -32.43
C ASP A 92 -1.70 -35.34 -32.72
N PHE A 93 -0.55 -34.82 -33.12
CA PHE A 93 0.58 -35.72 -33.44
C PHE A 93 1.14 -36.27 -32.14
N LYS A 94 1.80 -37.42 -32.21
CA LYS A 94 2.56 -37.93 -31.07
C LYS A 94 3.85 -37.15 -30.75
N GLU A 95 4.28 -37.22 -29.49
CA GLU A 95 5.55 -36.65 -29.11
C GLU A 95 6.66 -37.25 -29.95
N ASN A 96 7.56 -36.40 -30.45
CA ASN A 96 8.62 -36.82 -31.37
C ASN A 96 8.19 -37.23 -32.78
N ASP A 97 6.91 -37.12 -33.11
CA ASP A 97 6.51 -37.14 -34.52
C ASP A 97 7.31 -36.08 -35.28
N GLU A 98 7.52 -36.32 -36.56
CA GLU A 98 8.49 -35.58 -37.37
C GLU A 98 7.82 -34.65 -38.37
N ILE A 99 8.32 -33.42 -38.48
CA ILE A 99 7.78 -32.46 -39.46
C ILE A 99 8.95 -31.92 -40.24
N ILE A 100 8.87 -32.12 -41.54
CA ILE A 100 9.94 -31.80 -42.45
C ILE A 100 9.75 -30.30 -42.73
N VAL A 101 10.85 -29.58 -42.73
CA VAL A 101 10.76 -28.13 -42.83
C VAL A 101 12.05 -27.61 -43.40
N PRO A 102 12.00 -26.47 -44.11
CA PRO A 102 13.28 -25.92 -44.56
C PRO A 102 14.19 -25.44 -43.42
N ALA A 103 15.49 -25.64 -43.59
CA ALA A 103 16.46 -25.28 -42.57
C ALA A 103 16.76 -23.79 -42.53
N ASN A 104 16.48 -23.10 -43.63
CA ASN A 104 16.78 -21.69 -43.71
C ASN A 104 15.64 -20.70 -43.44
N THR A 105 14.52 -21.19 -42.93
CA THR A 105 13.40 -20.32 -42.57
C THR A 105 13.69 -19.45 -41.33
N TYR A 106 12.79 -18.47 -41.12
CA TYR A 106 12.74 -17.80 -39.85
C TYR A 106 12.42 -18.77 -38.73
N ILE A 107 13.02 -18.51 -37.58
CA ILE A 107 12.96 -19.40 -36.42
CA ILE A 107 12.95 -19.46 -36.47
C ILE A 107 11.52 -19.72 -36.00
N ALA A 108 10.63 -18.76 -36.20
CA ALA A 108 9.23 -19.01 -35.85
C ALA A 108 8.65 -20.30 -36.41
N SER A 109 9.06 -20.68 -37.64
CA SER A 109 8.54 -21.90 -38.27
C SER A 109 8.84 -23.13 -37.43
N ILE A 110 10.04 -23.12 -36.88
CA ILE A 110 10.58 -24.21 -36.07
C ILE A 110 10.05 -24.23 -34.65
N LEU A 111 9.96 -23.06 -34.05
CA LEU A 111 9.31 -22.87 -32.76
C LEU A 111 7.93 -23.47 -32.71
N ALA A 112 7.17 -23.35 -33.79
CA ALA A 112 5.85 -23.99 -33.81
C ALA A 112 5.85 -25.51 -33.74
N ILE A 113 6.89 -26.11 -34.32
CA ILE A 113 7.02 -27.55 -34.32
C ILE A 113 7.41 -28.02 -32.91
N THR A 114 8.47 -27.45 -32.37
CA THR A 114 8.96 -27.86 -31.05
C THR A 114 7.97 -27.52 -29.91
N ASP A 115 7.14 -26.49 -30.09
CA ASP A 115 6.14 -26.09 -29.07
C ASP A 115 5.21 -27.25 -28.86
N ASN A 116 5.02 -27.98 -29.95
CA ASN A 116 4.11 -29.10 -29.99
C ASN A 116 4.79 -30.44 -29.73
N LYS A 117 6.03 -30.40 -29.26
CA LYS A 117 6.86 -31.58 -28.99
C LYS A 117 7.01 -32.52 -30.18
N CYS A 118 6.90 -31.95 -31.37
CA CYS A 118 7.38 -32.60 -32.58
C CYS A 118 8.84 -32.33 -32.90
N LYS A 119 9.41 -33.21 -33.70
CA LYS A 119 10.79 -33.10 -34.12
C LYS A 119 10.92 -32.43 -35.50
N PRO A 120 11.56 -31.25 -35.57
CA PRO A 120 11.89 -30.69 -36.88
C PRO A 120 12.98 -31.42 -37.63
N ILE A 121 12.64 -31.79 -38.86
CA ILE A 121 13.57 -32.40 -39.78
C ILE A 121 13.94 -31.40 -40.89
N LEU A 122 15.16 -30.90 -40.81
CA LEU A 122 15.57 -29.70 -41.53
C LEU A 122 16.19 -30.03 -42.90
N ILE A 123 15.67 -29.40 -43.94
CA ILE A 123 15.99 -29.71 -45.33
C ILE A 123 16.65 -28.48 -45.97
N GLU A 124 17.68 -28.72 -46.78
CA GLU A 124 18.41 -27.61 -47.39
C GLU A 124 17.55 -26.95 -48.44
N PRO A 125 17.69 -25.62 -48.56
CA PRO A 125 17.05 -24.93 -49.67
C PRO A 125 17.77 -25.12 -51.00
N ASP A 126 17.03 -24.79 -52.07
CA ASP A 126 17.64 -24.53 -53.38
C ASP A 126 18.19 -23.09 -53.41
N ILE A 127 19.46 -22.98 -53.77
CA ILE A 127 20.15 -21.70 -53.88
C ILE A 127 19.38 -20.82 -54.86
N ASN A 128 18.63 -21.41 -55.80
CA ASN A 128 17.99 -20.63 -56.85
C ASN A 128 16.57 -20.19 -56.51
N THR A 129 16.09 -20.59 -55.33
CA THR A 129 14.79 -20.10 -54.86
C THR A 129 14.77 -19.57 -53.42
N TYR A 130 15.74 -19.96 -52.61
CA TYR A 130 15.76 -19.80 -51.16
C TYR A 130 14.65 -20.55 -50.41
N ASN A 131 13.96 -21.44 -51.14
CA ASN A 131 12.93 -22.31 -50.61
C ASN A 131 13.45 -23.74 -50.58
N ILE A 132 12.83 -24.54 -49.69
CA ILE A 132 13.17 -25.96 -49.50
C ILE A 132 13.39 -26.59 -50.88
N ASN A 133 14.46 -27.37 -51.03
CA ASN A 133 14.68 -28.14 -52.25
C ASN A 133 13.79 -29.37 -52.27
N PRO A 134 12.83 -29.40 -53.19
CA PRO A 134 11.87 -30.53 -53.07
C PRO A 134 12.49 -31.92 -53.30
N ASP A 135 13.59 -31.94 -54.04
CA ASP A 135 14.35 -33.14 -54.38
C ASP A 135 15.06 -33.73 -53.19
N LEU A 136 15.10 -32.99 -52.07
CA LEU A 136 15.85 -33.40 -50.87
C LEU A 136 15.00 -33.94 -49.71
N ILE A 137 13.70 -33.97 -49.91
CA ILE A 137 12.72 -34.31 -48.88
C ILE A 137 12.55 -35.80 -48.68
N GLU A 138 12.33 -36.52 -49.77
CA GLU A 138 11.93 -37.90 -49.65
C GLU A 138 12.94 -38.69 -48.85
N GLU A 139 14.23 -38.47 -49.07
CA GLU A 139 15.23 -39.25 -48.36
C GLU A 139 15.12 -39.13 -46.84
N LYS A 140 14.45 -38.10 -46.33
CA LYS A 140 14.44 -37.81 -44.92
C LYS A 140 13.12 -38.26 -44.27
N ILE A 141 12.28 -38.96 -45.04
CA ILE A 141 10.92 -39.30 -44.64
C ILE A 141 11.11 -40.63 -43.93
N THR A 142 10.41 -40.80 -42.81
CA THR A 142 10.60 -41.97 -41.95
C THR A 142 9.22 -42.34 -41.47
N LYS A 143 9.13 -43.44 -40.70
CA LYS A 143 7.86 -43.86 -40.19
C LYS A 143 7.24 -42.84 -39.21
N LYS A 144 8.04 -41.92 -38.69
CA LYS A 144 7.58 -40.90 -37.72
C LYS A 144 7.14 -39.58 -38.38
N THR A 145 7.42 -39.44 -39.67
CA THR A 145 7.00 -38.23 -40.37
C THR A 145 5.46 -38.12 -40.45
N LYS A 146 4.92 -36.97 -40.04
CA LYS A 146 3.48 -36.74 -40.15
C LYS A 146 3.10 -35.53 -41.06
N ALA A 147 4.08 -34.68 -41.42
CA ALA A 147 3.82 -33.41 -42.11
C ALA A 147 5.08 -32.88 -42.82
N ILE A 148 4.82 -32.09 -43.85
CA ILE A 148 5.77 -31.15 -44.44
C ILE A 148 5.27 -29.75 -44.18
N MET A 149 6.12 -28.92 -43.58
CA MET A 149 5.84 -27.48 -43.48
C MET A 149 6.61 -26.79 -44.57
N VAL A 150 5.86 -26.26 -45.54
CA VAL A 150 6.49 -25.50 -46.61
C VAL A 150 6.46 -24.02 -46.23
N VAL A 151 7.50 -23.28 -46.60
CA VAL A 151 7.56 -21.87 -46.20
C VAL A 151 7.82 -21.15 -47.49
N HIS A 152 7.01 -20.14 -47.79
CA HIS A 152 7.17 -19.36 -49.01
C HIS A 152 8.06 -18.19 -48.64
N LEU A 153 9.37 -18.40 -48.69
CA LEU A 153 10.33 -17.50 -48.05
C LEU A 153 10.61 -16.24 -48.86
N TYR A 154 10.61 -15.12 -48.14
CA TYR A 154 10.90 -13.79 -48.70
C TYR A 154 9.77 -13.24 -49.62
N GLY A 155 8.71 -14.01 -49.84
CA GLY A 155 7.72 -13.59 -50.85
C GLY A 155 7.53 -14.53 -52.01
N GLN A 156 8.41 -15.50 -52.23
CA GLN A 156 8.28 -16.38 -53.42
C GLN A 156 7.61 -17.71 -53.02
N VAL A 157 6.57 -18.08 -53.75
CA VAL A 157 5.86 -19.34 -53.53
C VAL A 157 6.79 -20.54 -53.80
N CYS A 158 6.69 -21.57 -52.94
CA CYS A 158 7.48 -22.77 -53.15
CA CYS A 158 7.43 -22.83 -53.08
C CYS A 158 6.86 -23.61 -54.25
N ASP A 159 7.75 -24.23 -55.00
CA ASP A 159 7.46 -25.19 -56.07
C ASP A 159 6.70 -26.40 -55.53
N MET A 160 5.38 -26.38 -55.59
CA MET A 160 4.58 -27.35 -54.83
C MET A 160 4.50 -28.73 -55.50
N GLU A 161 4.77 -28.81 -56.79
CA GLU A 161 4.40 -29.97 -57.63
C GLU A 161 4.87 -31.23 -56.94
N LYS A 162 6.15 -31.36 -56.63
CA LYS A 162 6.69 -32.60 -56.00
C LYS A 162 6.31 -32.83 -54.53
N ILE A 163 6.08 -31.73 -53.80
CA ILE A 163 5.82 -31.82 -52.38
C ILE A 163 4.45 -32.47 -52.21
N GLN A 164 3.53 -31.99 -53.06
CA GLN A 164 2.19 -32.56 -53.12
C GLN A 164 2.18 -34.04 -53.49
N LEU A 165 3.03 -34.44 -54.43
CA LEU A 165 3.17 -35.85 -54.74
C LEU A 165 3.69 -36.62 -53.52
N LEU A 166 4.77 -36.14 -52.89
CA LEU A 166 5.26 -36.76 -51.67
C LEU A 166 4.22 -36.84 -50.56
N ALA A 167 3.49 -35.75 -50.29
CA ALA A 167 2.46 -35.78 -49.25
C ALA A 167 1.34 -36.82 -49.50
N ASN A 168 0.88 -36.92 -50.75
CA ASN A 168 -0.08 -37.98 -51.14
C ASN A 168 0.48 -39.39 -50.97
N LYS A 169 1.74 -39.57 -51.39
CA LYS A 169 2.41 -40.86 -51.34
C LYS A 169 2.62 -41.42 -49.91
N TYR A 170 2.96 -40.56 -48.96
CA TYR A 170 3.43 -40.99 -47.65
C TYR A 170 2.42 -40.62 -46.58
N ASN A 171 1.24 -40.16 -47.02
CA ASN A 171 0.11 -39.79 -46.16
C ASN A 171 0.51 -38.67 -45.18
N LEU A 172 1.09 -37.59 -45.72
CA LEU A 172 1.51 -36.47 -44.94
C LEU A 172 0.55 -35.28 -45.07
N LYS A 173 0.42 -34.53 -43.99
CA LYS A 173 -0.19 -33.18 -44.08
C LYS A 173 0.80 -32.19 -44.69
N ILE A 174 0.27 -31.27 -45.50
CA ILE A 174 1.00 -30.08 -45.91
C ILE A 174 0.51 -28.85 -45.14
N ILE A 175 1.43 -28.22 -44.42
CA ILE A 175 1.19 -27.01 -43.63
C ILE A 175 2.01 -25.92 -44.32
N GLU A 176 1.31 -24.87 -44.74
CA GLU A 176 1.92 -23.69 -45.32
C GLU A 176 2.24 -22.61 -44.27
N ASP A 177 3.48 -22.12 -44.24
CA ASP A 177 3.83 -20.93 -43.46
C ASP A 177 3.83 -19.77 -44.47
N CYS A 178 2.80 -18.94 -44.42
CA CYS A 178 2.56 -17.93 -45.42
C CYS A 178 2.93 -16.53 -44.97
N ALA A 179 3.62 -16.46 -43.86
CA ALA A 179 3.83 -15.15 -43.25
C ALA A 179 4.60 -14.13 -44.09
N GLN A 180 5.37 -14.64 -45.05
CA GLN A 180 6.12 -13.82 -46.00
C GLN A 180 5.65 -13.66 -47.43
N ALA A 181 4.54 -14.30 -47.80
CA ALA A 181 4.11 -14.31 -49.20
C ALA A 181 2.60 -14.05 -49.45
N HIS A 182 1.98 -13.16 -48.67
CA HIS A 182 0.55 -12.84 -48.81
C HIS A 182 0.23 -12.60 -50.28
N GLY A 183 -0.64 -13.43 -50.85
CA GLY A 183 -1.14 -13.20 -52.20
C GLY A 183 -0.39 -13.83 -53.36
N ALA A 184 0.80 -14.40 -53.13
CA ALA A 184 1.56 -15.10 -54.17
C ALA A 184 0.72 -16.22 -54.78
N ILE A 185 0.93 -16.44 -56.07
CA ILE A 185 0.15 -17.39 -56.88
C ILE A 185 1.02 -18.58 -57.31
N TYR A 186 0.48 -19.81 -57.22
CA TYR A 186 1.05 -21.01 -57.86
C TYR A 186 -0.01 -21.69 -58.73
N LYS A 187 0.33 -21.86 -60.01
CA LYS A 187 -0.64 -22.25 -61.04
C LYS A 187 -1.99 -21.51 -60.91
N ASP A 188 -3.05 -22.24 -60.54
CA ASP A 188 -4.39 -21.65 -60.38
C ASP A 188 -4.75 -21.17 -58.97
N LYS A 189 -3.80 -21.28 -58.05
CA LYS A 189 -4.13 -21.08 -56.64
C LYS A 189 -3.23 -20.07 -55.92
N ARG A 190 -3.76 -19.56 -54.84
CA ARG A 190 -3.01 -18.66 -53.93
C ARG A 190 -2.34 -19.44 -52.83
N VAL A 191 -1.19 -18.96 -52.38
CA VAL A 191 -0.66 -19.33 -51.07
C VAL A 191 -1.81 -19.21 -50.04
N GLY A 192 -1.83 -20.17 -49.13
CA GLY A 192 -2.99 -20.37 -48.28
C GLY A 192 -3.87 -21.49 -48.76
N ASN A 193 -3.80 -21.84 -50.06
CA ASN A 193 -4.69 -22.88 -50.60
C ASN A 193 -3.91 -23.98 -51.32
N LEU A 194 -2.66 -24.11 -50.90
CA LEU A 194 -1.76 -25.00 -51.58
C LEU A 194 -1.51 -26.27 -50.77
N GLY A 195 -2.10 -26.36 -49.59
CA GLY A 195 -1.81 -27.49 -48.68
C GLY A 195 -3.05 -27.91 -47.96
N ASP A 196 -2.91 -28.56 -46.81
CA ASP A 196 -4.06 -28.88 -45.99
C ASP A 196 -4.52 -27.72 -45.13
N ALA A 197 -3.57 -26.99 -44.53
CA ALA A 197 -3.89 -25.79 -43.76
C ALA A 197 -2.72 -24.83 -43.79
N ALA A 198 -3.04 -23.54 -43.72
CA ALA A 198 -2.01 -22.50 -43.77
C ALA A 198 -2.06 -21.49 -42.64
N GLY A 199 -0.89 -21.04 -42.17
CA GLY A 199 -0.81 -19.99 -41.15
C GLY A 199 -0.23 -18.69 -41.72
N PHE A 200 -0.85 -17.56 -41.36
CA PHE A 200 -0.41 -16.24 -41.82
C PHE A 200 -0.07 -15.41 -40.62
N SER A 201 0.97 -14.60 -40.79
CA SER A 201 1.25 -13.46 -39.93
C SER A 201 0.76 -12.17 -40.55
N PHE A 202 0.20 -11.27 -39.74
CA PHE A 202 -0.07 -9.90 -40.19
C PHE A 202 0.63 -8.94 -39.24
N TYR A 203 1.77 -9.35 -38.67
CA TYR A 203 2.70 -8.44 -38.00
C TYR A 203 2.88 -7.21 -38.88
N PRO A 204 3.06 -6.03 -38.24
CA PRO A 204 2.97 -4.81 -39.05
C PRO A 204 3.87 -4.61 -40.29
N GLY A 205 5.08 -5.17 -40.28
CA GLY A 205 5.93 -5.19 -41.47
C GLY A 205 5.64 -6.21 -42.56
N LYS A 206 4.60 -7.03 -42.43
CA LYS A 206 4.31 -8.04 -43.46
C LYS A 206 3.67 -7.37 -44.67
N ASN A 207 3.62 -8.08 -45.79
CA ASN A 207 3.01 -7.41 -46.94
C ASN A 207 1.54 -6.99 -46.75
N LEU A 208 0.78 -7.68 -45.88
CA LEU A 208 -0.45 -7.17 -45.26
C LEU A 208 -0.18 -7.07 -43.77
N GLY A 209 0.01 -5.84 -43.25
CA GLY A 209 0.38 -5.65 -41.87
C GLY A 209 -0.73 -5.00 -41.02
N ALA A 210 -0.90 -5.50 -39.81
CA ALA A 210 -1.78 -4.90 -38.80
C ALA A 210 -1.11 -3.70 -38.12
N LEU A 211 -1.80 -3.08 -37.17
CA LEU A 211 -1.19 -2.12 -36.26
C LEU A 211 -1.09 -2.66 -34.81
N GLY A 212 -0.57 -3.87 -34.70
CA GLY A 212 -0.43 -4.63 -33.45
C GLY A 212 -0.21 -6.06 -33.96
N ASP A 213 0.01 -7.02 -33.08
CA ASP A 213 0.07 -8.43 -33.53
C ASP A 213 -1.24 -9.01 -34.08
N ALA A 214 -1.10 -9.87 -35.06
CA ALA A 214 -2.24 -10.51 -35.70
C ALA A 214 -1.83 -11.60 -36.65
N GLY A 215 -2.79 -12.49 -36.89
CA GLY A 215 -2.53 -13.72 -37.63
C GLY A 215 -3.82 -14.30 -38.14
N CYS A 216 -3.73 -15.29 -39.00
CA CYS A 216 -4.85 -16.16 -39.27
C CYS A 216 -4.43 -17.57 -39.73
N ILE A 217 -5.43 -18.44 -39.76
CA ILE A 217 -5.34 -19.78 -40.30
C ILE A 217 -6.36 -19.92 -41.43
N CYS A 218 -5.96 -20.62 -42.47
CA CYS A 218 -6.83 -20.87 -43.63
C CYS A 218 -6.84 -22.34 -43.90
N THR A 219 -8.00 -22.85 -44.30
CA THR A 219 -8.06 -24.26 -44.71
C THR A 219 -9.40 -24.41 -45.45
N ASN A 220 -9.58 -25.49 -46.21
CA ASN A 220 -10.89 -25.85 -46.75
C ASN A 220 -11.71 -26.85 -45.92
N ASP A 221 -11.15 -27.46 -44.87
CA ASP A 221 -11.79 -28.61 -44.18
C ASP A 221 -12.72 -28.06 -43.12
N ASP A 222 -14.03 -28.39 -43.19
CA ASP A 222 -15.00 -27.82 -42.25
C ASP A 222 -14.69 -28.25 -40.80
N ASN A 223 -14.44 -29.54 -40.58
CA ASN A 223 -14.18 -30.05 -39.25
C ASN A 223 -12.93 -29.45 -38.64
N PHE A 224 -11.86 -29.41 -39.44
CA PHE A 224 -10.60 -28.81 -39.02
C PHE A 224 -10.82 -27.34 -38.67
N ALA A 225 -11.52 -26.60 -39.52
CA ALA A 225 -11.74 -25.19 -39.22
C ALA A 225 -12.52 -25.00 -37.91
N SER A 226 -13.52 -25.82 -37.70
CA SER A 226 -14.30 -25.70 -36.52
C SER A 226 -13.49 -26.04 -35.27
N LYS A 227 -12.67 -27.07 -35.35
CA LYS A 227 -11.70 -27.42 -34.32
C LYS A 227 -10.72 -26.29 -34.01
N ILE A 228 -10.07 -25.71 -35.01
CA ILE A 228 -9.26 -24.49 -34.87
C ILE A 228 -9.96 -23.33 -34.16
N ARG A 229 -11.19 -22.98 -34.55
CA ARG A 229 -11.94 -21.95 -33.84
C ARG A 229 -12.06 -22.25 -32.35
N ALA A 230 -12.42 -23.50 -32.05
CA ALA A 230 -12.51 -23.90 -30.64
C ALA A 230 -11.16 -23.71 -29.96
N LEU A 231 -10.10 -24.28 -30.55
CA LEU A 231 -8.81 -24.26 -29.90
C LEU A 231 -8.25 -22.86 -29.66
N ALA A 232 -8.59 -21.91 -30.52
CA ALA A 232 -8.15 -20.54 -30.39
C ALA A 232 -9.01 -19.73 -29.41
N ASN A 233 -10.12 -20.31 -28.97
CA ASN A 233 -11.01 -19.67 -28.01
C ASN A 233 -11.17 -20.59 -26.79
N TYR A 234 -10.03 -20.97 -26.24
CA TYR A 234 -9.98 -21.66 -24.97
C TYR A 234 -10.28 -23.15 -25.05
N GLY A 235 -10.48 -23.68 -26.26
CA GLY A 235 -10.98 -25.03 -26.43
C GLY A 235 -12.49 -25.11 -26.36
N SER A 236 -13.14 -23.98 -26.44
CA SER A 236 -14.60 -23.93 -26.34
C SER A 236 -15.23 -23.67 -27.67
N HIS A 237 -16.12 -24.58 -28.06
CA HIS A 237 -17.12 -24.38 -29.09
C HIS A 237 -18.36 -23.66 -28.58
N LYS A 238 -18.68 -23.84 -27.30
CA LYS A 238 -19.95 -23.33 -26.78
C LYS A 238 -19.69 -22.80 -25.37
N LYS A 239 -20.29 -21.65 -25.07
CA LYS A 239 -20.24 -20.99 -23.75
C LYS A 239 -20.30 -22.03 -22.63
N TYR A 240 -19.30 -21.97 -21.75
CA TYR A 240 -19.27 -22.65 -20.46
C TYR A 240 -18.54 -23.99 -20.59
N GLU A 241 -18.30 -24.41 -21.83
CA GLU A 241 -17.89 -25.78 -22.12
C GLU A 241 -16.52 -25.79 -22.82
N ASN A 242 -15.61 -26.63 -22.31
CA ASN A 242 -14.32 -26.81 -22.95
C ASN A 242 -14.08 -28.22 -23.43
N LEU A 243 -14.21 -28.37 -24.75
CA LEU A 243 -14.02 -29.69 -25.41
C LEU A 243 -12.55 -30.06 -25.52
N TYR A 244 -11.69 -29.07 -25.70
CA TYR A 244 -10.27 -29.34 -25.83
C TYR A 244 -9.48 -28.48 -24.89
N THR A 245 -8.23 -28.86 -24.65
CA THR A 245 -7.29 -27.96 -23.99
C THR A 245 -6.84 -26.92 -25.00
N GLY A 246 -7.38 -25.71 -24.88
CA GLY A 246 -7.18 -24.69 -25.89
C GLY A 246 -6.23 -23.57 -25.51
N LEU A 247 -6.18 -22.55 -26.37
CA LEU A 247 -5.33 -21.38 -26.23
C LEU A 247 -6.25 -20.17 -26.19
N ASN A 248 -5.72 -19.01 -25.79
CA ASN A 248 -6.39 -17.79 -26.14
C ASN A 248 -5.60 -17.17 -27.31
N SER A 249 -6.13 -17.30 -28.51
CA SER A 249 -5.44 -16.74 -29.67
C SER A 249 -6.42 -16.18 -30.69
N ARG A 250 -6.71 -14.90 -30.50
CA ARG A 250 -7.75 -14.22 -31.21
C ARG A 250 -7.27 -12.95 -31.91
N LEU A 251 -7.94 -12.62 -33.01
CA LEU A 251 -7.66 -11.39 -33.79
C LEU A 251 -8.60 -10.28 -33.26
N ASP A 252 -8.04 -9.23 -32.65
CA ASP A 252 -8.86 -8.14 -32.08
C ASP A 252 -9.72 -7.48 -33.18
N GLU A 253 -10.94 -7.06 -32.82
CA GLU A 253 -11.82 -6.31 -33.73
C GLU A 253 -11.07 -5.18 -34.42
N ILE A 254 -10.29 -4.41 -33.64
CA ILE A 254 -9.63 -3.22 -34.20
C ILE A 254 -8.72 -3.66 -35.35
N GLN A 255 -7.97 -4.72 -35.08
CA GLN A 255 -6.95 -5.14 -36.02
C GLN A 255 -7.56 -5.78 -37.26
N ALA A 256 -8.63 -6.54 -37.07
CA ALA A 256 -9.39 -7.06 -38.21
C ALA A 256 -9.86 -5.91 -39.09
N ALA A 257 -10.36 -4.82 -38.51
CA ALA A 257 -10.88 -3.68 -39.26
C ALA A 257 -9.77 -3.08 -40.09
N PHE A 258 -8.60 -2.93 -39.47
CA PHE A 258 -7.50 -2.26 -40.14
C PHE A 258 -7.02 -3.10 -41.31
N LEU A 259 -6.90 -4.39 -41.07
CA LEU A 259 -6.58 -5.35 -42.09
C LEU A 259 -7.55 -5.41 -43.24
N ASP A 260 -8.85 -5.31 -42.98
CA ASP A 260 -9.81 -5.36 -44.04
C ASP A 260 -9.68 -4.14 -44.98
N ILE A 261 -9.47 -2.96 -44.38
CA ILE A 261 -9.25 -1.74 -45.17
C ILE A 261 -8.06 -1.92 -46.12
N LYS A 262 -6.96 -2.44 -45.60
CA LYS A 262 -5.71 -2.59 -46.36
C LYS A 262 -5.75 -3.73 -47.39
N LEU A 263 -6.49 -4.82 -47.09
CA LEU A 263 -6.65 -5.97 -48.02
C LEU A 263 -7.14 -5.57 -49.40
N LYS A 264 -7.97 -4.53 -49.47
CA LYS A 264 -8.42 -4.02 -50.78
C LYS A 264 -7.29 -3.62 -51.69
N TYR A 265 -6.12 -3.31 -51.13
CA TYR A 265 -5.04 -2.77 -51.93
C TYR A 265 -3.82 -3.68 -51.88
N LEU A 266 -4.03 -4.91 -51.40
CA LEU A 266 -2.93 -5.83 -51.26
C LEU A 266 -2.26 -6.23 -52.56
N ASP A 267 -3.04 -6.60 -53.58
CA ASP A 267 -2.44 -6.97 -54.88
C ASP A 267 -1.70 -5.76 -55.49
N GLU A 268 -2.31 -4.58 -55.40
CA GLU A 268 -1.68 -3.34 -55.84
C GLU A 268 -0.33 -3.15 -55.15
N ASP A 269 -0.36 -3.20 -53.82
CA ASP A 269 0.85 -3.10 -52.99
C ASP A 269 1.92 -4.13 -53.42
N ASN A 270 1.52 -5.39 -53.53
CA ASN A 270 2.46 -6.41 -54.04
C ASN A 270 3.01 -6.06 -55.43
N ASN A 271 2.14 -5.56 -56.32
CA ASN A 271 2.64 -5.07 -57.58
C ASN A 271 3.64 -3.91 -57.50
N LYS A 272 3.43 -2.96 -56.60
CA LYS A 272 4.37 -1.86 -56.35
C LYS A 272 5.71 -2.43 -55.90
N ARG A 273 5.68 -3.44 -55.05
CA ARG A 273 6.93 -4.18 -54.78
C ARG A 273 7.56 -4.84 -56.01
N LYS A 274 6.73 -5.45 -56.84
CA LYS A 274 7.27 -6.05 -58.05
C LYS A 274 7.97 -5.01 -58.90
N ASN A 275 7.50 -3.77 -58.90
CA ASN A 275 8.10 -2.70 -59.69
C ASN A 275 9.48 -2.30 -59.18
N ILE A 276 9.60 -2.12 -57.88
CA ILE A 276 10.88 -1.78 -57.26
C ILE A 276 11.89 -2.93 -57.42
N ALA A 277 11.46 -4.17 -57.20
CA ALA A 277 12.35 -5.30 -57.39
C ALA A 277 12.85 -5.37 -58.84
N ASN A 278 11.95 -5.26 -59.79
CA ASN A 278 12.38 -5.16 -61.16
C ASN A 278 13.38 -4.02 -61.42
N PHE A 279 13.15 -2.84 -60.89
CA PHE A 279 14.13 -1.77 -60.96
C PHE A 279 15.48 -2.21 -60.40
N TYR A 280 15.49 -2.75 -59.18
CA TYR A 280 16.74 -3.31 -58.64
C TYR A 280 17.41 -4.30 -59.59
N LEU A 281 16.63 -5.27 -60.07
CA LEU A 281 17.12 -6.34 -60.92
C LEU A 281 17.68 -5.83 -62.24
N GLN A 282 17.10 -4.76 -62.76
CA GLN A 282 17.49 -4.18 -64.05
C GLN A 282 18.62 -3.16 -63.99
N ASN A 283 18.90 -2.70 -62.78
CA ASN A 283 19.85 -1.59 -62.60
C ASN A 283 21.03 -1.88 -61.70
N ILE A 284 20.94 -2.83 -60.76
CA ILE A 284 22.10 -3.14 -59.94
C ILE A 284 23.02 -4.10 -60.70
N LYS A 285 24.24 -3.62 -60.92
CA LYS A 285 25.24 -4.35 -61.66
C LYS A 285 26.56 -4.22 -60.93
N ASN A 286 26.78 -5.20 -60.06
CA ASN A 286 27.95 -5.21 -59.21
C ASN A 286 28.38 -6.65 -59.07
N GLU A 287 29.60 -6.94 -59.50
CA GLU A 287 30.12 -8.32 -59.43
C GLU A 287 30.12 -8.93 -58.05
N ASN A 288 30.18 -8.10 -57.01
CA ASN A 288 30.19 -8.57 -55.61
C ASN A 288 28.82 -8.95 -55.10
N ILE A 289 27.77 -8.75 -55.90
CA ILE A 289 26.42 -8.98 -55.39
C ILE A 289 25.70 -10.00 -56.25
N ILE A 290 25.13 -11.03 -55.62
CA ILE A 290 24.24 -11.96 -56.30
C ILE A 290 22.80 -11.53 -56.04
N LEU A 291 22.13 -11.22 -57.12
CA LEU A 291 20.74 -10.79 -57.06
C LEU A 291 19.76 -11.95 -56.92
N PRO A 292 18.61 -11.69 -56.31
CA PRO A 292 17.54 -12.67 -56.16
C PRO A 292 16.81 -12.94 -57.50
N SER A 293 16.42 -14.18 -57.77
CA SER A 293 15.61 -14.46 -58.96
C SER A 293 14.16 -14.67 -58.55
N ASN A 294 13.25 -14.61 -59.52
CA ASN A 294 11.85 -14.94 -59.24
C ASN A 294 11.31 -16.06 -60.13
N LYS A 295 11.71 -17.30 -59.83
CA LYS A 295 11.33 -18.40 -60.67
C LYS A 295 9.83 -18.62 -60.76
N PHE A 296 9.18 -18.64 -59.61
CA PHE A 296 7.73 -18.54 -59.49
C PHE A 296 7.34 -17.19 -58.89
N ASP A 297 6.03 -16.96 -58.78
CA ASP A 297 5.48 -15.69 -58.32
C ASP A 297 6.13 -15.25 -57.00
N HIS A 298 6.56 -13.99 -56.97
CA HIS A 298 7.31 -13.45 -55.87
C HIS A 298 6.66 -12.11 -55.53
N VAL A 299 6.17 -11.96 -54.32
CA VAL A 299 5.55 -10.72 -53.88
C VAL A 299 6.57 -9.85 -53.13
N TRP A 300 7.81 -10.32 -53.06
CA TRP A 300 8.87 -9.48 -52.62
C TRP A 300 8.62 -8.79 -51.28
N HIS A 301 8.29 -9.58 -50.28
CA HIS A 301 8.36 -9.14 -48.89
C HIS A 301 9.74 -8.60 -48.52
N LEU A 302 10.76 -9.34 -48.95
CA LEU A 302 12.16 -9.04 -48.64
C LEU A 302 12.92 -9.21 -49.94
N PHE A 303 13.81 -8.26 -50.22
CA PHE A 303 14.63 -8.23 -51.42
C PHE A 303 16.05 -8.51 -50.95
N VAL A 304 16.44 -9.75 -51.20
CA VAL A 304 17.59 -10.37 -50.57
C VAL A 304 18.72 -10.61 -51.56
N VAL A 305 19.87 -9.99 -51.23
CA VAL A 305 21.04 -10.07 -52.07
C VAL A 305 22.07 -10.88 -51.29
N LYS A 306 23.11 -11.30 -51.98
CA LYS A 306 24.03 -12.28 -51.39
CA LYS A 306 24.03 -12.25 -51.39
C LYS A 306 25.47 -11.94 -51.79
N THR A 307 26.33 -11.73 -50.79
CA THR A 307 27.71 -11.27 -51.04
C THR A 307 28.64 -11.84 -49.99
N LYS A 308 29.90 -12.09 -50.38
CA LYS A 308 30.91 -12.64 -49.48
C LYS A 308 31.34 -11.57 -48.48
N LEU A 309 31.00 -10.32 -48.76
CA LEU A 309 31.34 -9.16 -47.91
C LEU A 309 30.05 -8.50 -47.35
N ARG A 310 29.25 -9.32 -46.69
CA ARG A 310 27.91 -8.87 -46.25
CA ARG A 310 27.92 -8.91 -46.22
C ARG A 310 27.99 -7.77 -45.20
N ASP A 311 28.76 -8.01 -44.13
CA ASP A 311 28.75 -7.07 -43.01
C ASP A 311 29.35 -5.76 -43.50
N GLU A 312 30.35 -5.86 -44.38
CA GLU A 312 30.97 -4.69 -45.03
C GLU A 312 29.95 -3.89 -45.86
N LEU A 313 29.16 -4.61 -46.65
CA LEU A 313 28.07 -3.97 -47.40
C LEU A 313 27.09 -3.26 -46.46
N GLN A 314 26.77 -3.89 -45.33
CA GLN A 314 25.77 -3.31 -44.45
C GLN A 314 26.30 -1.97 -43.88
N HIS A 315 27.55 -1.97 -43.44
CA HIS A 315 28.23 -0.81 -42.89
C HIS A 315 28.28 0.29 -43.94
N TYR A 316 28.63 -0.07 -45.18
CA TYR A 316 28.81 0.88 -46.30
C TYR A 316 27.51 1.61 -46.55
N LEU A 317 26.48 0.79 -46.72
CA LEU A 317 25.12 1.32 -46.91
C LEU A 317 24.69 2.24 -45.77
N ASN A 318 24.97 1.84 -44.54
CA ASN A 318 24.65 2.70 -43.39
C ASN A 318 25.38 4.04 -43.43
N ASN A 319 26.65 4.00 -43.84
CA ASN A 319 27.44 5.23 -44.05
C ASN A 319 26.77 6.15 -45.06
N HIS A 320 26.08 5.58 -46.05
CA HIS A 320 25.33 6.35 -47.03
C HIS A 320 23.87 6.53 -46.64
N ASP A 321 23.55 6.39 -45.36
CA ASP A 321 22.22 6.68 -44.84
C ASP A 321 21.12 5.78 -45.35
N ILE A 322 21.49 4.53 -45.58
CA ILE A 322 20.55 3.50 -46.05
C ILE A 322 20.53 2.39 -44.99
N GLN A 323 19.40 2.20 -44.31
CA GLN A 323 19.31 1.16 -43.27
C GLN A 323 19.02 -0.19 -43.94
N THR A 324 19.76 -1.23 -43.61
CA THR A 324 19.47 -2.57 -44.11
C THR A 324 19.46 -3.54 -42.93
N ILE A 325 18.70 -4.63 -43.06
CA ILE A 325 18.56 -5.63 -41.98
C ILE A 325 18.82 -7.02 -42.57
N ILE A 326 19.40 -7.92 -41.78
CA ILE A 326 19.78 -9.25 -42.30
C ILE A 326 18.63 -10.22 -41.97
N HIS A 327 18.22 -10.96 -43.00
CA HIS A 327 17.21 -11.99 -42.86
C HIS A 327 17.82 -13.20 -43.50
N TYR A 328 18.63 -14.00 -42.80
CA TYR A 328 18.93 -13.91 -41.36
C TYR A 328 20.38 -14.33 -41.12
N PRO A 329 20.98 -13.92 -39.99
CA PRO A 329 22.43 -14.16 -39.90
C PRO A 329 22.81 -15.43 -39.11
N ILE A 330 21.89 -15.93 -38.27
CA ILE A 330 22.12 -17.19 -37.56
C ILE A 330 20.96 -18.13 -37.83
N PRO A 331 21.24 -19.32 -38.39
CA PRO A 331 20.12 -20.17 -38.79
C PRO A 331 19.54 -20.90 -37.56
N PRO A 332 18.29 -21.38 -37.62
CA PRO A 332 17.69 -22.02 -36.45
C PRO A 332 18.51 -23.09 -35.73
N HIS A 333 19.10 -23.97 -36.54
CA HIS A 333 19.99 -25.03 -35.97
C HIS A 333 21.23 -24.55 -35.17
N LYS A 334 21.65 -23.32 -35.41
CA LYS A 334 22.80 -22.70 -34.76
C LYS A 334 22.42 -21.86 -33.52
N GLN A 335 21.13 -21.79 -33.17
CA GLN A 335 20.69 -20.93 -32.09
C GLN A 335 20.90 -21.60 -30.74
N LYS A 336 21.07 -20.78 -29.71
CA LYS A 336 21.35 -21.30 -28.37
C LYS A 336 20.19 -22.09 -27.83
N CYS A 337 18.99 -21.73 -28.23
CA CYS A 337 17.81 -22.41 -27.80
C CYS A 337 17.71 -23.80 -28.41
N TYR A 338 18.47 -24.07 -29.48
CA TYR A 338 18.40 -25.38 -30.10
C TYR A 338 19.78 -26.05 -30.08
N LYS A 339 20.39 -26.07 -28.91
CA LYS A 339 21.72 -26.63 -28.72
C LYS A 339 21.86 -28.01 -29.31
N ASP A 340 20.82 -28.83 -29.18
CA ASP A 340 20.88 -30.19 -29.66
C ASP A 340 20.86 -30.31 -31.19
N LEU A 341 20.68 -29.19 -31.90
CA LEU A 341 20.72 -29.15 -33.36
C LEU A 341 22.02 -28.55 -33.87
N ASN A 342 22.84 -27.96 -32.98
CA ASN A 342 24.04 -27.21 -33.37
C ASN A 342 25.04 -28.02 -34.23
N HIS A 343 25.09 -29.33 -34.01
CA HIS A 343 26.03 -30.20 -34.74
C HIS A 343 25.61 -30.49 -36.19
N LEU A 344 24.33 -30.28 -36.54
CA LEU A 344 23.87 -30.61 -37.90
C LEU A 344 24.64 -29.83 -38.94
N LYS A 345 25.09 -30.51 -39.98
CA LYS A 345 25.81 -29.92 -41.10
C LYS A 345 24.89 -29.53 -42.25
N LEU A 346 24.64 -28.24 -42.39
CA LEU A 346 23.71 -27.75 -43.39
C LEU A 346 24.39 -26.61 -44.15
N PRO A 347 25.38 -26.95 -44.98
CA PRO A 347 26.22 -25.85 -45.46
C PRO A 347 25.60 -24.83 -46.39
N ILE A 348 24.56 -25.23 -47.13
CA ILE A 348 23.85 -24.29 -47.99
C ILE A 348 23.18 -23.23 -47.12
N THR A 349 22.37 -23.66 -46.16
CA THR A 349 21.78 -22.78 -45.16
C THR A 349 22.81 -21.92 -44.44
N GLU A 350 23.88 -22.55 -43.97
CA GLU A 350 24.90 -21.83 -43.23
C GLU A 350 25.57 -20.77 -44.12
N ASN A 351 25.86 -21.10 -45.37
CA ASN A 351 26.41 -20.08 -46.28
C ASN A 351 25.45 -18.92 -46.54
N ILE A 352 24.18 -19.22 -46.68
CA ILE A 352 23.19 -18.17 -47.01
C ILE A 352 23.24 -17.19 -45.85
N HIS A 353 23.25 -17.76 -44.64
CA HIS A 353 23.11 -16.95 -43.43
C HIS A 353 24.33 -16.06 -43.24
N GLN A 354 25.46 -16.50 -43.76
CA GLN A 354 26.67 -15.73 -43.70
C GLN A 354 26.71 -14.62 -44.73
N GLU A 355 25.87 -14.73 -45.75
CA GLU A 355 26.01 -13.91 -46.96
C GLU A 355 24.86 -12.96 -47.35
N VAL A 356 23.68 -13.13 -46.76
CA VAL A 356 22.54 -12.34 -47.19
C VAL A 356 22.36 -11.04 -46.41
N LEU A 357 21.65 -10.13 -47.08
CA LEU A 357 21.32 -8.79 -46.62
C LEU A 357 20.13 -8.35 -47.44
N SER A 358 19.21 -7.64 -46.77
CA SER A 358 17.91 -7.27 -47.30
C SER A 358 17.99 -5.78 -47.65
N LEU A 359 17.63 -5.43 -48.89
CA LEU A 359 17.47 -4.05 -49.31
C LEU A 359 16.10 -3.46 -49.03
N PRO A 360 16.06 -2.12 -48.75
CA PRO A 360 14.76 -1.56 -48.46
C PRO A 360 13.83 -1.79 -49.65
N ILE A 361 12.62 -2.21 -49.33
CA ILE A 361 11.50 -2.30 -50.28
C ILE A 361 10.17 -2.16 -49.52
N SER A 362 9.25 -1.44 -50.13
CA SER A 362 7.89 -1.33 -49.63
C SER A 362 6.95 -0.82 -50.72
N PRO A 363 5.64 -0.98 -50.53
CA PRO A 363 4.81 -0.53 -51.66
C PRO A 363 4.91 0.99 -51.90
N THR A 364 5.15 1.75 -50.83
CA THR A 364 5.13 3.21 -50.90
C THR A 364 6.50 3.83 -51.15
N MET A 365 7.51 2.99 -51.26
CA MET A 365 8.87 3.49 -51.32
C MET A 365 9.03 4.46 -52.48
N LYS A 366 9.59 5.63 -52.20
CA LYS A 366 9.83 6.64 -53.22
C LYS A 366 10.83 6.27 -54.30
N GLU A 367 10.54 6.64 -55.56
CA GLU A 367 11.51 6.53 -56.65
C GLU A 367 12.89 7.07 -56.30
N ASN A 368 12.96 8.27 -55.74
CA ASN A 368 14.27 8.83 -55.44
C ASN A 368 15.04 7.92 -54.50
N ASP A 369 14.34 7.26 -53.59
CA ASP A 369 15.01 6.37 -52.66
C ASP A 369 15.50 5.05 -53.29
N PHE A 370 14.67 4.38 -54.09
CA PHE A 370 15.14 3.17 -54.75
C PHE A 370 16.22 3.40 -55.79
N LYS A 371 16.13 4.51 -56.54
CA LYS A 371 17.27 4.95 -57.37
C LYS A 371 18.59 5.15 -56.61
N LYS A 372 18.50 5.78 -55.43
CA LYS A 372 19.67 5.93 -54.58
C LYS A 372 20.23 4.57 -54.12
N VAL A 373 19.39 3.63 -53.67
CA VAL A 373 19.93 2.33 -53.30
C VAL A 373 20.71 1.72 -54.46
N ALA A 374 20.15 1.76 -55.67
CA ALA A 374 20.79 1.03 -56.77
C ALA A 374 22.08 1.75 -57.10
N ASP A 375 22.05 3.08 -57.05
CA ASP A 375 23.20 3.88 -57.50
C ASP A 375 24.38 3.63 -56.53
N ILE A 376 24.08 3.65 -55.23
CA ILE A 376 25.09 3.40 -54.17
C ILE A 376 25.64 1.97 -54.24
N LEU A 377 24.78 0.98 -54.51
CA LEU A 377 25.28 -0.38 -54.69
C LEU A 377 26.24 -0.50 -55.87
N ASN A 378 25.92 0.21 -56.95
CA ASN A 378 26.77 0.17 -58.15
C ASN A 378 28.12 0.86 -57.93
N LYS A 379 28.12 1.87 -57.06
CA LYS A 379 29.37 2.54 -56.63
C LYS A 379 30.25 1.77 -55.62
N TRP A 380 29.74 0.66 -55.08
CA TRP A 380 30.46 -0.12 -54.07
C TRP A 380 31.58 -0.95 -54.72
N LYS A 381 32.82 -0.68 -54.37
CA LYS A 381 33.95 -1.11 -55.20
C LYS A 381 35.01 -1.81 -54.38
N VAL A 382 34.78 -3.07 -54.01
CA VAL A 382 35.61 -3.63 -52.97
C VAL A 382 36.71 -4.50 -53.53
N HIS B 22 -33.30 -3.74 -22.08
CA HIS B 22 -32.68 -4.93 -21.42
C HIS B 22 -31.48 -4.46 -20.60
N MET B 23 -31.40 -4.94 -19.37
CA MET B 23 -30.25 -4.64 -18.53
C MET B 23 -29.14 -5.64 -18.80
N PHE B 24 -28.09 -5.24 -19.50
CA PHE B 24 -27.10 -6.23 -19.91
C PHE B 24 -26.12 -6.49 -18.76
N PHE B 25 -25.50 -7.67 -18.77
CA PHE B 25 -24.62 -8.04 -17.67
C PHE B 25 -23.41 -7.11 -17.53
N LEU B 26 -22.81 -6.77 -18.67
CA LEU B 26 -21.73 -5.79 -18.67
C LEU B 26 -21.70 -4.90 -19.92
N ASN B 27 -21.94 -3.61 -19.69
CA ASN B 27 -22.09 -2.56 -20.68
C ASN B 27 -20.76 -1.85 -20.86
N LEU B 28 -19.93 -2.38 -21.76
CA LEU B 28 -18.58 -1.85 -21.93
C LEU B 28 -18.62 -0.47 -22.59
N LYS B 29 -19.69 -0.19 -23.34
CA LYS B 29 -19.88 1.14 -23.91
C LYS B 29 -19.98 2.22 -22.84
N GLN B 30 -20.77 1.97 -21.81
CA GLN B 30 -20.84 2.87 -20.65
C GLN B 30 -19.47 2.99 -19.94
N ILE B 31 -18.76 1.87 -19.75
CA ILE B 31 -17.46 1.92 -19.07
C ILE B 31 -16.53 2.82 -19.85
N ASN B 32 -16.52 2.63 -21.19
CA ASN B 32 -15.44 3.16 -22.00
C ASN B 32 -15.71 4.55 -22.55
N ASP B 33 -16.98 4.93 -22.63
CA ASP B 33 -17.35 6.17 -23.32
C ASP B 33 -16.73 7.38 -22.62
N ARG B 34 -16.53 7.29 -21.31
CA ARG B 34 -15.81 8.32 -20.54
C ARG B 34 -14.45 8.72 -21.13
N PHE B 35 -13.81 7.78 -21.81
CA PHE B 35 -12.42 7.94 -22.23
C PHE B 35 -12.29 8.15 -23.75
N ASN B 36 -13.40 8.15 -24.47
CA ASN B 36 -13.36 8.16 -25.94
C ASN B 36 -12.43 9.22 -26.54
N THR B 37 -12.55 10.48 -26.10
CA THR B 37 -11.63 11.49 -26.58
C THR B 37 -10.18 11.14 -26.34
N GLU B 38 -9.84 10.69 -25.13
CA GLU B 38 -8.45 10.34 -24.84
C GLU B 38 -8.00 9.12 -25.68
N PHE B 39 -8.83 8.08 -25.78
CA PHE B 39 -8.46 6.97 -26.66
C PHE B 39 -8.10 7.44 -28.07
N ILE B 40 -8.94 8.28 -28.64
CA ILE B 40 -8.76 8.77 -30.00
C ILE B 40 -7.45 9.59 -30.10
N THR B 41 -7.22 10.51 -29.17
CA THR B 41 -5.94 11.19 -29.07
C THR B 41 -4.73 10.26 -29.05
N LYS B 42 -4.74 9.27 -28.18
CA LYS B 42 -3.63 8.33 -28.12
C LYS B 42 -3.43 7.52 -29.42
N PHE B 43 -4.52 7.07 -30.01
CA PHE B 43 -4.46 6.32 -31.26
C PHE B 43 -3.73 7.14 -32.33
N LYS B 44 -4.14 8.39 -32.52
CA LYS B 44 -3.45 9.26 -33.47
C LYS B 44 -1.99 9.44 -33.15
N GLU B 45 -1.66 9.56 -31.86
CA GLU B 45 -0.29 9.72 -31.44
C GLU B 45 0.52 8.51 -31.88
N ILE B 46 -0.09 7.34 -31.79
CA ILE B 46 0.61 6.10 -32.20
C ILE B 46 0.74 6.01 -33.72
N LEU B 47 -0.29 6.45 -34.43
CA LEU B 47 -0.19 6.56 -35.88
C LEU B 47 0.97 7.49 -36.19
N GLU B 48 1.05 8.61 -35.47
CA GLU B 48 2.17 9.57 -35.67
C GLU B 48 3.51 8.87 -35.46
N SER B 49 3.54 7.94 -34.51
CA SER B 49 4.78 7.27 -34.12
C SER B 49 5.23 6.32 -35.20
N GLY B 50 4.31 5.70 -35.94
CA GLY B 50 4.54 4.51 -36.75
C GLY B 50 5.22 3.33 -36.03
N TRP B 51 4.89 3.16 -34.78
CA TRP B 51 5.55 2.19 -33.88
C TRP B 51 4.44 1.54 -33.07
N TYR B 52 4.15 0.27 -33.37
CA TYR B 52 2.93 -0.43 -32.91
C TYR B 52 3.17 -1.57 -31.92
N ILE B 53 4.41 -2.02 -31.85
CA ILE B 53 4.77 -3.18 -31.01
C ILE B 53 6.00 -2.83 -30.16
N LEU B 54 5.97 -3.22 -28.88
CA LEU B 54 7.11 -3.08 -27.98
C LEU B 54 7.73 -1.68 -28.05
N GLY B 55 6.88 -0.69 -27.83
CA GLY B 55 7.32 0.71 -27.80
C GLY B 55 7.15 1.48 -26.51
N LYS B 56 6.92 2.78 -26.68
CA LYS B 56 6.91 3.71 -25.54
C LYS B 56 5.62 3.63 -24.73
N GLN B 57 4.52 3.30 -25.38
CA GLN B 57 3.24 3.15 -24.67
C GLN B 57 3.26 1.94 -23.75
N CYS B 58 3.77 0.81 -24.26
CA CYS B 58 4.04 -0.34 -23.43
CA CYS B 58 4.09 -0.34 -23.44
C CYS B 58 4.97 0.00 -22.26
N GLU B 59 6.09 0.65 -22.55
CA GLU B 59 6.99 0.96 -21.46
C GLU B 59 6.32 1.83 -20.36
N LYS B 60 5.59 2.85 -20.78
CA LYS B 60 4.89 3.74 -19.87
C LYS B 60 3.86 3.01 -19.05
N PHE B 61 2.97 2.30 -19.75
CA PHE B 61 1.97 1.51 -19.03
C PHE B 61 2.62 0.53 -18.04
N GLU B 62 3.69 -0.11 -18.46
CA GLU B 62 4.31 -1.16 -17.65
C GLU B 62 4.80 -0.53 -16.38
N ASN B 63 5.55 0.55 -16.56
CA ASN B 63 6.06 1.33 -15.45
C ASN B 63 4.98 1.73 -14.41
N ASN B 64 3.85 2.22 -14.91
CA ASN B 64 2.74 2.70 -14.09
C ASN B 64 2.00 1.55 -13.38
N PHE B 65 1.72 0.46 -14.09
CA PHE B 65 1.17 -0.74 -13.48
C PHE B 65 2.12 -1.38 -12.47
N ALA B 66 3.42 -1.47 -12.72
CA ALA B 66 4.35 -1.87 -11.65
C ALA B 66 4.20 -1.03 -10.34
N LYS B 67 4.23 0.28 -10.49
CA LYS B 67 3.98 1.24 -9.41
C LYS B 67 2.67 0.97 -8.68
N TYR B 68 1.61 0.69 -9.44
CA TYR B 68 0.27 0.54 -8.93
C TYR B 68 0.25 -0.69 -8.02
N CYS B 69 0.97 -1.72 -8.44
CA CYS B 69 0.99 -3.01 -7.74
C CYS B 69 2.06 -2.98 -6.64
N GLY B 70 2.95 -1.99 -6.70
CA GLY B 70 4.12 -1.98 -5.83
C GLY B 70 5.18 -3.01 -6.10
N VAL B 71 5.34 -3.38 -7.37
CA VAL B 71 6.41 -4.32 -7.74
C VAL B 71 7.47 -3.61 -8.58
N LYS B 72 8.64 -4.22 -8.64
CA LYS B 72 9.72 -3.77 -9.50
C LYS B 72 9.44 -3.80 -10.98
N HIS B 73 8.85 -4.90 -11.43
CA HIS B 73 8.75 -5.23 -12.86
C HIS B 73 7.34 -5.55 -13.32
N CYS B 74 6.97 -4.97 -14.45
CA CYS B 74 5.77 -5.36 -15.21
C CYS B 74 6.13 -5.59 -16.67
N ILE B 75 5.71 -6.76 -17.17
CA ILE B 75 5.93 -7.20 -18.54
C ILE B 75 4.55 -7.28 -19.20
N GLY B 76 4.25 -6.42 -20.17
CA GLY B 76 2.99 -6.64 -20.86
C GLY B 76 3.10 -7.82 -21.81
N VAL B 77 2.03 -8.62 -21.87
CA VAL B 77 1.98 -9.78 -22.76
C VAL B 77 0.61 -9.83 -23.42
N ALA B 78 0.32 -10.86 -24.20
CA ALA B 78 -0.84 -10.82 -25.12
C ALA B 78 -2.23 -11.01 -24.44
N ASN B 79 -2.26 -11.79 -23.37
CA ASN B 79 -3.47 -12.12 -22.62
C ASN B 79 -3.11 -12.77 -21.25
N GLY B 80 -4.09 -12.96 -20.38
CA GLY B 80 -3.82 -13.42 -19.02
C GLY B 80 -3.52 -14.90 -18.95
N LEU B 81 -4.00 -15.67 -19.92
CA LEU B 81 -3.66 -17.10 -20.00
C LEU B 81 -2.19 -17.24 -20.44
N ASP B 82 -1.79 -16.47 -21.44
CA ASP B 82 -0.37 -16.43 -21.79
C ASP B 82 0.48 -16.01 -20.58
N ALA B 83 0.00 -15.01 -19.84
CA ALA B 83 0.71 -14.52 -18.66
C ALA B 83 1.02 -15.66 -17.67
N LEU B 84 0.01 -16.44 -17.29
CA LEU B 84 0.25 -17.64 -16.46
C LEU B 84 1.13 -18.72 -17.12
N ARG B 85 0.89 -18.97 -18.42
CA ARG B 85 1.59 -20.07 -19.07
C ARG B 85 3.06 -19.68 -19.10
N LEU B 86 3.35 -18.41 -19.37
CA LEU B 86 4.73 -17.93 -19.37
C LEU B 86 5.43 -18.04 -18.03
N ILE B 87 4.71 -17.69 -16.98
CA ILE B 87 5.28 -17.76 -15.65
C ILE B 87 5.72 -19.19 -15.37
N ILE B 88 4.86 -20.16 -15.64
CA ILE B 88 5.24 -21.54 -15.36
C ILE B 88 6.40 -22.00 -16.25
N LYS B 89 6.32 -21.63 -17.52
CA LYS B 89 7.40 -21.93 -18.48
C LYS B 89 8.74 -21.44 -18.01
N ALA B 90 8.77 -20.21 -17.49
CA ALA B 90 9.99 -19.60 -17.07
C ALA B 90 10.66 -20.30 -15.89
N TYR B 91 9.85 -20.95 -15.07
CA TYR B 91 10.38 -21.77 -13.94
C TYR B 91 11.05 -23.08 -14.37
N ASP B 92 10.71 -23.58 -15.56
CA ASP B 92 11.41 -24.74 -16.19
C ASP B 92 11.31 -25.96 -15.31
N PHE B 93 10.11 -26.14 -14.79
CA PHE B 93 9.75 -27.32 -14.01
C PHE B 93 9.85 -28.60 -14.83
N LYS B 94 10.14 -29.73 -14.18
CA LYS B 94 10.14 -31.05 -14.88
C LYS B 94 8.72 -31.53 -15.23
N GLU B 95 8.62 -32.40 -16.24
CA GLU B 95 7.37 -33.02 -16.62
C GLU B 95 6.72 -33.73 -15.43
N ASN B 96 5.41 -33.55 -15.27
CA ASN B 96 4.62 -34.02 -14.12
C ASN B 96 4.98 -33.47 -12.73
N ASP B 97 5.81 -32.44 -12.68
CA ASP B 97 5.87 -31.60 -11.50
C ASP B 97 4.46 -31.13 -11.13
N GLU B 98 4.15 -31.04 -9.83
CA GLU B 98 2.79 -30.74 -9.35
C GLU B 98 2.66 -29.24 -9.01
N ILE B 99 1.50 -28.68 -9.36
CA ILE B 99 1.11 -27.32 -8.94
C ILE B 99 -0.24 -27.37 -8.29
N ILE B 100 -0.28 -26.95 -7.02
CA ILE B 100 -1.52 -26.95 -6.25
C ILE B 100 -2.34 -25.76 -6.74
N VAL B 101 -3.66 -25.91 -6.85
CA VAL B 101 -4.48 -24.86 -7.49
C VAL B 101 -5.93 -25.01 -6.96
N PRO B 102 -6.66 -23.91 -6.72
CA PRO B 102 -8.05 -24.15 -6.35
C PRO B 102 -8.80 -24.92 -7.44
N ALA B 103 -9.71 -25.77 -6.99
CA ALA B 103 -10.49 -26.59 -7.89
C ALA B 103 -11.66 -25.84 -8.56
N ASN B 104 -12.07 -24.68 -7.99
CA ASN B 104 -13.22 -23.96 -8.50
C ASN B 104 -12.88 -22.68 -9.32
N THR B 105 -11.64 -22.52 -9.77
CA THR B 105 -11.27 -21.33 -10.53
C THR B 105 -11.75 -21.50 -11.97
N TYR B 106 -11.68 -20.38 -12.71
CA TYR B 106 -11.79 -20.45 -14.18
C TYR B 106 -10.76 -21.37 -14.80
N ILE B 107 -11.17 -22.02 -15.89
CA ILE B 107 -10.36 -23.08 -16.51
C ILE B 107 -9.00 -22.56 -16.97
N ALA B 108 -8.90 -21.29 -17.34
CA ALA B 108 -7.60 -20.75 -17.77
C ALA B 108 -6.51 -21.04 -16.74
N SER B 109 -6.85 -21.02 -15.46
CA SER B 109 -5.86 -21.24 -14.42
C SER B 109 -5.23 -22.64 -14.56
N ILE B 110 -6.08 -23.62 -14.86
CA ILE B 110 -5.65 -25.01 -15.05
C ILE B 110 -4.97 -25.23 -16.40
N LEU B 111 -5.51 -24.63 -17.45
CA LEU B 111 -4.86 -24.66 -18.76
C LEU B 111 -3.38 -24.26 -18.73
N ALA B 112 -3.05 -23.18 -18.04
CA ALA B 112 -1.66 -22.80 -17.87
C ALA B 112 -0.74 -23.88 -17.30
N ILE B 113 -1.28 -24.69 -16.40
CA ILE B 113 -0.56 -25.80 -15.76
C ILE B 113 -0.34 -26.96 -16.71
N THR B 114 -1.42 -27.51 -17.27
CA THR B 114 -1.29 -28.69 -18.12
C THR B 114 -0.52 -28.37 -19.44
N ASP B 115 -0.73 -27.21 -20.05
CA ASP B 115 0.06 -26.82 -21.24
C ASP B 115 1.54 -27.00 -21.06
N ASN B 116 1.98 -26.60 -19.87
CA ASN B 116 3.36 -26.75 -19.44
C ASN B 116 3.71 -28.18 -18.95
N LYS B 117 2.80 -29.12 -19.16
CA LYS B 117 2.97 -30.55 -18.82
C LYS B 117 3.16 -30.80 -17.33
N CYS B 118 2.71 -29.86 -16.52
CA CYS B 118 2.65 -30.09 -15.07
C CYS B 118 1.30 -30.68 -14.71
N LYS B 119 1.24 -31.36 -13.54
CA LYS B 119 0.02 -31.98 -13.03
C LYS B 119 -0.69 -31.02 -12.05
N PRO B 120 -1.97 -30.65 -12.32
CA PRO B 120 -2.66 -29.80 -11.35
C PRO B 120 -3.17 -30.65 -10.19
N ILE B 121 -3.05 -30.10 -8.98
CA ILE B 121 -3.49 -30.76 -7.75
C ILE B 121 -4.57 -29.86 -7.15
N LEU B 122 -5.80 -30.33 -7.31
CA LEU B 122 -7.00 -29.49 -7.20
C LEU B 122 -7.41 -29.52 -5.72
N ILE B 123 -7.50 -28.34 -5.12
CA ILE B 123 -7.85 -28.16 -3.70
C ILE B 123 -9.22 -27.47 -3.56
N GLU B 124 -10.05 -27.97 -2.65
CA GLU B 124 -11.39 -27.37 -2.43
C GLU B 124 -11.34 -25.90 -1.95
N PRO B 125 -12.31 -25.06 -2.37
CA PRO B 125 -12.32 -23.76 -1.67
C PRO B 125 -13.02 -23.81 -0.34
N ASP B 126 -12.91 -22.71 0.39
CA ASP B 126 -13.78 -22.38 1.50
C ASP B 126 -15.10 -21.95 0.94
N ILE B 127 -16.18 -22.55 1.45
CA ILE B 127 -17.54 -22.28 1.02
C ILE B 127 -17.94 -20.83 1.27
N ASN B 128 -17.22 -20.18 2.18
CA ASN B 128 -17.56 -18.81 2.58
C ASN B 128 -16.71 -17.72 1.95
N THR B 129 -15.73 -18.09 1.16
CA THR B 129 -14.97 -17.13 0.37
C THR B 129 -14.94 -17.43 -1.13
N TYR B 130 -15.13 -18.71 -1.48
CA TYR B 130 -14.96 -19.19 -2.84
C TYR B 130 -13.51 -19.18 -3.29
N ASN B 131 -12.57 -18.79 -2.43
CA ASN B 131 -11.16 -19.00 -2.71
C ASN B 131 -10.62 -20.28 -2.05
N ILE B 132 -9.47 -20.77 -2.53
CA ILE B 132 -8.75 -21.93 -2.00
C ILE B 132 -8.68 -21.93 -0.47
N ASN B 133 -9.05 -23.05 0.15
CA ASN B 133 -8.93 -23.16 1.61
C ASN B 133 -7.46 -23.45 1.94
N PRO B 134 -6.74 -22.49 2.57
CA PRO B 134 -5.33 -22.68 2.90
C PRO B 134 -5.06 -23.91 3.79
N ASP B 135 -6.01 -24.24 4.66
CA ASP B 135 -5.89 -25.36 5.59
C ASP B 135 -5.94 -26.73 4.93
N LEU B 136 -6.32 -26.76 3.65
CA LEU B 136 -6.43 -28.01 2.89
C LEU B 136 -5.24 -28.31 1.94
N ILE B 137 -4.24 -27.42 1.91
CA ILE B 137 -3.10 -27.50 0.96
C ILE B 137 -2.02 -28.46 1.44
N GLU B 138 -1.55 -28.31 2.67
CA GLU B 138 -0.37 -29.04 3.12
C GLU B 138 -0.49 -30.56 2.96
N GLU B 139 -1.63 -31.12 3.30
CA GLU B 139 -1.84 -32.55 3.14
C GLU B 139 -1.70 -33.06 1.71
N LYS B 140 -1.75 -32.17 0.74
CA LYS B 140 -1.58 -32.56 -0.65
C LYS B 140 -0.20 -32.31 -1.23
N ILE B 141 0.68 -31.70 -0.46
CA ILE B 141 2.04 -31.41 -0.89
C ILE B 141 2.78 -32.74 -0.95
N THR B 142 3.60 -32.92 -1.97
CA THR B 142 4.38 -34.16 -2.18
C THR B 142 5.78 -33.75 -2.59
N LYS B 143 6.66 -34.74 -2.79
CA LYS B 143 8.01 -34.48 -3.27
C LYS B 143 8.02 -33.80 -4.64
N LYS B 144 6.93 -33.95 -5.40
CA LYS B 144 6.81 -33.39 -6.76
C LYS B 144 6.24 -31.96 -6.82
N THR B 145 5.83 -31.41 -5.69
CA THR B 145 5.13 -30.15 -5.66
C THR B 145 6.16 -29.06 -5.89
N LYS B 146 5.89 -28.13 -6.82
CA LYS B 146 6.84 -27.06 -7.10
C LYS B 146 6.29 -25.65 -6.86
N ALA B 147 4.98 -25.52 -6.91
CA ALA B 147 4.26 -24.26 -6.81
C ALA B 147 2.86 -24.41 -6.23
N ILE B 148 2.37 -23.27 -5.75
CA ILE B 148 0.97 -23.02 -5.46
C ILE B 148 0.53 -21.82 -6.28
N MET B 149 -0.51 -22.03 -7.06
CA MET B 149 -1.18 -20.98 -7.79
C MET B 149 -2.42 -20.58 -7.01
N VAL B 150 -2.41 -19.36 -6.50
CA VAL B 150 -3.53 -18.83 -5.76
C VAL B 150 -4.28 -18.02 -6.78
N VAL B 151 -5.59 -18.06 -6.64
CA VAL B 151 -6.45 -17.27 -7.49
C VAL B 151 -7.28 -16.37 -6.60
N HIS B 152 -7.30 -15.10 -6.94
CA HIS B 152 -8.16 -14.19 -6.21
C HIS B 152 -9.53 -14.12 -6.86
N LEU B 153 -10.38 -15.09 -6.56
CA LEU B 153 -11.58 -15.27 -7.38
C LEU B 153 -12.67 -14.23 -7.17
N TYR B 154 -13.22 -13.77 -8.30
CA TYR B 154 -14.33 -12.82 -8.33
C TYR B 154 -13.94 -11.39 -7.94
N GLY B 155 -12.67 -11.23 -7.54
CA GLY B 155 -12.18 -9.96 -7.00
C GLY B 155 -11.74 -9.93 -5.54
N GLN B 156 -11.96 -11.02 -4.81
CA GLN B 156 -11.52 -11.14 -3.43
C GLN B 156 -10.13 -11.75 -3.32
N VAL B 157 -9.26 -11.06 -2.57
CA VAL B 157 -7.93 -11.54 -2.28
C VAL B 157 -8.01 -12.77 -1.37
N CYS B 158 -7.14 -13.74 -1.70
CA CYS B 158 -6.94 -14.97 -0.89
C CYS B 158 -6.32 -14.66 0.44
N ASP B 159 -6.66 -15.39 1.49
CA ASP B 159 -5.97 -15.23 2.78
C ASP B 159 -4.55 -15.75 2.68
N MET B 160 -3.60 -14.84 2.46
CA MET B 160 -2.32 -15.26 1.98
C MET B 160 -1.37 -15.78 3.06
N GLU B 161 -1.61 -15.46 4.34
CA GLU B 161 -0.57 -15.69 5.33
C GLU B 161 -0.14 -17.14 5.45
N LYS B 162 -1.07 -18.08 5.62
CA LYS B 162 -0.68 -19.48 5.75
C LYS B 162 -0.05 -20.01 4.47
N ILE B 163 -0.42 -19.42 3.33
CA ILE B 163 0.03 -19.88 2.01
C ILE B 163 1.49 -19.47 1.86
N GLN B 164 1.79 -18.23 2.21
CA GLN B 164 3.18 -17.79 2.18
C GLN B 164 4.06 -18.59 3.15
N LEU B 165 3.62 -18.77 4.38
CA LEU B 165 4.38 -19.65 5.27
C LEU B 165 4.60 -21.05 4.68
N LEU B 166 3.55 -21.65 4.13
CA LEU B 166 3.67 -22.97 3.52
C LEU B 166 4.69 -23.00 2.40
N ALA B 167 4.64 -22.03 1.51
CA ALA B 167 5.59 -22.01 0.40
C ALA B 167 6.99 -21.92 0.92
N ASN B 168 7.19 -21.13 1.96
CA ASN B 168 8.52 -21.02 2.51
C ASN B 168 8.93 -22.37 3.13
N LYS B 169 8.07 -22.91 4.00
CA LYS B 169 8.32 -24.23 4.55
C LYS B 169 8.71 -25.25 3.51
N TYR B 170 8.05 -25.27 2.35
CA TYR B 170 8.36 -26.32 1.37
C TYR B 170 9.16 -25.90 0.11
N ASN B 171 9.71 -24.69 0.13
CA ASN B 171 10.46 -24.16 -1.01
C ASN B 171 9.66 -24.21 -2.32
N LEU B 172 8.42 -23.76 -2.24
CA LEU B 172 7.55 -23.65 -3.39
C LEU B 172 7.47 -22.22 -3.87
N LYS B 173 7.17 -22.06 -5.14
CA LYS B 173 6.89 -20.75 -5.74
C LYS B 173 5.40 -20.52 -5.52
N ILE B 174 5.01 -19.26 -5.28
CA ILE B 174 3.62 -18.84 -5.26
C ILE B 174 3.40 -18.05 -6.55
N ILE B 175 2.44 -18.53 -7.35
CA ILE B 175 2.05 -17.87 -8.59
C ILE B 175 0.67 -17.28 -8.33
N GLU B 176 0.51 -15.97 -8.53
CA GLU B 176 -0.78 -15.34 -8.38
C GLU B 176 -1.51 -15.19 -9.72
N ASP B 177 -2.73 -15.69 -9.80
CA ASP B 177 -3.69 -15.46 -10.86
C ASP B 177 -4.56 -14.28 -10.40
N CYS B 178 -4.16 -13.12 -10.93
CA CYS B 178 -4.76 -11.82 -10.62
C CYS B 178 -5.81 -11.37 -11.63
N ALA B 179 -6.29 -12.25 -12.50
CA ALA B 179 -7.18 -11.86 -13.59
C ALA B 179 -8.44 -11.10 -13.17
N GLN B 180 -8.90 -11.39 -11.97
CA GLN B 180 -10.19 -10.89 -11.51
C GLN B 180 -10.12 -9.91 -10.35
N ALA B 181 -8.95 -9.48 -9.90
CA ALA B 181 -8.83 -8.82 -8.60
C ALA B 181 -7.92 -7.58 -8.64
N HIS B 182 -7.72 -7.02 -9.82
CA HIS B 182 -6.88 -5.81 -9.99
C HIS B 182 -7.05 -4.83 -8.82
N GLY B 183 -5.97 -4.52 -8.11
CA GLY B 183 -5.94 -3.53 -7.04
C GLY B 183 -6.41 -3.93 -5.64
N ALA B 184 -6.91 -5.15 -5.48
CA ALA B 184 -7.23 -5.67 -4.14
C ALA B 184 -6.00 -5.70 -3.24
N ILE B 185 -6.21 -5.65 -1.92
CA ILE B 185 -5.08 -5.41 -1.00
C ILE B 185 -5.26 -6.41 0.14
N TYR B 186 -4.17 -7.10 0.44
CA TYR B 186 -4.05 -7.98 1.58
C TYR B 186 -3.07 -7.36 2.53
N LYS B 187 -3.55 -6.99 3.71
CA LYS B 187 -2.75 -6.29 4.68
C LYS B 187 -2.05 -5.10 4.07
N ASP B 188 -0.73 -5.17 3.89
CA ASP B 188 0.04 -4.01 3.36
C ASP B 188 0.45 -4.06 1.90
N LYS B 189 -0.05 -5.02 1.15
CA LYS B 189 0.37 -5.24 -0.23
C LYS B 189 -0.81 -5.45 -1.19
N ARG B 190 -0.63 -5.03 -2.43
CA ARG B 190 -1.58 -5.24 -3.55
C ARG B 190 -1.48 -6.67 -4.06
N VAL B 191 -2.59 -7.31 -4.46
CA VAL B 191 -2.47 -8.44 -5.39
C VAL B 191 -1.49 -8.18 -6.55
N GLY B 192 -0.63 -9.15 -6.81
CA GLY B 192 0.42 -8.98 -7.80
C GLY B 192 1.77 -8.92 -7.10
N ASN B 193 1.73 -8.57 -5.82
CA ASN B 193 2.89 -8.41 -4.98
C ASN B 193 2.81 -9.35 -3.75
N LEU B 194 2.08 -10.46 -3.88
CA LEU B 194 1.77 -11.34 -2.75
C LEU B 194 2.42 -12.75 -2.87
N GLY B 195 3.09 -12.98 -3.99
CA GLY B 195 3.85 -14.22 -4.24
C GLY B 195 5.15 -13.98 -4.98
N ASP B 196 5.59 -14.94 -5.78
CA ASP B 196 6.86 -14.81 -6.50
C ASP B 196 6.62 -14.10 -7.83
N ALA B 197 5.50 -14.40 -8.48
CA ALA B 197 5.16 -13.82 -9.80
C ALA B 197 3.66 -13.85 -9.97
N ALA B 198 3.11 -12.89 -10.71
CA ALA B 198 1.68 -12.72 -10.81
C ALA B 198 1.29 -12.50 -12.26
N GLY B 199 0.15 -13.06 -12.66
CA GLY B 199 -0.32 -12.95 -14.03
C GLY B 199 -1.62 -12.16 -14.00
N PHE B 200 -1.77 -11.23 -14.94
CA PHE B 200 -2.97 -10.39 -15.03
C PHE B 200 -3.62 -10.48 -16.43
N SER B 201 -4.94 -10.61 -16.47
CA SER B 201 -5.73 -10.43 -17.71
C SER B 201 -6.23 -9.00 -17.74
N PHE B 202 -6.21 -8.37 -18.91
CA PHE B 202 -6.87 -7.06 -19.16
C PHE B 202 -7.85 -7.28 -20.31
N TYR B 203 -8.52 -8.41 -20.29
CA TYR B 203 -9.65 -8.69 -21.16
C TYR B 203 -10.70 -7.61 -20.98
N PRO B 204 -11.40 -7.21 -22.07
CA PRO B 204 -12.18 -6.00 -21.96
C PRO B 204 -13.13 -5.87 -20.73
N GLY B 205 -13.72 -6.94 -20.24
CA GLY B 205 -14.63 -6.77 -19.10
C GLY B 205 -14.01 -6.93 -17.72
N LYS B 206 -12.67 -6.93 -17.67
CA LYS B 206 -11.94 -6.91 -16.41
C LYS B 206 -12.06 -5.56 -15.74
N ASN B 207 -11.81 -5.54 -14.43
CA ASN B 207 -11.81 -4.26 -13.74
C ASN B 207 -10.86 -3.21 -14.37
N LEU B 208 -9.75 -3.66 -14.93
CA LEU B 208 -8.99 -2.79 -15.84
C LEU B 208 -8.91 -3.49 -17.19
N GLY B 209 -9.69 -3.00 -18.15
CA GLY B 209 -9.99 -3.78 -19.33
C GLY B 209 -9.40 -3.06 -20.56
N ALA B 210 -8.72 -3.81 -21.43
CA ALA B 210 -8.24 -3.23 -22.70
C ALA B 210 -9.38 -3.15 -23.72
N LEU B 211 -9.08 -2.71 -24.95
CA LEU B 211 -10.02 -2.76 -26.05
C LEU B 211 -9.66 -3.84 -27.05
N GLY B 212 -9.40 -5.08 -26.59
CA GLY B 212 -8.71 -6.11 -27.36
C GLY B 212 -8.13 -7.05 -26.34
N ASP B 213 -7.46 -8.11 -26.75
CA ASP B 213 -6.87 -8.97 -25.73
C ASP B 213 -5.58 -8.32 -25.24
N ALA B 214 -5.28 -8.56 -23.95
CA ALA B 214 -4.13 -7.95 -23.27
C ALA B 214 -3.91 -8.58 -21.88
N GLY B 215 -2.67 -8.59 -21.42
CA GLY B 215 -2.36 -9.08 -20.06
C GLY B 215 -1.01 -8.58 -19.62
N CYS B 216 -0.54 -9.05 -18.48
CA CYS B 216 0.79 -8.72 -18.05
C CYS B 216 1.28 -9.71 -17.03
N ILE B 217 2.58 -9.66 -16.73
CA ILE B 217 3.18 -10.38 -15.61
C ILE B 217 3.89 -9.40 -14.71
N CYS B 218 3.73 -9.57 -13.40
CA CYS B 218 4.33 -8.72 -12.39
C CYS B 218 5.26 -9.55 -11.52
N THR B 219 6.40 -8.97 -11.18
CA THR B 219 7.37 -9.66 -10.34
C THR B 219 8.39 -8.69 -9.79
N ASN B 220 8.97 -9.00 -8.62
CA ASN B 220 10.15 -8.24 -8.16
C ASN B 220 11.54 -8.74 -8.60
N ASP B 221 11.59 -9.94 -9.18
CA ASP B 221 12.85 -10.63 -9.45
C ASP B 221 13.39 -10.22 -10.82
N ASP B 222 14.57 -9.62 -10.83
CA ASP B 222 15.18 -9.08 -12.05
C ASP B 222 15.35 -10.13 -13.11
N ASN B 223 15.90 -11.26 -12.67
CA ASN B 223 16.20 -12.33 -13.62
C ASN B 223 14.94 -12.95 -14.22
N PHE B 224 13.91 -13.10 -13.39
CA PHE B 224 12.67 -13.65 -13.88
C PHE B 224 12.04 -12.68 -14.85
N ALA B 225 12.10 -11.40 -14.52
CA ALA B 225 11.56 -10.42 -15.43
C ALA B 225 12.27 -10.42 -16.82
N SER B 226 13.61 -10.49 -16.86
CA SER B 226 14.34 -10.51 -18.15
C SER B 226 14.01 -11.80 -18.89
N LYS B 227 13.86 -12.90 -18.14
CA LYS B 227 13.64 -14.20 -18.79
C LYS B 227 12.28 -14.23 -19.48
N ILE B 228 11.27 -13.72 -18.74
CA ILE B 228 9.91 -13.54 -19.24
C ILE B 228 9.84 -12.61 -20.47
N ARG B 229 10.53 -11.48 -20.45
CA ARG B 229 10.57 -10.60 -21.62
C ARG B 229 11.08 -11.34 -22.88
N ALA B 230 12.14 -12.11 -22.72
CA ALA B 230 12.63 -12.93 -23.80
C ALA B 230 11.66 -14.05 -24.22
N LEU B 231 11.15 -14.83 -23.27
CA LEU B 231 10.16 -15.89 -23.54
C LEU B 231 8.92 -15.39 -24.30
N ALA B 232 8.50 -14.14 -24.06
CA ALA B 232 7.36 -13.44 -24.72
C ALA B 232 7.68 -12.86 -26.08
N ASN B 233 8.97 -12.82 -26.40
CA ASN B 233 9.42 -12.28 -27.68
C ASN B 233 10.27 -13.28 -28.44
N TYR B 234 9.72 -14.46 -28.72
CA TYR B 234 10.35 -15.57 -29.47
C TYR B 234 11.55 -16.21 -28.80
N GLY B 235 11.81 -15.85 -27.55
CA GLY B 235 12.95 -16.39 -26.82
C GLY B 235 14.19 -15.55 -27.06
N SER B 236 13.94 -14.33 -27.55
CA SER B 236 15.01 -13.44 -27.96
C SER B 236 15.20 -12.27 -27.01
N HIS B 237 16.44 -12.17 -26.56
CA HIS B 237 16.94 -11.16 -25.67
C HIS B 237 17.77 -10.13 -26.48
N LYS B 238 18.32 -10.56 -27.63
CA LYS B 238 19.08 -9.69 -28.51
C LYS B 238 18.72 -9.95 -29.98
N LYS B 239 18.66 -8.90 -30.79
CA LYS B 239 18.37 -9.03 -32.23
C LYS B 239 19.12 -10.22 -32.83
N TYR B 240 18.39 -11.02 -33.62
CA TYR B 240 18.92 -12.16 -34.37
C TYR B 240 19.20 -13.42 -33.53
N GLU B 241 19.14 -13.33 -32.21
CA GLU B 241 19.45 -14.49 -31.32
C GLU B 241 18.25 -15.01 -30.56
N ASN B 242 18.16 -16.33 -30.43
CA ASN B 242 17.09 -16.90 -29.61
C ASN B 242 17.70 -17.78 -28.54
N LEU B 243 17.63 -17.30 -27.32
CA LEU B 243 18.29 -17.98 -26.20
C LEU B 243 17.41 -19.14 -25.73
N TYR B 244 16.10 -18.90 -25.76
CA TYR B 244 15.06 -19.85 -25.34
C TYR B 244 14.17 -20.21 -26.54
N THR B 245 13.47 -21.32 -26.44
CA THR B 245 12.33 -21.62 -27.30
C THR B 245 11.07 -20.91 -26.79
N GLY B 246 10.85 -19.70 -27.29
CA GLY B 246 9.83 -18.85 -26.72
C GLY B 246 8.63 -18.83 -27.63
N LEU B 247 7.82 -17.79 -27.42
CA LEU B 247 6.55 -17.67 -28.10
C LEU B 247 6.35 -16.17 -28.36
N ASN B 248 5.28 -15.83 -29.04
CA ASN B 248 5.05 -14.42 -29.29
C ASN B 248 3.86 -13.98 -28.46
N SER B 249 4.11 -13.27 -27.36
CA SER B 249 3.04 -12.81 -26.49
C SER B 249 3.34 -11.37 -26.04
N ARG B 250 2.78 -10.42 -26.79
CA ARG B 250 3.09 -9.01 -26.61
C ARG B 250 1.80 -8.20 -26.45
N LEU B 251 1.96 -7.09 -25.76
CA LEU B 251 0.91 -6.12 -25.50
C LEU B 251 1.01 -4.96 -26.52
N ASP B 252 0.02 -4.81 -27.37
CA ASP B 252 0.05 -3.87 -28.48
C ASP B 252 0.19 -2.48 -27.89
N GLU B 253 0.96 -1.65 -28.57
CA GLU B 253 1.12 -0.25 -28.16
C GLU B 253 -0.23 0.39 -27.90
N ILE B 254 -1.19 0.11 -28.80
CA ILE B 254 -2.47 0.77 -28.70
C ILE B 254 -3.17 0.40 -27.38
N GLN B 255 -3.20 -0.88 -27.05
CA GLN B 255 -3.85 -1.37 -25.83
C GLN B 255 -3.10 -0.88 -24.60
N ALA B 256 -1.76 -0.82 -24.65
CA ALA B 256 -1.05 -0.25 -23.52
C ALA B 256 -1.49 1.19 -23.21
N ALA B 257 -1.68 1.97 -24.27
CA ALA B 257 -2.14 3.36 -24.16
C ALA B 257 -3.55 3.47 -23.53
N PHE B 258 -4.45 2.57 -23.95
CA PHE B 258 -5.83 2.54 -23.49
C PHE B 258 -5.83 2.19 -21.98
N LEU B 259 -5.04 1.19 -21.60
CA LEU B 259 -4.90 0.74 -20.21
C LEU B 259 -4.27 1.85 -19.33
N ASP B 260 -3.28 2.54 -19.86
CA ASP B 260 -2.72 3.61 -19.06
C ASP B 260 -3.68 4.77 -18.76
N ILE B 261 -4.51 5.12 -19.73
CA ILE B 261 -5.59 6.09 -19.52
C ILE B 261 -6.50 5.61 -18.38
N LYS B 262 -6.95 4.35 -18.43
CA LYS B 262 -7.93 3.87 -17.48
C LYS B 262 -7.30 3.62 -16.10
N LEU B 263 -6.02 3.28 -16.05
CA LEU B 263 -5.34 2.94 -14.79
C LEU B 263 -5.47 4.09 -13.75
N LYS B 264 -5.46 5.32 -14.26
CA LYS B 264 -5.52 6.52 -13.41
C LYS B 264 -6.83 6.60 -12.62
N TYR B 265 -7.87 5.88 -13.10
CA TYR B 265 -9.20 5.81 -12.47
C TYR B 265 -9.55 4.48 -11.79
N LEU B 266 -8.59 3.55 -11.75
CA LEU B 266 -8.88 2.19 -11.30
C LEU B 266 -9.26 2.12 -9.82
N ASP B 267 -8.53 2.78 -8.92
CA ASP B 267 -8.87 2.74 -7.47
C ASP B 267 -10.22 3.42 -7.23
N GLU B 268 -10.46 4.53 -7.95
CA GLU B 268 -11.74 5.23 -7.90
C GLU B 268 -12.87 4.32 -8.31
N ASP B 269 -12.67 3.66 -9.44
CA ASP B 269 -13.61 2.71 -10.02
C ASP B 269 -13.84 1.51 -9.09
N ASN B 270 -12.76 0.93 -8.56
CA ASN B 270 -12.94 -0.17 -7.63
C ASN B 270 -13.76 0.21 -6.39
N ASN B 271 -13.54 1.42 -5.91
CA ASN B 271 -14.27 1.86 -4.71
C ASN B 271 -15.73 2.09 -5.06
N LYS B 272 -16.00 2.58 -6.27
CA LYS B 272 -17.39 2.67 -6.79
C LYS B 272 -18.05 1.28 -6.87
N ARG B 273 -17.32 0.26 -7.32
CA ARG B 273 -17.84 -1.11 -7.32
C ARG B 273 -18.11 -1.49 -5.87
N LYS B 274 -17.23 -1.17 -4.92
CA LYS B 274 -17.50 -1.52 -3.50
C LYS B 274 -18.84 -0.95 -3.04
N ASN B 275 -19.10 0.29 -3.43
CA ASN B 275 -20.30 0.97 -2.99
C ASN B 275 -21.56 0.27 -3.47
N ILE B 276 -21.52 -0.18 -4.72
CA ILE B 276 -22.63 -0.92 -5.31
C ILE B 276 -22.79 -2.33 -4.72
N ALA B 277 -21.69 -3.03 -4.53
CA ALA B 277 -21.72 -4.35 -3.88
C ALA B 277 -22.28 -4.28 -2.47
N ASN B 278 -21.87 -3.25 -1.73
CA ASN B 278 -22.34 -3.05 -0.35
C ASN B 278 -23.83 -2.72 -0.38
N PHE B 279 -24.30 -2.02 -1.41
CA PHE B 279 -25.72 -1.77 -1.61
C PHE B 279 -26.46 -3.09 -1.78
N TYR B 280 -25.93 -3.95 -2.64
CA TYR B 280 -26.53 -5.27 -2.87
C TYR B 280 -26.54 -6.04 -1.55
N LEU B 281 -25.43 -5.99 -0.82
CA LEU B 281 -25.26 -6.81 0.39
C LEU B 281 -26.22 -6.39 1.52
N GLN B 282 -26.55 -5.11 1.52
CA GLN B 282 -27.30 -4.48 2.61
C GLN B 282 -28.79 -4.52 2.30
N ASN B 283 -29.13 -4.59 1.02
CA ASN B 283 -30.49 -4.37 0.54
C ASN B 283 -31.18 -5.62 -0.03
N ILE B 284 -30.43 -6.60 -0.53
CA ILE B 284 -31.03 -7.86 -1.00
C ILE B 284 -31.27 -8.70 0.24
N LYS B 285 -32.53 -9.09 0.46
CA LYS B 285 -32.85 -10.04 1.50
C LYS B 285 -33.93 -11.01 1.03
N ASN B 286 -33.51 -12.25 0.83
CA ASN B 286 -34.36 -13.30 0.28
C ASN B 286 -33.83 -14.66 0.73
N GLU B 287 -34.74 -15.49 1.26
CA GLU B 287 -34.36 -16.69 1.99
C GLU B 287 -33.77 -17.67 1.00
N ASN B 288 -33.96 -17.37 -0.29
CA ASN B 288 -33.51 -18.28 -1.33
C ASN B 288 -32.13 -18.01 -1.84
N ILE B 289 -31.56 -16.91 -1.35
CA ILE B 289 -30.28 -16.39 -1.87
C ILE B 289 -29.25 -16.22 -0.78
N ILE B 290 -28.06 -16.76 -1.00
CA ILE B 290 -26.86 -16.54 -0.16
C ILE B 290 -26.01 -15.47 -0.83
N LEU B 291 -25.78 -14.38 -0.10
CA LEU B 291 -24.99 -13.27 -0.64
C LEU B 291 -23.49 -13.53 -0.48
N PRO B 292 -22.67 -12.91 -1.33
CA PRO B 292 -21.22 -13.09 -1.24
C PRO B 292 -20.57 -12.13 -0.18
N SER B 293 -20.96 -12.27 1.08
CA SER B 293 -20.25 -11.63 2.19
C SER B 293 -18.75 -11.89 2.16
N ASN B 294 -17.97 -10.83 1.95
CA ASN B 294 -16.49 -10.93 1.88
C ASN B 294 -15.76 -11.03 3.22
N LYS B 295 -14.72 -11.85 3.26
CA LYS B 295 -13.91 -12.03 4.47
C LYS B 295 -12.62 -11.23 4.36
N PHE B 296 -12.27 -10.86 3.14
CA PHE B 296 -11.05 -10.11 2.86
C PHE B 296 -11.38 -9.04 1.81
N ASP B 297 -10.45 -8.14 1.51
CA ASP B 297 -10.73 -7.04 0.58
C ASP B 297 -11.18 -7.63 -0.74
N HIS B 298 -12.11 -6.93 -1.40
CA HIS B 298 -12.87 -7.45 -2.54
C HIS B 298 -13.10 -6.27 -3.48
N VAL B 299 -12.64 -6.39 -4.72
CA VAL B 299 -12.87 -5.35 -5.71
C VAL B 299 -14.02 -5.67 -6.69
N TRP B 300 -14.71 -6.77 -6.40
CA TRP B 300 -16.03 -7.05 -6.95
C TRP B 300 -16.04 -7.00 -8.48
N HIS B 301 -15.07 -7.66 -9.10
CA HIS B 301 -15.16 -8.01 -10.52
C HIS B 301 -16.48 -8.75 -10.84
N LEU B 302 -16.85 -9.73 -10.00
CA LEU B 302 -18.15 -10.34 -10.16
C LEU B 302 -18.84 -10.41 -8.81
N PHE B 303 -20.16 -10.29 -8.84
CA PHE B 303 -20.90 -10.28 -7.60
C PHE B 303 -21.75 -11.52 -7.66
N VAL B 304 -21.37 -12.55 -6.92
CA VAL B 304 -21.87 -13.89 -7.17
C VAL B 304 -22.81 -14.27 -6.00
N VAL B 305 -24.07 -14.52 -6.35
CA VAL B 305 -25.01 -15.08 -5.38
C VAL B 305 -25.12 -16.59 -5.57
N LYS B 306 -25.79 -17.26 -4.62
CA LYS B 306 -25.85 -18.71 -4.57
C LYS B 306 -27.26 -19.14 -4.14
N THR B 307 -27.87 -19.99 -4.96
CA THR B 307 -29.19 -20.51 -4.65
C THR B 307 -29.32 -21.94 -5.14
N LYS B 308 -30.16 -22.69 -4.43
CA LYS B 308 -30.66 -24.00 -4.85
C LYS B 308 -31.53 -23.98 -6.12
N LEU B 309 -31.98 -22.79 -6.53
CA LEU B 309 -32.85 -22.65 -7.70
C LEU B 309 -32.28 -21.70 -8.75
N ARG B 310 -31.07 -22.02 -9.19
CA ARG B 310 -30.20 -21.11 -9.90
C ARG B 310 -30.74 -20.90 -11.30
N ASP B 311 -31.14 -22.01 -11.90
CA ASP B 311 -31.68 -22.00 -13.24
C ASP B 311 -33.00 -21.23 -13.24
N GLU B 312 -33.86 -21.46 -12.23
CA GLU B 312 -35.10 -20.69 -12.02
C GLU B 312 -34.85 -19.18 -11.79
N LEU B 313 -33.90 -18.85 -10.91
CA LEU B 313 -33.48 -17.45 -10.73
C LEU B 313 -33.09 -16.72 -12.04
N GLN B 314 -32.16 -17.28 -12.79
CA GLN B 314 -31.70 -16.67 -14.06
C GLN B 314 -32.85 -16.43 -15.06
N HIS B 315 -33.82 -17.34 -15.09
CA HIS B 315 -34.98 -17.15 -15.96
C HIS B 315 -35.85 -16.00 -15.51
N TYR B 316 -36.06 -15.95 -14.19
CA TYR B 316 -36.88 -14.93 -13.55
C TYR B 316 -36.28 -13.57 -13.81
N LEU B 317 -34.98 -13.45 -13.57
CA LEU B 317 -34.34 -12.16 -13.85
C LEU B 317 -34.47 -11.78 -15.33
N ASN B 318 -34.26 -12.73 -16.24
CA ASN B 318 -34.44 -12.44 -17.65
C ASN B 318 -35.90 -12.06 -17.94
N ASN B 319 -36.83 -12.66 -17.21
CA ASN B 319 -38.23 -12.25 -17.42
C ASN B 319 -38.43 -10.80 -17.05
N HIS B 320 -37.61 -10.35 -16.11
CA HIS B 320 -37.67 -8.96 -15.72
C HIS B 320 -36.60 -8.16 -16.45
N ASP B 321 -36.12 -8.68 -17.58
CA ASP B 321 -35.26 -7.94 -18.49
C ASP B 321 -33.89 -7.57 -17.88
N ILE B 322 -33.36 -8.49 -17.08
CA ILE B 322 -32.07 -8.34 -16.40
C ILE B 322 -31.21 -9.53 -16.79
N GLN B 323 -30.10 -9.27 -17.48
CA GLN B 323 -29.19 -10.31 -17.94
C GLN B 323 -28.20 -10.71 -16.84
N THR B 324 -28.12 -12.01 -16.62
CA THR B 324 -27.11 -12.62 -15.76
C THR B 324 -26.31 -13.68 -16.51
N ILE B 325 -25.11 -13.92 -16.01
CA ILE B 325 -24.23 -14.95 -16.50
C ILE B 325 -23.74 -15.79 -15.32
N ILE B 326 -23.34 -17.01 -15.63
CA ILE B 326 -22.85 -17.96 -14.62
C ILE B 326 -21.34 -18.05 -14.60
N HIS B 327 -20.77 -17.77 -13.44
CA HIS B 327 -19.32 -17.98 -13.28
C HIS B 327 -19.15 -18.97 -12.10
N TYR B 328 -19.16 -20.28 -12.34
CA TYR B 328 -19.24 -20.93 -13.63
C TYR B 328 -20.10 -22.15 -13.38
N PRO B 329 -20.62 -22.79 -14.45
CA PRO B 329 -21.57 -23.88 -14.30
C PRO B 329 -20.92 -25.26 -14.40
N ILE B 330 -19.76 -25.36 -15.03
CA ILE B 330 -19.05 -26.64 -15.11
C ILE B 330 -17.63 -26.39 -14.60
N PRO B 331 -17.17 -27.14 -13.57
CA PRO B 331 -15.84 -26.95 -13.04
C PRO B 331 -14.83 -27.66 -13.87
N PRO B 332 -13.57 -27.18 -13.81
CA PRO B 332 -12.60 -27.71 -14.70
C PRO B 332 -12.53 -29.26 -14.75
N HIS B 333 -12.51 -29.88 -13.57
CA HIS B 333 -12.33 -31.32 -13.50
C HIS B 333 -13.49 -32.05 -14.14
N LYS B 334 -14.60 -31.35 -14.42
CA LYS B 334 -15.71 -31.97 -15.08
C LYS B 334 -15.78 -31.74 -16.60
N GLN B 335 -14.81 -31.02 -17.16
CA GLN B 335 -14.90 -30.65 -18.58
C GLN B 335 -14.46 -31.80 -19.47
N LYS B 336 -14.99 -31.88 -20.69
CA LYS B 336 -14.61 -32.91 -21.63
C LYS B 336 -13.13 -32.88 -21.99
N CYS B 337 -12.48 -31.72 -21.87
CA CYS B 337 -11.05 -31.64 -22.19
C CYS B 337 -10.17 -32.26 -21.11
N TYR B 338 -10.73 -32.58 -19.94
CA TYR B 338 -9.98 -33.11 -18.82
C TYR B 338 -10.72 -34.30 -18.25
N LYS B 339 -10.92 -35.28 -19.12
CA LYS B 339 -11.67 -36.48 -18.76
C LYS B 339 -10.91 -37.32 -17.72
N ASP B 340 -9.57 -37.31 -17.77
CA ASP B 340 -8.71 -37.81 -16.68
C ASP B 340 -8.88 -37.18 -15.27
N LEU B 341 -9.62 -36.08 -15.17
CA LEU B 341 -9.94 -35.51 -13.86
C LEU B 341 -11.39 -35.72 -13.49
N ASN B 342 -12.23 -36.24 -14.40
CA ASN B 342 -13.70 -36.24 -14.18
C ASN B 342 -14.10 -37.03 -12.90
N HIS B 343 -13.28 -37.99 -12.47
CA HIS B 343 -13.63 -38.91 -11.37
C HIS B 343 -13.48 -38.28 -9.99
N LEU B 344 -12.70 -37.21 -9.92
CA LEU B 344 -12.37 -36.55 -8.68
C LEU B 344 -13.65 -36.13 -7.95
N LYS B 345 -13.68 -36.37 -6.65
CA LYS B 345 -14.83 -36.01 -5.85
C LYS B 345 -14.52 -34.68 -5.15
N LEU B 346 -15.02 -33.60 -5.73
CA LEU B 346 -14.88 -32.28 -5.14
C LEU B 346 -16.26 -31.65 -4.84
N PRO B 347 -16.97 -32.11 -3.79
CA PRO B 347 -18.37 -31.69 -3.64
C PRO B 347 -18.62 -30.20 -3.32
N ILE B 348 -17.66 -29.53 -2.71
CA ILE B 348 -17.86 -28.11 -2.43
C ILE B 348 -17.81 -27.37 -3.76
N THR B 349 -16.77 -27.64 -4.52
CA THR B 349 -16.61 -27.10 -5.85
C THR B 349 -17.84 -27.39 -6.73
N GLU B 350 -18.38 -28.59 -6.62
CA GLU B 350 -19.41 -29.04 -7.53
C GLU B 350 -20.72 -28.35 -7.13
N ASN B 351 -20.96 -28.28 -5.82
CA ASN B 351 -22.07 -27.51 -5.28
C ASN B 351 -22.13 -26.05 -5.71
N ILE B 352 -20.98 -25.40 -5.66
CA ILE B 352 -20.84 -24.00 -6.00
C ILE B 352 -21.29 -23.87 -7.45
N HIS B 353 -20.79 -24.79 -8.28
CA HIS B 353 -20.96 -24.68 -9.72
C HIS B 353 -22.43 -24.89 -10.07
N GLN B 354 -23.16 -25.60 -9.22
CA GLN B 354 -24.58 -25.87 -9.44
C GLN B 354 -25.46 -24.72 -8.99
N GLU B 355 -24.91 -23.85 -8.15
CA GLU B 355 -25.71 -22.87 -7.41
C GLU B 355 -25.41 -21.39 -7.59
N VAL B 356 -24.25 -21.05 -8.14
CA VAL B 356 -23.88 -19.63 -8.35
C VAL B 356 -24.48 -18.93 -9.60
N LEU B 357 -24.71 -17.63 -9.49
CA LEU B 357 -25.12 -16.76 -10.61
C LEU B 357 -24.56 -15.37 -10.32
N SER B 358 -24.12 -14.63 -11.34
CA SER B 358 -23.53 -13.32 -11.13
C SER B 358 -24.55 -12.23 -11.52
N LEU B 359 -24.67 -11.22 -10.67
CA LEU B 359 -25.49 -10.03 -10.92
C LEU B 359 -24.71 -8.86 -11.55
N PRO B 360 -25.40 -8.04 -12.35
CA PRO B 360 -24.69 -6.89 -12.93
C PRO B 360 -24.07 -5.91 -11.93
N ILE B 361 -22.79 -5.59 -12.17
CA ILE B 361 -22.05 -4.60 -11.41
C ILE B 361 -20.96 -3.96 -12.28
N SER B 362 -20.66 -2.70 -11.99
CA SER B 362 -19.84 -1.85 -12.83
C SER B 362 -19.64 -0.55 -12.06
N PRO B 363 -18.45 0.02 -12.16
CA PRO B 363 -18.36 1.33 -11.56
C PRO B 363 -19.23 2.46 -12.17
N THR B 364 -19.74 2.30 -13.37
CA THR B 364 -20.55 3.34 -14.01
C THR B 364 -22.03 2.96 -13.98
N MET B 365 -22.37 1.87 -13.27
CA MET B 365 -23.74 1.35 -13.29
C MET B 365 -24.75 2.34 -12.71
N LYS B 366 -25.84 2.55 -13.45
CA LYS B 366 -26.91 3.48 -13.05
C LYS B 366 -27.59 3.05 -11.75
N GLU B 367 -27.76 4.00 -10.84
CA GLU B 367 -28.54 3.83 -9.64
C GLU B 367 -29.90 3.18 -9.92
N ASN B 368 -30.66 3.62 -10.92
CA ASN B 368 -31.95 2.97 -11.13
C ASN B 368 -31.74 1.49 -11.42
N ASP B 369 -30.61 1.16 -12.07
CA ASP B 369 -30.29 -0.21 -12.47
C ASP B 369 -29.95 -1.07 -11.27
N PHE B 370 -29.02 -0.62 -10.41
CA PHE B 370 -28.79 -1.43 -9.23
C PHE B 370 -29.99 -1.58 -8.27
N LYS B 371 -30.71 -0.48 -8.03
CA LYS B 371 -31.97 -0.50 -7.29
C LYS B 371 -32.92 -1.52 -7.88
N LYS B 372 -33.10 -1.54 -9.20
CA LYS B 372 -34.01 -2.49 -9.83
C LYS B 372 -33.63 -3.91 -9.45
N VAL B 373 -32.35 -4.23 -9.58
CA VAL B 373 -31.85 -5.57 -9.36
C VAL B 373 -32.15 -6.03 -7.92
N ALA B 374 -31.82 -5.21 -6.93
CA ALA B 374 -32.20 -5.48 -5.52
C ALA B 374 -33.71 -5.59 -5.37
N ASP B 375 -34.48 -4.64 -5.87
CA ASP B 375 -35.93 -4.69 -5.62
C ASP B 375 -36.54 -5.98 -6.17
N ILE B 376 -36.21 -6.28 -7.41
CA ILE B 376 -36.72 -7.47 -8.12
C ILE B 376 -36.31 -8.80 -7.48
N LEU B 377 -35.07 -8.86 -7.00
CA LEU B 377 -34.69 -10.03 -6.22
C LEU B 377 -35.45 -10.14 -4.88
N ASN B 378 -35.73 -9.01 -4.25
CA ASN B 378 -36.44 -9.05 -2.98
C ASN B 378 -37.82 -9.63 -3.19
N LYS B 379 -38.38 -9.37 -4.38
CA LYS B 379 -39.76 -9.77 -4.72
C LYS B 379 -39.90 -11.23 -5.14
N TRP B 380 -38.78 -11.90 -5.39
CA TRP B 380 -38.75 -13.26 -5.93
C TRP B 380 -39.30 -14.29 -4.92
N LYS B 381 -40.51 -14.81 -5.09
CA LYS B 381 -40.88 -15.94 -4.25
C LYS B 381 -41.12 -17.15 -5.12
N VAL B 382 -40.52 -18.25 -4.70
CA VAL B 382 -39.81 -19.11 -5.62
C VAL B 382 -40.48 -20.47 -5.75
N HIS C 22 -22.28 -9.97 30.70
CA HIS C 22 -22.35 -8.55 30.23
C HIS C 22 -21.59 -8.39 28.92
N MET C 23 -22.24 -7.78 27.94
CA MET C 23 -21.51 -7.38 26.75
C MET C 23 -21.02 -5.95 26.88
N PHE C 24 -19.71 -5.82 27.14
CA PHE C 24 -19.01 -4.55 27.30
C PHE C 24 -18.88 -3.87 25.93
N PHE C 25 -19.00 -2.54 25.92
CA PHE C 25 -18.83 -1.77 24.68
C PHE C 25 -17.47 -2.03 23.99
N LEU C 26 -16.41 -2.12 24.79
CA LEU C 26 -15.09 -2.50 24.28
C LEU C 26 -14.28 -3.27 25.32
N ASN C 27 -14.12 -4.56 25.08
CA ASN C 27 -13.51 -5.45 26.06
C ASN C 27 -12.01 -5.48 25.83
N LEU C 28 -11.28 -4.56 26.47
CA LEU C 28 -9.84 -4.42 26.29
C LEU C 28 -9.08 -5.65 26.75
N LYS C 29 -9.59 -6.28 27.81
CA LYS C 29 -9.05 -7.54 28.30
C LYS C 29 -9.04 -8.65 27.24
N GLN C 30 -10.18 -8.82 26.57
CA GLN C 30 -10.28 -9.72 25.43
C GLN C 30 -9.31 -9.34 24.29
N ILE C 31 -9.30 -8.07 23.96
CA ILE C 31 -8.34 -7.61 22.98
C ILE C 31 -6.89 -7.92 23.35
N ASN C 32 -6.52 -7.66 24.61
CA ASN C 32 -5.12 -7.67 25.04
C ASN C 32 -4.59 -9.02 25.54
N ASP C 33 -5.49 -9.92 25.93
CA ASP C 33 -5.07 -11.21 26.52
C ASP C 33 -4.26 -12.02 25.51
N ARG C 34 -4.50 -11.77 24.23
CA ARG C 34 -3.69 -12.35 23.16
C ARG C 34 -2.16 -12.16 23.28
N PHE C 35 -1.76 -11.11 23.98
CA PHE C 35 -0.40 -10.64 23.94
C PHE C 35 0.19 -10.68 25.34
N ASN C 36 -0.50 -11.28 26.31
CA ASN C 36 0.05 -11.19 27.67
C ASN C 36 1.50 -11.68 27.84
N THR C 37 1.88 -12.78 27.20
CA THR C 37 3.25 -13.29 27.35
C THR C 37 4.25 -12.34 26.76
N GLU C 38 3.94 -11.87 25.56
CA GLU C 38 4.80 -10.93 24.89
C GLU C 38 4.94 -9.67 25.74
N PHE C 39 3.83 -9.19 26.29
CA PHE C 39 3.84 -7.95 27.10
C PHE C 39 4.79 -8.14 28.29
N ILE C 40 4.70 -9.29 28.95
CA ILE C 40 5.45 -9.52 30.17
C ILE C 40 6.92 -9.69 29.87
N THR C 41 7.20 -10.50 28.86
CA THR C 41 8.55 -10.59 28.28
C THR C 41 9.16 -9.22 28.02
N LYS C 42 8.44 -8.39 27.27
CA LYS C 42 8.96 -7.08 26.90
C LYS C 42 9.22 -6.18 28.12
N PHE C 43 8.26 -6.19 29.05
CA PHE C 43 8.32 -5.40 30.28
C PHE C 43 9.61 -5.73 31.03
N LYS C 44 9.87 -7.04 31.15
CA LYS C 44 11.06 -7.54 31.85
C LYS C 44 12.34 -7.09 31.11
N GLU C 45 12.32 -7.12 29.79
CA GLU C 45 13.43 -6.57 29.00
C GLU C 45 13.77 -5.13 29.36
N ILE C 46 12.72 -4.33 29.53
CA ILE C 46 12.90 -2.90 29.78
C ILE C 46 13.39 -2.69 31.21
N LEU C 47 12.90 -3.50 32.15
CA LEU C 47 13.49 -3.54 33.49
C LEU C 47 14.96 -3.94 33.46
N GLU C 48 15.34 -4.84 32.57
CA GLU C 48 16.77 -5.17 32.42
C GLU C 48 17.59 -4.03 31.81
N SER C 49 16.97 -3.15 31.02
CA SER C 49 17.73 -2.06 30.40
C SER C 49 18.02 -0.88 31.32
N GLY C 50 17.23 -0.69 32.36
CA GLY C 50 17.21 0.58 33.10
C GLY C 50 16.85 1.88 32.35
N TRP C 51 16.12 1.77 31.25
CA TRP C 51 16.01 2.85 30.28
C TRP C 51 14.52 2.87 29.93
N TYR C 52 13.79 3.83 30.49
CA TYR C 52 12.32 3.90 30.39
C TYR C 52 11.78 5.04 29.48
N ILE C 53 12.64 6.00 29.14
CA ILE C 53 12.29 7.22 28.38
C ILE C 53 13.20 7.31 27.17
N LEU C 54 12.62 7.62 26.01
CA LEU C 54 13.42 7.98 24.82
C LEU C 54 14.55 7.01 24.53
N GLY C 55 14.18 5.74 24.40
CA GLY C 55 15.12 4.67 24.15
C GLY C 55 14.88 3.85 22.88
N LYS C 56 15.40 2.64 22.90
CA LYS C 56 15.39 1.81 21.72
C LYS C 56 14.02 1.27 21.36
N GLN C 57 13.12 1.13 22.32
CA GLN C 57 11.80 0.58 22.03
C GLN C 57 11.03 1.65 21.31
N CYS C 58 11.21 2.88 21.77
CA CYS C 58 10.69 4.06 21.08
C CYS C 58 11.10 4.12 19.60
N GLU C 59 12.41 4.08 19.38
CA GLU C 59 12.96 4.10 18.05
C GLU C 59 12.39 2.98 17.18
N LYS C 60 12.38 1.76 17.71
CA LYS C 60 11.88 0.62 16.97
C LYS C 60 10.41 0.77 16.57
N PHE C 61 9.56 1.19 17.50
CA PHE C 61 8.15 1.33 17.20
C PHE C 61 7.96 2.45 16.18
N GLU C 62 8.67 3.54 16.37
CA GLU C 62 8.56 4.68 15.46
C GLU C 62 8.89 4.24 14.04
N ASN C 63 10.03 3.55 13.92
CA ASN C 63 10.50 3.08 12.63
C ASN C 63 9.46 2.16 12.02
N ASN C 64 8.90 1.22 12.81
CA ASN C 64 7.84 0.31 12.32
C ASN C 64 6.50 0.96 11.96
N PHE C 65 6.03 1.94 12.75
CA PHE C 65 4.83 2.70 12.39
C PHE C 65 4.98 3.63 11.19
N ALA C 66 6.15 4.25 11.04
CA ALA C 66 6.48 5.01 9.86
C ALA C 66 6.34 4.12 8.63
N LYS C 67 7.01 2.97 8.64
CA LYS C 67 6.90 1.98 7.57
C LYS C 67 5.45 1.63 7.33
N TYR C 68 4.73 1.28 8.39
CA TYR C 68 3.32 0.95 8.26
C TYR C 68 2.46 1.99 7.53
N CYS C 69 2.67 3.26 7.89
CA CYS C 69 1.94 4.36 7.29
C CYS C 69 2.49 4.79 5.94
N GLY C 70 3.68 4.33 5.58
CA GLY C 70 4.27 4.80 4.35
C GLY C 70 5.04 6.10 4.40
N VAL C 71 5.44 6.58 5.59
CA VAL C 71 5.98 7.93 5.69
C VAL C 71 7.43 7.76 6.17
N LYS C 72 8.21 8.82 6.06
CA LYS C 72 9.61 8.82 6.38
C LYS C 72 9.85 8.90 7.89
N HIS C 73 8.95 9.56 8.63
CA HIS C 73 9.18 10.00 10.03
C HIS C 73 7.99 9.77 10.94
N CYS C 74 8.25 9.13 12.09
CA CYS C 74 7.29 8.95 13.17
C CYS C 74 7.94 9.37 14.48
N ILE C 75 7.27 10.28 15.18
CA ILE C 75 7.67 10.72 16.50
C ILE C 75 6.64 10.29 17.56
N GLY C 76 7.04 9.38 18.42
CA GLY C 76 6.23 9.04 19.59
C GLY C 76 6.04 10.26 20.48
N VAL C 77 4.81 10.52 20.89
CA VAL C 77 4.52 11.53 21.90
C VAL C 77 3.57 10.99 22.98
N ALA C 78 3.20 11.80 23.96
CA ALA C 78 2.48 11.37 25.16
C ALA C 78 1.03 10.96 24.86
N ASN C 79 0.38 11.64 23.91
CA ASN C 79 -0.98 11.31 23.49
C ASN C 79 -1.38 12.00 22.17
N GLY C 80 -2.58 11.68 21.68
CA GLY C 80 -3.10 12.20 20.43
C GLY C 80 -3.47 13.67 20.38
N LEU C 81 -3.99 14.18 21.50
CA LEU C 81 -4.24 15.62 21.61
C LEU C 81 -2.89 16.32 21.52
N ASP C 82 -1.93 15.88 22.33
CA ASP C 82 -0.56 16.41 22.21
C ASP C 82 -0.02 16.40 20.76
N ALA C 83 -0.26 15.29 20.05
CA ALA C 83 0.17 15.09 18.68
C ALA C 83 -0.32 16.27 17.80
N LEU C 84 -1.62 16.49 17.77
CA LEU C 84 -2.20 17.57 16.98
C LEU C 84 -1.68 18.94 17.46
N ARG C 85 -1.53 19.11 18.77
CA ARG C 85 -1.23 20.42 19.35
C ARG C 85 0.20 20.76 18.93
N LEU C 86 1.06 19.75 18.94
CA LEU C 86 2.42 19.96 18.54
C LEU C 86 2.66 20.22 17.04
N ILE C 87 1.93 19.54 16.18
CA ILE C 87 1.92 19.84 14.74
C ILE C 87 1.62 21.34 14.51
N ILE C 88 0.53 21.79 15.12
CA ILE C 88 0.10 23.18 14.96
C ILE C 88 1.11 24.18 15.50
N LYS C 89 1.60 23.95 16.73
CA LYS C 89 2.69 24.74 17.33
C LYS C 89 3.94 24.80 16.43
N ALA C 90 4.34 23.67 15.86
CA ALA C 90 5.52 23.61 14.97
C ALA C 90 5.40 24.47 13.70
N TYR C 91 4.18 24.68 13.21
CA TYR C 91 3.97 25.52 12.03
C TYR C 91 3.98 26.99 12.37
N ASP C 92 3.96 27.31 13.66
CA ASP C 92 4.16 28.68 14.14
C ASP C 92 3.20 29.67 13.50
N PHE C 93 1.90 29.39 13.56
CA PHE C 93 0.94 30.32 12.97
C PHE C 93 0.73 31.51 13.92
N LYS C 94 0.35 32.66 13.37
CA LYS C 94 0.01 33.85 14.18
C LYS C 94 -1.26 33.62 14.99
N GLU C 95 -1.39 34.36 16.10
CA GLU C 95 -2.68 34.39 16.80
C GLU C 95 -3.80 34.78 15.83
N ASN C 96 -4.93 34.10 15.96
CA ASN C 96 -6.10 34.23 15.08
C ASN C 96 -6.01 33.74 13.66
N ASP C 97 -4.91 33.12 13.27
CA ASP C 97 -4.89 32.36 12.04
C ASP C 97 -5.95 31.29 12.09
N GLU C 98 -6.49 30.97 10.92
CA GLU C 98 -7.69 30.14 10.80
C GLU C 98 -7.36 28.73 10.30
N ILE C 99 -7.98 27.74 10.96
CA ILE C 99 -7.83 26.34 10.55
C ILE C 99 -9.22 25.75 10.30
N ILE C 100 -9.46 25.22 9.12
CA ILE C 100 -10.75 24.71 8.71
C ILE C 100 -10.80 23.36 9.41
N VAL C 101 -11.96 22.97 9.92
CA VAL C 101 -12.05 21.70 10.66
C VAL C 101 -13.49 21.19 10.66
N PRO C 102 -13.71 19.86 10.66
CA PRO C 102 -15.13 19.44 10.76
C PRO C 102 -15.83 19.82 12.07
N ALA C 103 -17.06 20.29 11.99
CA ALA C 103 -17.77 20.69 13.17
C ALA C 103 -18.18 19.53 14.06
N ASN C 104 -18.15 18.33 13.52
CA ASN C 104 -18.74 17.20 14.21
C ASN C 104 -17.71 16.21 14.74
N THR C 105 -16.44 16.60 14.76
CA THR C 105 -15.40 15.76 15.31
C THR C 105 -15.42 15.74 16.83
N TYR C 106 -14.57 14.88 17.39
CA TYR C 106 -14.32 14.81 18.81
C TYR C 106 -13.67 16.14 19.23
N ILE C 107 -14.04 16.65 20.40
CA ILE C 107 -13.56 17.95 20.88
C ILE C 107 -12.04 18.11 20.81
N ALA C 108 -11.23 17.04 20.94
CA ALA C 108 -9.77 17.16 20.98
C ALA C 108 -9.22 17.82 19.74
N SER C 109 -9.87 17.58 18.59
CA SER C 109 -9.44 18.19 17.35
C SER C 109 -9.49 19.72 17.47
N ILE C 110 -10.51 20.25 18.14
CA ILE C 110 -10.71 21.69 18.24
C ILE C 110 -9.78 22.27 19.30
N LEU C 111 -9.64 21.57 20.42
CA LEU C 111 -8.73 21.99 21.50
C LEU C 111 -7.30 22.16 21.03
N ALA C 112 -6.85 21.32 20.11
CA ALA C 112 -5.53 21.43 19.59
C ALA C 112 -5.37 22.78 18.86
N ILE C 113 -6.46 23.25 18.25
CA ILE C 113 -6.45 24.47 17.45
C ILE C 113 -6.52 25.63 18.44
N THR C 114 -7.49 25.63 19.35
CA THR C 114 -7.60 26.74 20.28
C THR C 114 -6.39 26.87 21.23
N ASP C 115 -5.85 25.75 21.71
CA ASP C 115 -4.64 25.76 22.56
C ASP C 115 -3.50 26.59 21.95
N ASN C 116 -3.45 26.56 20.63
CA ASN C 116 -2.45 27.31 19.88
C ASN C 116 -2.92 28.73 19.53
N LYS C 117 -4.02 29.16 20.13
CA LYS C 117 -4.62 30.46 19.80
C LYS C 117 -4.92 30.71 18.31
N CYS C 118 -5.18 29.63 17.59
CA CYS C 118 -5.76 29.71 16.24
C CYS C 118 -7.32 29.69 16.35
N LYS C 119 -8.00 30.16 15.29
CA LYS C 119 -9.45 30.16 15.21
C LYS C 119 -9.97 28.97 14.41
N PRO C 120 -10.71 28.07 15.05
CA PRO C 120 -11.32 26.93 14.37
C PRO C 120 -12.47 27.42 13.52
N ILE C 121 -12.44 27.00 12.25
CA ILE C 121 -13.51 27.39 11.34
C ILE C 121 -14.29 26.14 11.00
N LEU C 122 -15.50 26.07 11.53
CA LEU C 122 -16.23 24.83 11.64
C LEU C 122 -17.06 24.62 10.38
N ILE C 123 -16.89 23.45 9.76
CA ILE C 123 -17.54 23.06 8.52
C ILE C 123 -18.49 21.88 8.80
N GLU C 124 -19.69 21.95 8.22
CA GLU C 124 -20.68 20.90 8.36
C GLU C 124 -20.14 19.63 7.69
N PRO C 125 -20.46 18.46 8.24
CA PRO C 125 -20.22 17.22 7.56
C PRO C 125 -21.22 16.86 6.50
N ASP C 126 -20.87 15.84 5.73
CA ASP C 126 -21.82 15.14 4.88
C ASP C 126 -22.64 14.14 5.69
N ILE C 127 -23.97 14.27 5.72
CA ILE C 127 -24.80 13.40 6.57
C ILE C 127 -24.57 11.94 6.21
N ASN C 128 -24.08 11.71 5.01
CA ASN C 128 -23.84 10.38 4.46
C ASN C 128 -22.44 9.81 4.73
N THR C 129 -21.52 10.59 5.31
CA THR C 129 -20.21 10.06 5.70
C THR C 129 -19.82 10.36 7.17
N TYR C 130 -20.49 11.34 7.75
CA TYR C 130 -20.07 11.93 9.01
C TYR C 130 -18.67 12.54 8.98
N ASN C 131 -18.10 12.71 7.78
CA ASN C 131 -16.84 13.39 7.57
C ASN C 131 -17.12 14.76 6.96
N ILE C 132 -16.17 15.68 7.08
CA ILE C 132 -16.28 17.00 6.52
C ILE C 132 -16.79 16.94 5.07
N ASN C 133 -17.78 17.78 4.75
CA ASN C 133 -18.22 17.94 3.38
C ASN C 133 -17.28 18.79 2.59
N PRO C 134 -16.46 18.18 1.71
CA PRO C 134 -15.43 19.01 1.10
C PRO C 134 -15.94 20.14 0.20
N ASP C 135 -17.15 19.95 -0.33
CA ASP C 135 -17.90 20.97 -1.07
C ASP C 135 -18.14 22.25 -0.29
N LEU C 136 -18.08 22.22 1.04
CA LEU C 136 -18.42 23.36 1.89
C LEU C 136 -17.18 24.10 2.44
N ILE C 137 -15.96 23.73 2.06
CA ILE C 137 -14.77 24.34 2.66
C ILE C 137 -14.44 25.69 2.02
N GLU C 138 -14.45 25.69 0.69
CA GLU C 138 -13.83 26.80 -0.06
C GLU C 138 -14.52 28.13 0.27
N GLU C 139 -15.83 28.08 0.49
CA GLU C 139 -16.59 29.29 0.78
C GLU C 139 -16.15 29.93 2.11
N LYS C 140 -15.49 29.17 2.98
CA LYS C 140 -15.09 29.68 4.27
C LYS C 140 -13.60 30.01 4.40
N ILE C 141 -12.86 29.82 3.31
CA ILE C 141 -11.44 30.16 3.21
C ILE C 141 -11.26 31.67 3.06
N THR C 142 -10.25 32.22 3.74
CA THR C 142 -9.98 33.67 3.71
C THR C 142 -8.47 33.86 3.70
N LYS C 143 -8.00 35.11 3.65
CA LYS C 143 -6.58 35.34 3.65
C LYS C 143 -5.91 34.85 4.95
N LYS C 144 -6.72 34.55 5.97
CA LYS C 144 -6.23 34.11 7.27
C LYS C 144 -6.07 32.57 7.36
N THR C 145 -6.73 31.84 6.49
CA THR C 145 -6.69 30.39 6.57
C THR C 145 -5.27 29.89 6.35
N LYS C 146 -4.75 29.10 7.29
CA LYS C 146 -3.43 28.51 7.12
C LYS C 146 -3.44 26.99 6.97
N ALA C 147 -4.50 26.31 7.35
CA ALA C 147 -4.52 24.83 7.28
C ALA C 147 -5.92 24.27 7.22
N ILE C 148 -6.06 23.01 6.79
CA ILE C 148 -7.29 22.23 6.90
C ILE C 148 -6.92 21.04 7.80
N MET C 149 -7.68 20.89 8.88
CA MET C 149 -7.61 19.64 9.68
C MET C 149 -8.70 18.68 9.25
N VAL C 150 -8.31 17.66 8.49
CA VAL C 150 -9.12 16.53 8.07
C VAL C 150 -9.12 15.54 9.22
N VAL C 151 -10.32 15.13 9.58
CA VAL C 151 -10.55 14.02 10.51
C VAL C 151 -11.19 12.89 9.70
N HIS C 152 -10.63 11.70 9.86
CA HIS C 152 -11.23 10.48 9.39
C HIS C 152 -12.07 9.82 10.47
N LEU C 153 -13.34 10.25 10.52
CA LEU C 153 -14.05 10.16 11.77
C LEU C 153 -14.58 8.72 11.81
N TYR C 154 -14.50 8.09 12.98
CA TYR C 154 -15.11 6.76 13.28
C TYR C 154 -14.34 5.57 12.70
N GLY C 155 -13.31 5.87 11.92
CA GLY C 155 -12.63 4.88 11.10
C GLY C 155 -12.62 5.08 9.58
N GLN C 156 -13.46 5.99 9.06
CA GLN C 156 -13.61 6.17 7.62
C GLN C 156 -12.67 7.21 7.04
N VAL C 157 -11.93 6.85 6.01
CA VAL C 157 -11.13 7.89 5.35
C VAL C 157 -12.11 8.91 4.79
N CYS C 158 -11.73 10.17 4.93
CA CYS C 158 -12.39 11.28 4.24
C CYS C 158 -11.95 11.26 2.79
N ASP C 159 -12.84 11.62 1.88
CA ASP C 159 -12.41 11.90 0.53
C ASP C 159 -11.48 13.09 0.55
N MET C 160 -10.36 12.89 -0.13
CA MET C 160 -9.20 13.74 -0.05
C MET C 160 -8.98 14.52 -1.33
N GLU C 161 -9.69 14.22 -2.42
CA GLU C 161 -9.46 14.89 -3.72
C GLU C 161 -9.63 16.40 -3.67
N LYS C 162 -10.83 16.82 -3.25
CA LYS C 162 -11.23 18.21 -3.19
C LYS C 162 -10.36 18.92 -2.12
N ILE C 163 -10.13 18.31 -0.97
CA ILE C 163 -9.18 18.85 0.02
C ILE C 163 -7.75 19.14 -0.45
N GLN C 164 -7.15 18.18 -1.14
CA GLN C 164 -5.78 18.34 -1.61
C GLN C 164 -5.72 19.49 -2.64
N LEU C 165 -6.73 19.54 -3.49
CA LEU C 165 -6.87 20.64 -4.46
C LEU C 165 -6.95 22.00 -3.76
N LEU C 166 -7.87 22.18 -2.82
CA LEU C 166 -7.93 23.44 -2.06
C LEU C 166 -6.61 23.78 -1.37
N ALA C 167 -5.93 22.80 -0.81
CA ALA C 167 -4.67 23.08 -0.15
C ALA C 167 -3.60 23.63 -1.08
N ASN C 168 -3.51 23.04 -2.27
CA ASN C 168 -2.69 23.57 -3.35
C ASN C 168 -3.10 24.97 -3.77
N LYS C 169 -4.39 25.17 -4.04
CA LYS C 169 -4.87 26.44 -4.57
C LYS C 169 -4.56 27.60 -3.62
N TYR C 170 -4.73 27.38 -2.31
CA TYR C 170 -4.73 28.43 -1.27
C TYR C 170 -3.50 28.38 -0.36
N ASN C 171 -2.49 27.59 -0.73
CA ASN C 171 -1.30 27.41 0.08
C ASN C 171 -1.55 27.07 1.56
N LEU C 172 -2.27 25.98 1.79
CA LEU C 172 -2.65 25.56 3.13
C LEU C 172 -1.97 24.26 3.53
N LYS C 173 -1.69 24.06 4.83
CA LYS C 173 -1.24 22.76 5.33
C LYS C 173 -2.42 21.83 5.51
N ILE C 174 -2.19 20.55 5.24
CA ILE C 174 -3.17 19.52 5.55
C ILE C 174 -2.68 18.74 6.78
N ILE C 175 -3.48 18.79 7.84
CA ILE C 175 -3.21 18.15 9.14
C ILE C 175 -4.24 17.05 9.25
N GLU C 176 -3.81 15.80 9.33
CA GLU C 176 -4.73 14.69 9.51
C GLU C 176 -4.87 14.34 10.99
N ASP C 177 -6.09 14.23 11.47
CA ASP C 177 -6.34 13.58 12.76
C ASP C 177 -6.73 12.13 12.47
N CYS C 178 -5.79 11.23 12.72
CA CYS C 178 -5.94 9.83 12.43
C CYS C 178 -6.23 9.00 13.68
N ALA C 179 -6.58 9.69 14.77
CA ALA C 179 -6.92 9.01 16.04
C ALA C 179 -7.91 7.86 15.97
N GLN C 180 -8.85 7.89 15.02
CA GLN C 180 -9.87 6.86 14.90
C GLN C 180 -9.72 5.93 13.68
N ALA C 181 -8.67 6.11 12.89
CA ALA C 181 -8.58 5.47 11.58
C ALA C 181 -7.26 4.77 11.18
N HIS C 182 -6.48 4.35 12.17
CA HIS C 182 -5.23 3.64 11.93
C HIS C 182 -5.41 2.61 10.81
N GLY C 183 -4.61 2.73 9.77
CA GLY C 183 -4.45 1.72 8.74
C GLY C 183 -5.36 1.93 7.55
N ALA C 184 -6.27 2.90 7.60
CA ALA C 184 -7.20 3.06 6.52
C ALA C 184 -6.45 3.60 5.32
N ILE C 185 -6.99 3.35 4.15
CA ILE C 185 -6.34 3.55 2.87
C ILE C 185 -7.28 4.36 1.98
N TYR C 186 -6.72 5.44 1.48
CA TYR C 186 -7.33 6.23 0.43
C TYR C 186 -6.53 6.04 -0.86
N LYS C 187 -7.18 5.42 -1.85
CA LYS C 187 -6.49 5.09 -3.07
C LYS C 187 -5.17 4.35 -2.83
N ASP C 188 -4.03 4.96 -3.07
CA ASP C 188 -2.73 4.30 -3.06
C ASP C 188 -1.97 4.49 -1.75
N LYS C 189 -2.60 5.20 -0.79
CA LYS C 189 -1.90 5.69 0.42
C LYS C 189 -2.69 5.48 1.71
N ARG C 190 -1.98 5.22 2.79
CA ARG C 190 -2.54 5.13 4.16
C ARG C 190 -2.89 6.47 4.76
N VAL C 191 -3.95 6.51 5.57
CA VAL C 191 -4.11 7.65 6.47
C VAL C 191 -2.80 7.84 7.23
N GLY C 192 -2.45 9.10 7.38
CA GLY C 192 -1.16 9.46 7.93
C GLY C 192 -0.20 9.94 6.86
N ASN C 193 -0.45 9.58 5.59
CA ASN C 193 0.41 9.96 4.47
C ASN C 193 -0.40 10.76 3.44
N LEU C 194 -1.50 11.37 3.87
CA LEU C 194 -2.40 12.04 2.92
C LEU C 194 -2.26 13.55 2.90
N GLY C 195 -1.45 14.10 3.81
CA GLY C 195 -1.41 15.53 4.05
C GLY C 195 0.04 15.92 4.31
N ASP C 196 0.23 16.98 5.07
CA ASP C 196 1.58 17.41 5.41
C ASP C 196 2.10 16.74 6.67
N ALA C 197 1.21 16.59 7.64
CA ALA C 197 1.55 15.96 8.91
C ALA C 197 0.29 15.39 9.53
N ALA C 198 0.46 14.37 10.37
CA ALA C 198 -0.67 13.62 10.90
C ALA C 198 -0.43 13.29 12.34
N GLY C 199 -1.52 13.31 13.10
CA GLY C 199 -1.55 13.03 14.51
C GLY C 199 -2.35 11.76 14.78
N PHE C 200 -1.78 10.90 15.64
CA PHE C 200 -2.41 9.65 16.03
C PHE C 200 -2.51 9.58 17.54
N SER C 201 -3.65 9.05 17.99
CA SER C 201 -3.87 8.56 19.33
C SER C 201 -3.62 7.05 19.38
N PHE C 202 -2.90 6.61 20.43
CA PHE C 202 -2.85 5.18 20.84
C PHE C 202 -3.48 4.97 22.22
N TYR C 203 -4.47 5.82 22.56
CA TYR C 203 -5.32 5.55 23.73
C TYR C 203 -5.76 4.08 23.71
N PRO C 204 -5.95 3.42 24.88
CA PRO C 204 -6.12 1.97 24.83
C PRO C 204 -7.29 1.42 24.00
N GLY C 205 -8.35 2.20 23.81
CA GLY C 205 -9.53 1.80 23.03
C GLY C 205 -9.42 1.99 21.52
N LYS C 206 -8.36 2.67 21.08
CA LYS C 206 -8.26 2.97 19.65
C LYS C 206 -7.88 1.72 18.89
N ASN C 207 -7.99 1.74 17.56
CA ASN C 207 -7.71 0.51 16.83
C ASN C 207 -6.34 -0.11 17.03
N LEU C 208 -5.33 0.73 17.22
CA LEU C 208 -4.07 0.31 17.85
C LEU C 208 -3.92 1.06 19.15
N GLY C 209 -4.06 0.34 20.26
CA GLY C 209 -4.15 0.92 21.58
C GLY C 209 -3.05 0.41 22.48
N ALA C 210 -2.52 1.32 23.30
CA ALA C 210 -1.47 1.05 24.27
C ALA C 210 -2.10 0.61 25.58
N LEU C 211 -1.26 0.39 26.59
CA LEU C 211 -1.69 0.13 27.96
C LEU C 211 -1.46 1.34 28.84
N GLY C 212 -1.86 2.53 28.37
CA GLY C 212 -1.52 3.82 29.01
C GLY C 212 -1.80 4.86 27.93
N ASP C 213 -1.65 6.15 28.25
CA ASP C 213 -1.67 7.19 27.22
C ASP C 213 -0.46 7.10 26.28
N ALA C 214 -0.73 7.30 25.01
CA ALA C 214 0.32 7.28 23.99
C ALA C 214 -0.20 7.92 22.69
N GLY C 215 0.76 8.36 21.88
CA GLY C 215 0.45 8.97 20.59
C GLY C 215 1.63 9.09 19.66
N CYS C 216 1.40 9.60 18.46
CA CYS C 216 2.50 9.90 17.59
C CYS C 216 2.13 10.95 16.55
N ILE C 217 3.17 11.47 15.93
CA ILE C 217 3.06 12.31 14.73
C ILE C 217 3.85 11.66 13.58
N CYS C 218 3.30 11.78 12.37
CA CYS C 218 3.86 11.17 11.15
C CYS C 218 4.00 12.25 10.08
N THR C 219 5.08 12.26 9.33
CA THR C 219 5.31 13.29 8.32
C THR C 219 6.46 12.79 7.47
N ASN C 220 6.60 13.34 6.27
CA ASN C 220 7.75 13.09 5.40
C ASN C 220 8.81 14.19 5.35
N ASP C 221 8.56 15.31 6.02
CA ASP C 221 9.45 16.46 6.05
C ASP C 221 10.53 16.30 7.15
N ASP C 222 11.79 16.18 6.71
CA ASP C 222 12.91 16.10 7.61
C ASP C 222 12.94 17.24 8.65
N ASN C 223 12.80 18.49 8.22
CA ASN C 223 13.03 19.62 9.11
C ASN C 223 11.87 19.74 10.11
N PHE C 224 10.64 19.53 9.64
CA PHE C 224 9.46 19.50 10.50
C PHE C 224 9.60 18.39 11.53
N ALA C 225 9.97 17.19 11.10
CA ALA C 225 10.25 16.11 12.02
C ALA C 225 11.21 16.44 13.18
N SER C 226 12.37 17.00 12.84
CA SER C 226 13.35 17.36 13.84
C SER C 226 12.82 18.41 14.83
N LYS C 227 12.05 19.36 14.30
CA LYS C 227 11.48 20.43 15.08
C LYS C 227 10.52 19.84 16.09
N ILE C 228 9.67 18.95 15.60
CA ILE C 228 8.67 18.28 16.45
C ILE C 228 9.37 17.58 17.60
N ARG C 229 10.47 16.86 17.33
CA ARG C 229 11.13 16.02 18.34
C ARG C 229 11.69 16.94 19.42
N ALA C 230 12.28 18.03 18.97
CA ALA C 230 12.71 19.05 19.93
C ALA C 230 11.53 19.61 20.73
N LEU C 231 10.47 20.02 20.07
CA LEU C 231 9.28 20.57 20.73
C LEU C 231 8.66 19.61 21.75
N ALA C 232 8.73 18.31 21.48
CA ALA C 232 8.15 17.31 22.38
C ALA C 232 9.05 17.00 23.59
N ASN C 233 10.29 17.46 23.52
CA ASN C 233 11.29 17.19 24.56
C ASN C 233 11.80 18.49 25.19
N TYR C 234 10.89 19.24 25.80
CA TYR C 234 11.15 20.61 26.34
C TYR C 234 11.77 21.66 25.40
N GLY C 235 11.59 21.55 24.09
CA GLY C 235 12.25 22.48 23.16
C GLY C 235 13.74 22.23 22.93
N SER C 236 14.24 21.08 23.36
CA SER C 236 15.69 20.78 23.38
C SER C 236 16.11 19.92 22.18
N HIS C 237 17.15 20.34 21.45
CA HIS C 237 17.85 19.49 20.48
C HIS C 237 19.08 18.77 21.05
N LYS C 238 19.63 19.31 22.13
CA LYS C 238 20.97 18.95 22.58
C LYS C 238 20.99 19.14 24.10
N LYS C 239 21.74 18.31 24.81
CA LYS C 239 21.67 18.30 26.27
C LYS C 239 21.98 19.72 26.73
N TYR C 240 21.22 20.16 27.73
CA TYR C 240 21.43 21.45 28.37
C TYR C 240 20.84 22.67 27.69
N GLU C 241 20.42 22.55 26.42
CA GLU C 241 20.03 23.70 25.62
C GLU C 241 18.59 23.61 25.18
N ASN C 242 17.89 24.73 25.21
CA ASN C 242 16.52 24.81 24.74
C ASN C 242 16.34 25.81 23.63
N LEU C 243 16.12 25.30 22.41
CA LEU C 243 15.99 26.15 21.23
C LEU C 243 14.62 26.77 21.17
N TYR C 244 13.64 26.05 21.68
CA TYR C 244 12.23 26.46 21.65
C TYR C 244 11.64 26.41 23.04
N THR C 245 10.55 27.16 23.20
CA THR C 245 9.66 26.87 24.31
C THR C 245 8.81 25.65 23.98
N GLY C 246 9.26 24.51 24.48
CA GLY C 246 8.62 23.22 24.21
C GLY C 246 7.86 22.65 25.38
N LEU C 247 7.41 21.40 25.25
CA LEU C 247 6.65 20.71 26.29
C LEU C 247 7.29 19.36 26.57
N ASN C 248 6.75 18.60 27.51
CA ASN C 248 7.17 17.25 27.75
C ASN C 248 6.08 16.36 27.19
N SER C 249 6.29 15.83 25.99
CA SER C 249 5.33 14.92 25.38
C SER C 249 6.03 13.74 24.74
N ARG C 250 6.20 12.70 25.55
CA ARG C 250 7.04 11.55 25.21
C ARG C 250 6.25 10.25 25.35
N LEU C 251 6.63 9.31 24.47
CA LEU C 251 6.08 7.94 24.42
C LEU C 251 6.96 7.02 25.29
N ASP C 252 6.37 6.51 26.35
CA ASP C 252 7.15 5.73 27.31
C ASP C 252 7.69 4.48 26.58
N GLU C 253 8.96 4.10 26.79
CA GLU C 253 9.48 2.78 26.33
C GLU C 253 8.49 1.62 26.51
N ILE C 254 7.82 1.53 27.65
CA ILE C 254 7.05 0.30 27.85
C ILE C 254 5.91 0.28 26.86
N GLN C 255 5.33 1.46 26.66
CA GLN C 255 4.17 1.54 25.80
C GLN C 255 4.55 1.41 24.33
N ALA C 256 5.73 1.92 23.96
CA ALA C 256 6.28 1.75 22.61
C ALA C 256 6.36 0.22 22.32
N ALA C 257 6.88 -0.54 23.27
CA ALA C 257 7.06 -1.97 23.10
C ALA C 257 5.74 -2.72 22.96
N PHE C 258 4.75 -2.29 23.75
CA PHE C 258 3.42 -2.89 23.69
C PHE C 258 2.75 -2.60 22.34
N LEU C 259 2.94 -1.39 21.83
CA LEU C 259 2.36 -1.05 20.55
C LEU C 259 3.07 -1.80 19.45
N ASP C 260 4.36 -1.99 19.60
CA ASP C 260 5.10 -2.68 18.54
C ASP C 260 4.64 -4.15 18.34
N ILE C 261 4.29 -4.79 19.45
CA ILE C 261 3.72 -6.15 19.52
C ILE C 261 2.38 -6.19 18.77
N LYS C 262 1.52 -5.25 19.12
CA LYS C 262 0.21 -5.26 18.51
C LYS C 262 0.15 -4.76 17.05
N LEU C 263 1.08 -3.90 16.65
CA LEU C 263 1.16 -3.40 15.28
C LEU C 263 1.20 -4.54 14.23
N LYS C 264 1.89 -5.63 14.59
CA LYS C 264 2.02 -6.79 13.72
C LYS C 264 0.67 -7.36 13.33
N TYR C 265 -0.31 -7.08 14.18
CA TYR C 265 -1.65 -7.58 14.07
C TYR C 265 -2.71 -6.56 13.65
N LEU C 266 -2.32 -5.30 13.43
CA LEU C 266 -3.29 -4.24 13.15
C LEU C 266 -4.08 -4.45 11.86
N ASP C 267 -3.43 -4.66 10.72
CA ASP C 267 -4.15 -5.00 9.49
C ASP C 267 -5.12 -6.18 9.66
N GLU C 268 -4.70 -7.28 10.26
CA GLU C 268 -5.60 -8.40 10.51
C GLU C 268 -6.77 -7.94 11.36
N ASP C 269 -6.47 -7.21 12.44
CA ASP C 269 -7.52 -6.83 13.42
C ASP C 269 -8.52 -5.95 12.68
N ASN C 270 -8.00 -5.04 11.87
CA ASN C 270 -8.87 -4.12 11.14
C ASN C 270 -9.80 -4.87 10.19
N ASN C 271 -9.28 -5.92 9.56
CA ASN C 271 -10.07 -6.68 8.63
C ASN C 271 -11.19 -7.43 9.34
N LYS C 272 -10.86 -7.91 10.55
CA LYS C 272 -11.84 -8.47 11.44
C LYS C 272 -12.94 -7.48 11.81
N ARG C 273 -12.59 -6.24 12.12
CA ARG C 273 -13.62 -5.26 12.42
C ARG C 273 -14.55 -5.12 11.21
N LYS C 274 -13.96 -5.14 10.01
CA LYS C 274 -14.73 -4.92 8.78
C LYS C 274 -15.66 -6.09 8.61
N ASN C 275 -15.22 -7.29 8.98
CA ASN C 275 -16.10 -8.47 8.85
C ASN C 275 -17.34 -8.30 9.72
N ILE C 276 -17.14 -7.76 10.92
CA ILE C 276 -18.25 -7.59 11.86
C ILE C 276 -19.13 -6.43 11.42
N ALA C 277 -18.58 -5.27 11.04
CA ALA C 277 -19.41 -4.17 10.55
C ALA C 277 -20.24 -4.58 9.33
N ASN C 278 -19.61 -5.27 8.40
CA ASN C 278 -20.39 -5.81 7.28
C ASN C 278 -21.54 -6.72 7.69
N PHE C 279 -21.30 -7.52 8.71
CA PHE C 279 -22.38 -8.31 9.31
C PHE C 279 -23.51 -7.43 9.81
N TYR C 280 -23.18 -6.42 10.59
CA TYR C 280 -24.19 -5.45 11.05
C TYR C 280 -24.92 -4.75 9.89
N LEU C 281 -24.17 -4.30 8.90
CA LEU C 281 -24.78 -3.63 7.74
C LEU C 281 -25.74 -4.56 7.00
N GLN C 282 -25.40 -5.84 6.97
CA GLN C 282 -26.12 -6.84 6.17
C GLN C 282 -27.30 -7.42 6.94
N ASN C 283 -27.21 -7.49 8.27
CA ASN C 283 -28.17 -8.25 9.09
C ASN C 283 -29.15 -7.40 9.92
N ILE C 284 -28.78 -6.17 10.25
CA ILE C 284 -29.68 -5.25 10.92
C ILE C 284 -30.73 -4.69 9.96
N LYS C 285 -32.01 -4.97 10.24
CA LYS C 285 -33.11 -4.42 9.44
C LYS C 285 -34.10 -3.72 10.36
N ASN C 286 -33.94 -2.41 10.49
CA ASN C 286 -34.84 -1.63 11.33
C ASN C 286 -35.13 -0.25 10.77
N GLU C 287 -36.39 -0.04 10.43
CA GLU C 287 -36.81 1.22 9.86
C GLU C 287 -36.50 2.42 10.74
N ASN C 288 -36.32 2.18 12.04
CA ASN C 288 -35.91 3.24 12.97
C ASN C 288 -34.40 3.52 13.03
N ILE C 289 -33.58 2.81 12.26
CA ILE C 289 -32.13 2.84 12.45
C ILE C 289 -31.47 3.04 11.07
N ILE C 290 -30.73 4.14 10.93
CA ILE C 290 -29.94 4.37 9.76
C ILE C 290 -28.54 3.86 10.03
N LEU C 291 -28.05 2.99 9.16
CA LEU C 291 -26.80 2.28 9.41
C LEU C 291 -25.71 3.11 8.75
N PRO C 292 -24.44 2.97 9.20
CA PRO C 292 -23.33 3.74 8.67
C PRO C 292 -22.71 3.05 7.43
N SER C 293 -23.47 2.92 6.37
CA SER C 293 -22.89 2.49 5.08
C SER C 293 -21.73 3.35 4.60
N ASN C 294 -20.62 2.67 4.36
CA ASN C 294 -19.41 3.39 4.08
C ASN C 294 -19.27 3.67 2.61
N LYS C 295 -18.71 4.85 2.31
CA LYS C 295 -18.55 5.30 0.95
C LYS C 295 -17.09 5.24 0.56
N PHE C 296 -16.21 5.22 1.57
CA PHE C 296 -14.76 5.07 1.39
C PHE C 296 -14.26 4.05 2.42
N ASP C 297 -12.98 3.67 2.33
CA ASP C 297 -12.40 2.65 3.20
C ASP C 297 -12.60 3.02 4.65
N HIS C 298 -12.93 2.00 5.44
CA HIS C 298 -13.37 2.23 6.81
C HIS C 298 -12.72 1.13 7.65
N VAL C 299 -12.09 1.48 8.76
CA VAL C 299 -11.52 0.50 9.70
C VAL C 299 -12.35 0.33 11.00
N TRP C 300 -13.47 1.02 11.10
CA TRP C 300 -14.54 0.66 12.03
C TRP C 300 -14.06 0.71 13.49
N HIS C 301 -13.36 1.80 13.83
CA HIS C 301 -13.13 2.13 15.21
C HIS C 301 -14.45 2.18 15.98
N LEU C 302 -15.42 2.87 15.40
CA LEU C 302 -16.74 3.04 15.96
C LEU C 302 -17.76 2.66 14.88
N PHE C 303 -18.74 1.87 15.29
CA PHE C 303 -19.89 1.53 14.47
C PHE C 303 -21.13 2.30 14.90
N VAL C 304 -21.41 3.36 14.14
CA VAL C 304 -22.25 4.46 14.55
C VAL C 304 -23.60 4.35 13.84
N VAL C 305 -24.65 4.17 14.63
CA VAL C 305 -25.97 4.08 14.05
C VAL C 305 -26.75 5.35 14.43
N LYS C 306 -27.87 5.59 13.78
CA LYS C 306 -28.47 6.91 13.84
C LYS C 306 -29.99 6.77 13.93
N THR C 307 -30.58 7.32 14.98
CA THR C 307 -32.03 7.12 15.20
C THR C 307 -32.64 8.31 15.92
N LYS C 308 -33.89 8.64 15.59
CA LYS C 308 -34.63 9.67 16.32
C LYS C 308 -34.93 9.31 17.77
N LEU C 309 -34.84 8.02 18.11
CA LEU C 309 -35.16 7.52 19.45
C LEU C 309 -33.92 6.93 20.12
N ARG C 310 -32.87 7.75 20.13
CA ARG C 310 -31.53 7.35 20.52
C ARG C 310 -31.43 6.99 21.99
N ASP C 311 -31.93 7.84 22.89
CA ASP C 311 -31.82 7.55 24.33
C ASP C 311 -32.66 6.29 24.65
N GLU C 312 -33.78 6.11 23.96
CA GLU C 312 -34.57 4.88 24.10
C GLU C 312 -33.83 3.60 23.66
N LEU C 313 -33.28 3.64 22.44
CA LEU C 313 -32.41 2.56 21.97
C LEU C 313 -31.38 2.18 23.02
N GLN C 314 -30.68 3.17 23.58
CA GLN C 314 -29.66 2.87 24.58
C GLN C 314 -30.24 2.22 25.86
N HIS C 315 -31.44 2.62 26.26
CA HIS C 315 -32.11 1.92 27.34
C HIS C 315 -32.43 0.48 26.97
N TYR C 316 -32.97 0.26 25.77
CA TYR C 316 -33.28 -1.11 25.30
C TYR C 316 -32.12 -2.07 25.22
N LEU C 317 -30.97 -1.61 24.71
CA LEU C 317 -29.78 -2.46 24.67
C LEU C 317 -29.29 -2.67 26.11
N ASN C 318 -29.36 -1.61 26.91
CA ASN C 318 -28.87 -1.76 28.29
C ASN C 318 -29.55 -2.92 28.99
N ASN C 319 -30.80 -3.17 28.60
CA ASN C 319 -31.68 -4.06 29.33
C ASN C 319 -31.66 -5.45 28.70
N HIS C 320 -30.74 -5.60 27.75
CA HIS C 320 -30.24 -6.90 27.29
C HIS C 320 -28.76 -7.06 27.62
N ASP C 321 -28.28 -6.26 28.57
CA ASP C 321 -26.95 -6.45 29.12
C ASP C 321 -25.93 -6.24 28.01
N ILE C 322 -26.21 -5.21 27.22
CA ILE C 322 -25.28 -4.73 26.22
C ILE C 322 -24.98 -3.25 26.43
N GLN C 323 -23.73 -2.93 26.70
CA GLN C 323 -23.32 -1.53 26.91
C GLN C 323 -23.07 -0.78 25.59
N THR C 324 -23.69 0.38 25.43
CA THR C 324 -23.32 1.30 24.37
C THR C 324 -22.86 2.65 24.88
N ILE C 325 -22.21 3.38 23.98
CA ILE C 325 -21.68 4.72 24.24
C ILE C 325 -22.02 5.62 23.05
N ILE C 326 -22.26 6.89 23.35
CA ILE C 326 -22.51 7.89 22.33
C ILE C 326 -21.26 8.65 21.93
N HIS C 327 -21.01 8.65 20.62
CA HIS C 327 -19.94 9.41 20.00
C HIS C 327 -20.58 10.28 18.94
N TYR C 328 -21.18 11.43 19.30
CA TYR C 328 -21.07 12.14 20.58
C TYR C 328 -22.34 12.96 20.73
N PRO C 329 -22.74 13.27 21.98
CA PRO C 329 -24.08 13.82 22.16
C PRO C 329 -24.12 15.34 22.18
N ILE C 330 -22.99 15.96 22.51
CA ILE C 330 -22.86 17.40 22.43
C ILE C 330 -21.70 17.78 21.52
N PRO C 331 -21.98 18.52 20.42
CA PRO C 331 -20.91 18.90 19.51
C PRO C 331 -20.08 20.00 20.18
N PRO C 332 -18.80 20.15 19.80
CA PRO C 332 -17.93 21.15 20.39
C PRO C 332 -18.50 22.56 20.50
N HIS C 333 -19.10 23.07 19.42
CA HIS C 333 -19.68 24.42 19.42
C HIS C 333 -20.73 24.73 20.48
N LYS C 334 -21.40 23.68 20.98
CA LYS C 334 -22.40 23.78 22.02
C LYS C 334 -21.88 23.55 23.45
N GLN C 335 -20.57 23.34 23.59
CA GLN C 335 -20.03 23.03 24.91
C GLN C 335 -19.87 24.32 25.71
N LYS C 336 -19.91 24.23 27.04
CA LYS C 336 -19.63 25.42 27.87
C LYS C 336 -18.26 26.02 27.65
N CYS C 337 -17.24 25.19 27.42
CA CYS C 337 -15.90 25.76 27.17
C CYS C 337 -15.81 26.65 25.95
N TYR C 338 -16.80 26.61 25.05
CA TYR C 338 -16.69 27.32 23.78
C TYR C 338 -17.88 28.28 23.58
N LYS C 339 -18.16 29.06 24.61
CA LYS C 339 -19.36 29.91 24.58
C LYS C 339 -19.33 30.84 23.36
N ASP C 340 -18.17 31.41 23.09
CA ASP C 340 -17.93 32.04 21.79
C ASP C 340 -18.65 31.39 20.59
N LEU C 341 -18.81 30.06 20.61
CA LEU C 341 -19.28 29.32 19.45
C LEU C 341 -20.76 28.91 19.53
N ASN C 342 -21.41 29.08 20.68
CA ASN C 342 -22.70 28.42 20.91
C ASN C 342 -23.80 28.92 19.98
N HIS C 343 -23.65 30.16 19.54
CA HIS C 343 -24.58 30.78 18.60
C HIS C 343 -24.48 30.20 17.19
N LEU C 344 -23.40 29.48 16.87
CA LEU C 344 -23.27 28.99 15.49
C LEU C 344 -24.43 28.06 15.19
N LYS C 345 -25.01 28.24 14.01
CA LYS C 345 -26.07 27.35 13.52
C LYS C 345 -25.54 26.23 12.60
N LEU C 346 -25.47 25.02 13.16
CA LEU C 346 -24.85 23.88 12.48
C LEU C 346 -25.80 22.70 12.59
N PRO C 347 -26.88 22.78 11.80
CA PRO C 347 -27.98 21.86 12.09
C PRO C 347 -27.70 20.43 11.68
N ILE C 348 -26.80 20.19 10.74
CA ILE C 348 -26.49 18.80 10.38
C ILE C 348 -25.71 18.19 11.55
N THR C 349 -24.73 18.95 12.02
CA THR C 349 -23.92 18.55 13.16
C THR C 349 -24.79 18.29 14.35
N GLU C 350 -25.71 19.24 14.62
CA GLU C 350 -26.64 19.12 15.75
C GLU C 350 -27.58 17.94 15.67
N ASN C 351 -28.18 17.75 14.50
CA ASN C 351 -28.94 16.55 14.27
C ASN C 351 -28.17 15.26 14.53
N ILE C 352 -26.93 15.19 14.09
CA ILE C 352 -26.13 13.96 14.26
C ILE C 352 -25.91 13.70 15.74
N HIS C 353 -25.54 14.75 16.47
CA HIS C 353 -25.29 14.60 17.88
C HIS C 353 -26.55 14.20 18.61
N GLN C 354 -27.71 14.62 18.10
CA GLN C 354 -28.99 14.24 18.69
C GLN C 354 -29.40 12.79 18.50
N GLU C 355 -28.81 12.13 17.51
CA GLU C 355 -29.32 10.83 17.05
C GLU C 355 -28.36 9.64 17.04
N VAL C 356 -27.05 9.83 17.25
CA VAL C 356 -26.13 8.72 17.06
C VAL C 356 -25.92 7.84 18.29
N LEU C 357 -25.60 6.57 18.08
CA LEU C 357 -25.24 5.67 19.16
C LEU C 357 -24.29 4.66 18.54
N SER C 358 -23.30 4.26 19.31
CA SER C 358 -22.25 3.37 18.86
C SER C 358 -22.49 1.93 19.35
N LEU C 359 -22.37 0.94 18.49
CA LEU C 359 -22.61 -0.46 18.88
C LEU C 359 -21.27 -1.18 19.14
N PRO C 360 -21.24 -2.14 20.11
CA PRO C 360 -19.96 -2.79 20.40
C PRO C 360 -19.33 -3.39 19.14
N ILE C 361 -18.03 -3.19 18.99
CA ILE C 361 -17.31 -3.87 17.93
C ILE C 361 -15.86 -3.96 18.42
N SER C 362 -15.17 -5.04 18.05
CA SER C 362 -13.76 -5.21 18.33
C SER C 362 -13.21 -6.35 17.44
N PRO C 363 -11.88 -6.45 17.27
CA PRO C 363 -11.33 -7.52 16.40
C PRO C 363 -11.58 -8.92 17.01
N THR C 364 -11.76 -8.94 18.32
CA THR C 364 -11.80 -10.19 19.06
C THR C 364 -13.25 -10.58 19.42
N MET C 365 -14.21 -9.76 19.03
CA MET C 365 -15.58 -9.92 19.51
C MET C 365 -16.16 -11.22 19.02
N LYS C 366 -16.83 -11.93 19.94
CA LYS C 366 -17.38 -13.23 19.66
C LYS C 366 -18.64 -13.21 18.79
N GLU C 367 -18.75 -14.25 17.97
CA GLU C 367 -19.87 -14.40 17.05
C GLU C 367 -21.23 -14.33 17.72
N ASN C 368 -21.35 -15.05 18.83
CA ASN C 368 -22.50 -14.98 19.73
C ASN C 368 -22.91 -13.55 20.08
N ASP C 369 -21.92 -12.72 20.38
CA ASP C 369 -22.17 -11.34 20.80
C ASP C 369 -22.65 -10.43 19.65
N PHE C 370 -22.02 -10.42 18.48
CA PHE C 370 -22.56 -9.53 17.45
C PHE C 370 -23.84 -10.10 16.86
N LYS C 371 -24.01 -11.43 16.91
CA LYS C 371 -25.30 -11.98 16.54
C LYS C 371 -26.39 -11.47 17.47
N LYS C 372 -26.15 -11.51 18.79
CA LYS C 372 -27.08 -11.00 19.79
C LYS C 372 -27.51 -9.58 19.48
N VAL C 373 -26.55 -8.74 19.09
CA VAL C 373 -26.81 -7.32 18.93
C VAL C 373 -27.77 -7.17 17.73
N ALA C 374 -27.44 -7.83 16.63
CA ALA C 374 -28.26 -7.74 15.42
C ALA C 374 -29.64 -8.32 15.73
N ASP C 375 -29.66 -9.46 16.43
CA ASP C 375 -30.90 -10.20 16.72
C ASP C 375 -31.84 -9.34 17.58
N ILE C 376 -31.29 -8.74 18.63
CA ILE C 376 -32.06 -7.90 19.49
C ILE C 376 -32.52 -6.65 18.78
N LEU C 377 -31.66 -6.07 17.93
CA LEU C 377 -32.06 -4.83 17.25
C LEU C 377 -33.16 -5.13 16.23
N ASN C 378 -33.09 -6.31 15.62
CA ASN C 378 -34.14 -6.75 14.70
C ASN C 378 -35.49 -7.02 15.35
N LYS C 379 -35.61 -6.79 16.66
CA LYS C 379 -36.88 -6.89 17.37
C LYS C 379 -37.37 -5.56 17.89
N TRP C 380 -36.53 -4.54 17.74
CA TRP C 380 -36.73 -3.34 18.51
C TRP C 380 -37.81 -2.51 17.84
N LYS C 381 -39.02 -2.59 18.37
CA LYS C 381 -40.21 -2.05 17.71
C LYS C 381 -40.47 -2.46 16.26
N VAL C 382 -39.84 -3.53 15.77
CA VAL C 382 -40.11 -3.97 14.41
C VAL C 382 -40.43 -5.46 14.38
N MET D 23 31.24 4.09 37.31
CA MET D 23 30.11 4.59 38.14
C MET D 23 29.23 5.60 37.39
N PHE D 24 27.99 5.18 37.14
CA PHE D 24 27.00 6.06 36.56
C PHE D 24 26.50 7.08 37.58
N PHE D 25 25.95 8.15 37.04
CA PHE D 25 25.55 9.28 37.84
C PHE D 25 24.32 8.89 38.65
N LEU D 26 23.42 8.16 38.01
CA LEU D 26 22.27 7.62 38.70
C LEU D 26 21.78 6.33 38.04
N ASN D 27 22.04 5.23 38.73
CA ASN D 27 21.89 3.90 38.19
C ASN D 27 20.48 3.45 38.61
N LEU D 28 19.52 3.63 37.69
CA LEU D 28 18.10 3.32 37.90
C LEU D 28 17.83 1.82 38.02
N LYS D 29 18.65 1.04 37.32
CA LYS D 29 18.55 -0.40 37.42
C LYS D 29 18.79 -0.82 38.86
N GLN D 30 19.80 -0.25 39.51
CA GLN D 30 20.10 -0.63 40.91
C GLN D 30 18.99 -0.19 41.88
N ILE D 31 18.50 1.01 41.66
CA ILE D 31 17.42 1.54 42.46
C ILE D 31 16.14 0.71 42.33
N ASN D 32 15.79 0.29 41.11
CA ASN D 32 14.54 -0.40 40.87
C ASN D 32 14.63 -1.92 41.02
N ASP D 33 15.82 -2.51 40.97
CA ASP D 33 15.93 -3.98 41.01
C ASP D 33 15.36 -4.58 42.30
N ARG D 34 15.36 -3.79 43.39
CA ARG D 34 14.70 -4.10 44.67
C ARG D 34 13.23 -4.42 44.54
N PHE D 35 12.55 -3.81 43.56
CA PHE D 35 11.12 -3.92 43.42
C PHE D 35 10.66 -4.80 42.24
N ASN D 36 11.58 -5.43 41.50
CA ASN D 36 11.20 -6.05 40.22
C ASN D 36 10.07 -7.06 40.39
N THR D 37 10.14 -7.88 41.41
CA THR D 37 9.12 -8.90 41.58
C THR D 37 7.76 -8.26 41.85
N GLU D 38 7.72 -7.16 42.61
CA GLU D 38 6.43 -6.51 42.88
C GLU D 38 5.86 -5.80 41.66
N PHE D 39 6.76 -5.14 40.94
CA PHE D 39 6.42 -4.48 39.68
C PHE D 39 5.69 -5.46 38.77
N ILE D 40 6.26 -6.64 38.62
CA ILE D 40 5.81 -7.63 37.67
C ILE D 40 4.49 -8.19 38.15
N THR D 41 4.38 -8.45 39.46
CA THR D 41 3.09 -8.81 40.01
C THR D 41 2.03 -7.75 39.75
N LYS D 42 2.38 -6.51 40.04
CA LYS D 42 1.42 -5.44 39.87
C LYS D 42 1.02 -5.32 38.39
N PHE D 43 1.97 -5.41 37.47
CA PHE D 43 1.66 -5.32 36.03
C PHE D 43 0.65 -6.40 35.64
N LYS D 44 0.84 -7.60 36.17
CA LYS D 44 -0.06 -8.71 35.86
C LYS D 44 -1.46 -8.46 36.38
N GLU D 45 -1.55 -7.89 37.58
CA GLU D 45 -2.83 -7.55 38.17
C GLU D 45 -3.53 -6.52 37.30
N ILE D 46 -2.77 -5.58 36.75
CA ILE D 46 -3.39 -4.53 35.93
C ILE D 46 -3.82 -5.11 34.56
N LEU D 47 -3.03 -6.01 34.01
CA LEU D 47 -3.51 -6.83 32.90
C LEU D 47 -4.80 -7.59 33.17
N GLU D 48 -4.88 -8.27 34.31
CA GLU D 48 -6.13 -8.86 34.80
C GLU D 48 -7.30 -7.89 34.89
N SER D 49 -7.04 -6.63 35.24
CA SER D 49 -8.12 -5.65 35.35
C SER D 49 -8.62 -5.16 33.99
N GLY D 50 -7.81 -5.25 32.95
CA GLY D 50 -8.10 -4.58 31.69
C GLY D 50 -8.45 -3.09 31.80
N TRP D 51 -7.91 -2.42 32.82
CA TRP D 51 -8.19 -1.02 33.07
C TRP D 51 -6.87 -0.32 33.26
N TYR D 52 -6.57 0.60 32.35
CA TYR D 52 -5.22 1.15 32.27
C TYR D 52 -5.15 2.67 32.56
N ILE D 53 -6.32 3.35 32.52
CA ILE D 53 -6.44 4.84 32.60
C ILE D 53 -7.42 5.19 33.73
N LEU D 54 -7.04 6.10 34.64
CA LEU D 54 -7.98 6.62 35.65
C LEU D 54 -8.77 5.54 36.36
N GLY D 55 -8.03 4.62 36.96
CA GLY D 55 -8.64 3.53 37.69
C GLY D 55 -8.17 3.40 39.11
N LYS D 56 -8.17 2.18 39.58
CA LYS D 56 -7.97 1.94 41.01
C LYS D 56 -6.54 2.16 41.51
N GLN D 57 -5.55 1.87 40.68
CA GLN D 57 -4.16 2.15 41.05
C GLN D 57 -3.95 3.64 41.22
N CYS D 58 -4.40 4.45 40.26
CA CYS D 58 -4.35 5.89 40.36
C CYS D 58 -4.91 6.37 41.70
N GLU D 59 -6.10 5.89 41.97
CA GLU D 59 -6.85 6.35 43.14
C GLU D 59 -6.15 6.03 44.45
N LYS D 60 -5.66 4.80 44.52
CA LYS D 60 -4.84 4.33 45.63
C LYS D 60 -3.56 5.14 45.83
N PHE D 61 -2.78 5.30 44.75
CA PHE D 61 -1.56 6.09 44.80
C PHE D 61 -1.91 7.52 45.19
N GLU D 62 -2.91 8.12 44.57
CA GLU D 62 -3.23 9.50 44.98
C GLU D 62 -3.51 9.59 46.49
N ASN D 63 -4.33 8.65 46.96
CA ASN D 63 -4.72 8.71 48.37
C ASN D 63 -3.48 8.60 49.25
N ASN D 64 -2.58 7.69 48.88
CA ASN D 64 -1.35 7.51 49.67
C ASN D 64 -0.34 8.68 49.61
N PHE D 65 -0.18 9.29 48.44
CA PHE D 65 0.76 10.38 48.29
C PHE D 65 0.21 11.63 48.93
N ALA D 66 -1.10 11.86 48.88
CA ALA D 66 -1.75 12.96 49.59
C ALA D 66 -1.48 12.80 51.11
N LYS D 67 -1.71 11.59 51.61
CA LYS D 67 -1.33 11.25 53.00
C LYS D 67 0.12 11.55 53.33
N TYR D 68 1.06 11.07 52.52
CA TYR D 68 2.47 11.35 52.70
C TYR D 68 2.80 12.84 52.74
N CYS D 69 2.17 13.61 51.86
CA CYS D 69 2.34 15.06 51.87
C CYS D 69 1.55 15.79 52.94
N GLY D 70 0.61 15.12 53.58
CA GLY D 70 -0.27 15.81 54.49
C GLY D 70 -1.32 16.71 53.88
N VAL D 71 -1.67 16.50 52.61
CA VAL D 71 -2.64 17.34 51.92
C VAL D 71 -3.93 16.55 51.76
N LYS D 72 -5.02 17.28 51.51
CA LYS D 72 -6.31 16.68 51.29
C LYS D 72 -6.50 15.99 49.92
N HIS D 73 -5.90 16.57 48.87
CA HIS D 73 -6.07 16.12 47.49
C HIS D 73 -4.77 15.89 46.72
N CYS D 74 -4.71 14.77 46.01
CA CYS D 74 -3.65 14.52 45.05
C CYS D 74 -4.32 14.08 43.72
N ILE D 75 -3.92 14.75 42.64
CA ILE D 75 -4.43 14.51 41.27
C ILE D 75 -3.25 14.05 40.43
N GLY D 76 -3.25 12.78 40.04
CA GLY D 76 -2.16 12.28 39.23
C GLY D 76 -2.27 12.91 37.85
N VAL D 77 -1.14 13.34 37.28
CA VAL D 77 -1.07 13.82 35.92
C VAL D 77 0.13 13.25 35.15
N ALA D 78 0.37 13.77 33.95
CA ALA D 78 1.24 13.07 32.99
C ALA D 78 2.73 13.24 33.27
N ASN D 79 3.10 14.39 33.81
CA ASN D 79 4.47 14.74 34.11
C ASN D 79 4.52 16.06 34.91
N GLY D 80 5.70 16.40 35.40
CA GLY D 80 5.84 17.52 36.36
C GLY D 80 5.63 18.88 35.70
N LEU D 81 6.01 18.99 34.44
CA LEU D 81 5.84 20.26 33.70
C LEU D 81 4.35 20.51 33.52
N ASP D 82 3.64 19.47 33.13
CA ASP D 82 2.19 19.51 33.00
C ASP D 82 1.51 19.90 34.31
N ALA D 83 1.98 19.31 35.41
CA ALA D 83 1.48 19.65 36.71
C ALA D 83 1.55 21.16 36.95
N LEU D 84 2.68 21.79 36.73
CA LEU D 84 2.79 23.23 36.95
C LEU D 84 1.96 24.02 35.93
N ARG D 85 1.98 23.59 34.67
CA ARG D 85 1.26 24.29 33.63
C ARG D 85 -0.23 24.29 33.96
N LEU D 86 -0.75 23.15 34.39
CA LEU D 86 -2.13 23.08 34.86
C LEU D 86 -2.52 23.93 36.07
N ILE D 87 -1.61 24.05 37.04
CA ILE D 87 -1.92 24.85 38.21
C ILE D 87 -2.09 26.29 37.73
N ILE D 88 -1.18 26.75 36.88
CA ILE D 88 -1.26 28.14 36.42
C ILE D 88 -2.51 28.40 35.57
N LYS D 89 -2.80 27.43 34.70
CA LYS D 89 -3.91 27.52 33.77
C LYS D 89 -5.17 27.58 34.64
N ALA D 90 -5.18 26.83 35.75
CA ALA D 90 -6.37 26.77 36.59
C ALA D 90 -6.70 28.11 37.25
N TYR D 91 -5.70 28.94 37.55
CA TYR D 91 -5.96 30.26 38.13
C TYR D 91 -6.49 31.26 37.08
N ASP D 92 -6.39 30.92 35.79
CA ASP D 92 -6.87 31.79 34.73
CA ASP D 92 -6.83 31.78 34.70
C ASP D 92 -6.31 33.22 34.80
N PHE D 93 -5.01 33.39 34.97
CA PHE D 93 -4.43 34.73 34.98
C PHE D 93 -4.39 35.40 33.60
N LYS D 94 -4.29 36.72 33.60
CA LYS D 94 -4.43 37.50 32.36
C LYS D 94 -3.09 37.52 31.66
N GLU D 95 -3.10 37.55 30.33
CA GLU D 95 -1.85 37.77 29.60
C GLU D 95 -1.00 38.86 30.25
N ASN D 96 0.30 38.58 30.38
CA ASN D 96 1.31 39.39 31.07
C ASN D 96 1.22 39.54 32.58
N ASP D 97 0.29 38.84 33.23
CA ASP D 97 0.35 38.77 34.66
C ASP D 97 1.68 38.14 35.01
N GLU D 98 2.23 38.62 36.11
CA GLU D 98 3.57 38.29 36.57
C GLU D 98 3.61 37.21 37.69
N ILE D 99 4.54 36.29 37.49
CA ILE D 99 4.83 35.24 38.45
C ILE D 99 6.28 35.29 38.87
N ILE D 100 6.47 35.50 40.17
CA ILE D 100 7.80 35.59 40.74
C ILE D 100 8.33 34.17 40.82
N VAL D 101 9.58 33.99 40.43
CA VAL D 101 10.17 32.64 40.35
C VAL D 101 11.69 32.78 40.41
N PRO D 102 12.38 31.81 41.01
CA PRO D 102 13.85 31.83 41.03
C PRO D 102 14.46 31.73 39.66
N ALA D 103 15.50 32.55 39.43
CA ALA D 103 16.21 32.57 38.15
C ALA D 103 17.06 31.31 37.90
N ASN D 104 17.50 30.64 38.97
CA ASN D 104 18.43 29.53 38.82
C ASN D 104 17.78 28.13 38.81
N THR D 105 16.46 28.03 38.68
CA THR D 105 15.79 26.71 38.64
C THR D 105 16.00 26.03 37.29
N TYR D 106 15.63 24.75 37.22
CA TYR D 106 15.44 24.09 35.93
C TYR D 106 14.40 24.77 35.04
N ILE D 107 14.65 24.78 33.74
CA ILE D 107 13.81 25.50 32.79
C ILE D 107 12.31 25.16 32.80
N ALA D 108 11.96 23.93 33.13
CA ALA D 108 10.54 23.59 33.20
C ALA D 108 9.75 24.57 34.04
N SER D 109 10.32 25.03 35.14
CA SER D 109 9.60 26.01 35.97
C SER D 109 9.10 27.21 35.19
N ILE D 110 9.97 27.69 34.32
CA ILE D 110 9.71 28.88 33.55
C ILE D 110 8.83 28.54 32.37
N LEU D 111 9.02 27.39 31.75
CA LEU D 111 8.10 26.96 30.69
C LEU D 111 6.62 26.92 31.12
N ALA D 112 6.33 26.45 32.33
CA ALA D 112 4.96 26.51 32.81
C ALA D 112 4.35 27.92 32.83
N ILE D 113 5.14 28.92 33.22
CA ILE D 113 4.68 30.30 33.31
C ILE D 113 4.42 30.84 31.90
N THR D 114 5.34 30.63 30.97
CA THR D 114 5.26 31.30 29.68
C THR D 114 4.23 30.62 28.76
N ASP D 115 4.06 29.31 28.90
CA ASP D 115 3.00 28.57 28.22
C ASP D 115 1.62 29.13 28.52
N ASN D 116 1.44 29.68 29.71
CA ASN D 116 0.19 30.33 30.10
C ASN D 116 0.17 31.84 29.83
N LYS D 117 1.14 32.29 29.03
CA LYS D 117 1.29 33.69 28.64
C LYS D 117 1.42 34.67 29.82
N CYS D 118 1.93 34.16 30.95
CA CYS D 118 2.35 35.03 32.04
C CYS D 118 3.81 35.44 31.89
N LYS D 119 4.19 36.48 32.60
CA LYS D 119 5.54 37.01 32.63
C LYS D 119 6.32 36.46 33.82
N PRO D 120 7.40 35.72 33.56
CA PRO D 120 8.28 35.29 34.64
C PRO D 120 9.12 36.47 35.14
N ILE D 121 9.04 36.70 36.44
CA ILE D 121 9.88 37.68 37.07
C ILE D 121 10.97 36.96 37.88
N LEU D 122 12.19 37.03 37.39
CA LEU D 122 13.26 36.13 37.82
C LEU D 122 14.02 36.76 38.97
N ILE D 123 14.14 35.99 40.05
CA ILE D 123 14.73 36.45 41.31
C ILE D 123 16.01 35.65 41.62
N GLU D 124 17.06 36.34 42.05
CA GLU D 124 18.29 35.65 42.40
C GLU D 124 18.10 34.73 43.62
N PRO D 125 18.85 33.64 43.63
CA PRO D 125 18.92 32.75 44.76
C PRO D 125 19.87 33.26 45.82
N ASP D 126 19.73 32.75 47.03
CA ASP D 126 20.72 32.81 48.08
C ASP D 126 21.80 31.77 47.78
N ILE D 127 23.04 32.24 47.61
CA ILE D 127 24.21 31.36 47.46
C ILE D 127 24.33 30.30 48.54
N ASN D 128 23.78 30.57 49.73
CA ASN D 128 23.82 29.59 50.80
C ASN D 128 22.73 28.54 50.84
N THR D 129 21.84 28.58 49.86
CA THR D 129 20.70 27.65 49.83
C THR D 129 20.40 27.16 48.43
N TYR D 130 20.88 27.91 47.42
CA TYR D 130 20.51 27.69 46.02
C TYR D 130 19.02 27.81 45.76
N ASN D 131 18.28 28.33 46.73
CA ASN D 131 16.86 28.61 46.56
C ASN D 131 16.65 30.11 46.48
N ILE D 132 15.49 30.48 45.96
CA ILE D 132 15.11 31.88 45.89
C ILE D 132 15.38 32.64 47.17
N ASN D 133 16.01 33.81 47.04
CA ASN D 133 16.28 34.63 48.20
C ASN D 133 15.02 35.40 48.55
N PRO D 134 14.36 35.00 49.65
CA PRO D 134 13.11 35.65 50.01
C PRO D 134 13.21 37.18 50.22
N ASP D 135 14.40 37.67 50.55
CA ASP D 135 14.66 39.11 50.75
C ASP D 135 14.70 39.91 49.44
N LEU D 136 14.62 39.23 48.31
CA LEU D 136 14.65 39.90 47.00
C LEU D 136 13.31 39.94 46.28
N ILE D 137 12.27 39.36 46.88
CA ILE D 137 10.99 39.20 46.18
C ILE D 137 10.20 40.51 46.22
N GLU D 138 10.07 41.13 47.41
CA GLU D 138 9.09 42.21 47.56
C GLU D 138 9.37 43.37 46.60
N GLU D 139 10.65 43.74 46.44
CA GLU D 139 11.04 44.79 45.51
C GLU D 139 10.53 44.59 44.06
N LYS D 140 10.34 43.34 43.67
CA LYS D 140 9.88 42.98 42.30
C LYS D 140 8.35 42.77 42.18
N ILE D 141 7.64 42.91 43.29
CA ILE D 141 6.17 42.90 43.27
C ILE D 141 5.56 44.17 42.66
N THR D 142 4.51 44.00 41.86
CA THR D 142 3.89 45.13 41.13
C THR D 142 2.40 44.88 41.07
N LYS D 143 1.68 45.80 40.44
CA LYS D 143 0.24 45.70 40.26
C LYS D 143 -0.14 44.44 39.47
N LYS D 144 0.77 43.97 38.63
CA LYS D 144 0.55 42.73 37.90
C LYS D 144 0.96 41.40 38.55
N THR D 145 1.54 41.40 39.73
CA THR D 145 2.02 40.14 40.30
C THR D 145 0.83 39.31 40.76
N LYS D 146 0.78 38.03 40.39
CA LYS D 146 -0.35 37.19 40.79
C LYS D 146 0.07 35.96 41.61
N ALA D 147 1.34 35.61 41.49
CA ALA D 147 1.82 34.43 42.22
C ALA D 147 3.30 34.43 42.43
N ILE D 148 3.74 33.60 43.39
CA ILE D 148 5.16 33.34 43.59
C ILE D 148 5.32 31.85 43.35
N MET D 149 6.21 31.44 42.44
CA MET D 149 6.48 30.01 42.28
C MET D 149 7.77 29.74 43.03
N VAL D 150 7.68 28.94 44.09
CA VAL D 150 8.86 28.52 44.83
C VAL D 150 9.31 27.21 44.28
N VAL D 151 10.62 27.04 44.19
CA VAL D 151 11.19 25.79 43.77
C VAL D 151 12.11 25.27 44.86
N HIS D 152 11.87 24.03 45.30
CA HIS D 152 12.72 23.45 46.34
C HIS D 152 13.91 22.71 45.69
N LEU D 153 14.98 23.45 45.38
CA LEU D 153 15.95 23.05 44.36
C LEU D 153 16.93 22.06 44.98
N TYR D 154 17.26 21.00 44.23
CA TYR D 154 18.23 19.98 44.59
C TYR D 154 17.73 19.03 45.69
N GLY D 155 16.54 19.32 46.24
CA GLY D 155 15.97 18.61 47.41
C GLY D 155 15.89 19.38 48.73
N GLN D 156 16.32 20.64 48.75
CA GLN D 156 16.18 21.52 49.93
C GLN D 156 14.90 22.35 49.84
N VAL D 157 14.09 22.19 50.87
CA VAL D 157 12.95 23.08 51.02
C VAL D 157 13.31 24.57 51.06
N CYS D 158 12.48 25.39 50.43
CA CYS D 158 12.67 26.85 50.50
C CYS D 158 12.29 27.37 51.88
N ASP D 159 12.85 28.53 52.24
CA ASP D 159 12.59 29.24 53.48
C ASP D 159 11.28 29.99 53.37
N MET D 160 10.18 29.33 53.67
CA MET D 160 8.84 29.82 53.30
C MET D 160 8.31 30.96 54.20
N GLU D 161 8.88 31.19 55.38
CA GLU D 161 8.29 32.11 56.35
C GLU D 161 7.93 33.48 55.76
N LYS D 162 8.91 34.16 55.17
CA LYS D 162 8.76 35.48 54.55
C LYS D 162 7.90 35.45 53.27
N ILE D 163 7.87 34.28 52.63
CA ILE D 163 7.25 34.10 51.33
C ILE D 163 5.75 34.01 51.55
N GLN D 164 5.38 33.27 52.59
CA GLN D 164 4.00 33.22 53.08
C GLN D 164 3.53 34.61 53.48
N LEU D 165 4.36 35.37 54.18
CA LEU D 165 3.97 36.72 54.61
C LEU D 165 3.67 37.63 53.44
N LEU D 166 4.56 37.66 52.46
CA LEU D 166 4.33 38.40 51.23
C LEU D 166 3.12 38.01 50.41
N ALA D 167 2.81 36.71 50.38
CA ALA D 167 1.68 36.24 49.60
C ALA D 167 0.41 36.71 50.31
N ASN D 168 0.41 36.67 51.63
CA ASN D 168 -0.75 37.15 52.34
C ASN D 168 -0.88 38.64 52.11
N LYS D 169 0.25 39.35 52.17
CA LYS D 169 0.34 40.81 52.02
C LYS D 169 -0.21 41.36 50.71
N TYR D 170 0.18 40.73 49.61
CA TYR D 170 -0.17 41.22 48.29
C TYR D 170 -1.13 40.29 47.59
N ASN D 171 -1.72 39.36 48.35
CA ASN D 171 -2.84 38.55 47.84
C ASN D 171 -2.43 37.66 46.66
N LEU D 172 -1.28 37.00 46.82
CA LEU D 172 -0.71 36.19 45.79
C LEU D 172 -0.91 34.71 46.08
N LYS D 173 -0.98 33.93 45.00
CA LYS D 173 -0.88 32.50 45.08
C LYS D 173 0.55 32.04 45.34
N ILE D 174 0.65 30.91 46.03
CA ILE D 174 1.95 30.31 46.21
C ILE D 174 1.86 28.98 45.49
N ILE D 175 2.71 28.79 44.50
CA ILE D 175 2.81 27.55 43.72
C ILE D 175 4.11 26.88 44.08
N GLU D 176 4.10 25.66 44.60
CA GLU D 176 5.36 24.92 44.81
C GLU D 176 5.75 24.04 43.62
N ASP D 177 6.99 24.16 43.18
CA ASP D 177 7.60 23.20 42.30
C ASP D 177 8.38 22.20 43.12
N CYS D 178 7.77 21.01 43.28
CA CYS D 178 8.28 20.00 44.21
C CYS D 178 9.08 18.90 43.50
N ALA D 179 9.40 19.12 42.23
CA ALA D 179 9.97 18.07 41.39
C ALA D 179 11.29 17.48 41.91
N GLN D 180 11.95 18.22 42.79
CA GLN D 180 13.27 17.79 43.27
C GLN D 180 13.32 17.45 44.77
N ALA D 181 12.19 17.56 45.47
CA ALA D 181 12.29 17.60 46.93
C ALA D 181 11.26 16.75 47.65
N HIS D 182 10.91 15.65 47.02
CA HIS D 182 9.89 14.77 47.54
C HIS D 182 10.14 14.45 49.01
N GLY D 183 9.14 14.72 49.85
CA GLY D 183 9.25 14.45 51.29
C GLY D 183 9.97 15.43 52.20
N ALA D 184 10.62 16.45 51.65
CA ALA D 184 11.22 17.53 52.47
C ALA D 184 10.18 18.18 53.39
N ILE D 185 10.64 18.61 54.56
CA ILE D 185 9.78 19.28 55.55
C ILE D 185 10.25 20.67 55.94
N TYR D 186 9.30 21.57 56.09
CA TYR D 186 9.48 22.89 56.70
C TYR D 186 8.48 23.10 57.83
N LYS D 187 9.01 23.41 59.01
CA LYS D 187 8.24 23.49 60.23
C LYS D 187 7.42 22.21 60.41
N ASP D 188 6.10 22.28 60.36
CA ASP D 188 5.26 21.12 60.69
C ASP D 188 4.68 20.50 59.40
N LYS D 189 5.10 20.96 58.21
CA LYS D 189 4.51 20.52 56.95
C LYS D 189 5.52 20.02 55.92
N ARG D 190 5.03 19.15 55.03
CA ARG D 190 5.82 18.55 53.96
C ARG D 190 5.76 19.51 52.77
N VAL D 191 6.83 19.56 52.00
CA VAL D 191 6.75 19.97 50.61
C VAL D 191 5.49 19.40 49.97
N GLY D 192 4.73 20.30 49.36
CA GLY D 192 3.50 19.95 48.70
C GLY D 192 2.36 20.47 49.54
N ASN D 193 2.61 20.89 50.79
CA ASN D 193 1.58 21.42 51.69
C ASN D 193 2.00 22.79 52.19
N LEU D 194 2.88 23.40 51.43
CA LEU D 194 3.43 24.68 51.83
C LEU D 194 2.89 25.87 51.05
N GLY D 195 1.96 25.68 50.12
CA GLY D 195 1.34 26.80 49.44
C GLY D 195 -0.11 26.54 49.13
N ASP D 196 -0.55 27.16 48.05
CA ASP D 196 -1.89 26.98 47.54
C ASP D 196 -2.06 25.68 46.74
N ALA D 197 -1.15 25.42 45.81
CA ALA D 197 -1.14 24.17 45.03
C ALA D 197 0.32 23.86 44.73
N ALA D 198 0.60 22.57 44.56
CA ALA D 198 1.95 22.12 44.30
C ALA D 198 2.01 21.10 43.21
N GLY D 199 3.08 21.18 42.43
CA GLY D 199 3.36 20.28 41.32
C GLY D 199 4.54 19.38 41.62
N PHE D 200 4.38 18.11 41.25
CA PHE D 200 5.43 17.09 41.42
C PHE D 200 5.73 16.46 40.06
N SER D 201 7.01 16.21 39.83
CA SER D 201 7.47 15.29 38.80
C SER D 201 7.77 13.95 39.48
N PHE D 202 7.42 12.86 38.78
CA PHE D 202 7.90 11.51 39.13
C PHE D 202 8.68 10.91 37.94
N TYR D 203 9.41 11.78 37.23
CA TYR D 203 10.36 11.38 36.20
C TYR D 203 11.22 10.27 36.82
N PRO D 204 11.65 9.28 36.03
CA PRO D 204 12.37 8.15 36.68
C PRO D 204 13.54 8.44 37.65
N GLY D 205 14.28 9.51 37.44
CA GLY D 205 15.43 9.80 38.31
C GLY D 205 15.13 10.72 39.50
N LYS D 206 13.84 10.98 39.73
CA LYS D 206 13.48 11.75 40.92
C LYS D 206 13.54 10.85 42.18
N ASN D 207 13.55 11.48 43.34
CA ASN D 207 13.64 10.71 44.58
C ASN D 207 12.54 9.69 44.72
N LEU D 208 11.39 10.02 44.13
CA LEU D 208 10.33 9.06 43.81
C LEU D 208 10.02 9.04 42.32
N GLY D 209 10.53 8.00 41.67
CA GLY D 209 10.59 7.91 40.23
C GLY D 209 9.69 6.82 39.70
N ALA D 210 9.05 7.09 38.58
CA ALA D 210 8.28 6.08 37.87
C ALA D 210 9.11 5.29 36.88
N LEU D 211 8.45 4.42 36.12
CA LEU D 211 9.07 3.72 35.00
C LEU D 211 8.55 4.24 33.65
N GLY D 212 8.53 5.58 33.51
CA GLY D 212 7.98 6.38 32.42
C GLY D 212 7.69 7.77 32.98
N ASP D 213 7.17 8.66 32.14
CA ASP D 213 6.70 9.96 32.56
C ASP D 213 5.46 9.92 33.49
N ALA D 214 5.50 10.76 34.51
CA ALA D 214 4.49 10.84 35.55
C ALA D 214 4.64 12.11 36.41
N GLY D 215 3.54 12.51 37.02
CA GLY D 215 3.56 13.68 37.91
C GLY D 215 2.32 13.75 38.74
N CYS D 216 2.18 14.77 39.60
CA CYS D 216 0.94 15.02 40.26
C CYS D 216 0.79 16.46 40.69
N ILE D 217 -0.44 16.81 41.08
CA ILE D 217 -0.74 18.09 41.73
C ILE D 217 -1.38 17.81 43.11
N CYS D 218 -0.94 18.56 44.12
CA CYS D 218 -1.49 18.46 45.47
C CYS D 218 -2.04 19.85 45.88
N THR D 219 -3.10 19.81 46.67
CA THR D 219 -3.76 21.00 47.19
C THR D 219 -4.66 20.54 48.35
N ASN D 220 -5.00 21.45 49.24
CA ASN D 220 -6.13 21.23 50.15
C ASN D 220 -7.48 21.77 49.69
N ASP D 221 -7.51 22.56 48.62
CA ASP D 221 -8.74 23.22 48.14
C ASP D 221 -9.61 22.26 47.31
N ASP D 222 -10.76 21.88 47.89
CA ASP D 222 -11.71 20.98 47.24
C ASP D 222 -12.08 21.48 45.82
N ASN D 223 -12.31 22.78 45.70
CA ASN D 223 -12.80 23.38 44.42
C ASN D 223 -11.69 23.52 43.39
N PHE D 224 -10.51 23.90 43.86
CA PHE D 224 -9.35 23.87 42.98
C PHE D 224 -9.05 22.47 42.43
N ALA D 225 -9.03 21.51 43.34
CA ALA D 225 -8.85 20.08 42.99
C ALA D 225 -9.80 19.52 41.92
N SER D 226 -11.09 19.77 42.10
CA SER D 226 -12.08 19.39 41.10
C SER D 226 -11.84 20.06 39.74
N LYS D 227 -11.48 21.33 39.76
CA LYS D 227 -11.18 22.00 38.52
C LYS D 227 -9.97 21.36 37.82
N ILE D 228 -8.92 21.10 38.60
CA ILE D 228 -7.68 20.47 38.12
C ILE D 228 -8.00 19.10 37.52
N ARG D 229 -8.92 18.34 38.13
CA ARG D 229 -9.25 16.97 37.62
C ARG D 229 -9.89 17.09 36.25
N ALA D 230 -10.83 18.02 36.16
CA ALA D 230 -11.44 18.32 34.89
C ALA D 230 -10.43 18.81 33.80
N LEU D 231 -9.60 19.80 34.14
CA LEU D 231 -8.59 20.38 33.22
C LEU D 231 -7.57 19.37 32.66
N ALA D 232 -7.23 18.39 33.47
CA ALA D 232 -6.28 17.31 33.11
C ALA D 232 -6.92 16.19 32.25
N ASN D 233 -8.25 16.17 32.22
CA ASN D 233 -9.06 15.22 31.44
C ASN D 233 -9.96 15.92 30.39
N TYR D 234 -9.30 16.55 29.41
CA TYR D 234 -9.89 17.36 28.32
C TYR D 234 -10.79 18.54 28.73
N GLY D 235 -10.77 18.94 30.01
CA GLY D 235 -11.66 19.96 30.50
C GLY D 235 -13.00 19.39 30.92
N SER D 236 -13.05 18.06 30.99
CA SER D 236 -14.29 17.32 31.28
C SER D 236 -14.50 17.00 32.76
N HIS D 237 -15.51 17.63 33.36
CA HIS D 237 -15.98 17.21 34.67
C HIS D 237 -16.87 15.98 34.60
N LYS D 238 -17.83 15.98 33.67
CA LYS D 238 -18.75 14.85 33.55
C LYS D 238 -18.79 14.31 32.13
N LYS D 239 -18.94 12.99 32.01
CA LYS D 239 -19.05 12.32 30.72
C LYS D 239 -19.77 13.14 29.65
N TYR D 240 -19.08 13.37 28.54
CA TYR D 240 -19.62 14.02 27.34
C TYR D 240 -19.56 15.55 27.31
N GLU D 241 -19.25 16.16 28.45
CA GLU D 241 -19.29 17.60 28.63
C GLU D 241 -17.94 18.21 28.94
N ASN D 242 -17.69 19.40 28.41
CA ASN D 242 -16.42 20.07 28.67
C ASN D 242 -16.63 21.51 29.14
N LEU D 243 -16.49 21.70 30.46
CA LEU D 243 -16.49 23.02 31.08
C LEU D 243 -15.32 23.90 30.64
N TYR D 244 -14.13 23.32 30.50
CA TYR D 244 -12.90 24.05 30.16
C TYR D 244 -12.24 23.58 28.88
N THR D 245 -11.37 24.42 28.32
CA THR D 245 -10.56 24.02 27.17
C THR D 245 -9.37 23.33 27.81
N GLY D 246 -9.51 22.05 28.14
CA GLY D 246 -8.47 21.41 28.91
C GLY D 246 -7.52 20.61 28.04
N LEU D 247 -6.90 19.64 28.70
CA LEU D 247 -5.59 19.08 28.37
C LEU D 247 -5.77 17.57 28.54
N ASN D 248 -4.94 16.79 27.88
CA ASN D 248 -4.88 15.38 28.24
C ASN D 248 -3.66 15.09 29.09
N SER D 249 -3.85 14.99 30.42
CA SER D 249 -2.69 14.81 31.30
C SER D 249 -2.99 13.89 32.49
N ARG D 250 -2.68 12.61 32.32
CA ARG D 250 -3.12 11.52 33.20
C ARG D 250 -1.93 10.66 33.59
N LEU D 251 -2.06 10.08 34.77
CA LEU D 251 -1.06 9.16 35.30
C LEU D 251 -1.60 7.74 34.95
N ASP D 252 -0.85 7.05 34.12
CA ASP D 252 -1.17 5.66 33.78
C ASP D 252 -1.30 4.79 35.07
N GLU D 253 -2.28 3.89 35.06
CA GLU D 253 -2.45 2.84 36.09
C GLU D 253 -1.16 2.13 36.44
N ILE D 254 -0.35 1.81 35.43
CA ILE D 254 0.88 1.06 35.66
C ILE D 254 1.86 1.90 36.46
N GLN D 255 2.00 3.16 36.04
CA GLN D 255 2.90 4.05 36.74
C GLN D 255 2.47 4.31 38.17
N ALA D 256 1.19 4.53 38.39
CA ALA D 256 0.67 4.80 39.73
C ALA D 256 1.03 3.58 40.60
N ALA D 257 0.88 2.37 40.08
CA ALA D 257 1.13 1.19 40.90
C ALA D 257 2.59 1.00 41.23
N PHE D 258 3.48 1.29 40.28
CA PHE D 258 4.92 1.36 40.59
C PHE D 258 5.29 2.42 41.63
N LEU D 259 4.78 3.62 41.47
CA LEU D 259 5.03 4.65 42.47
C LEU D 259 4.52 4.29 43.87
N ASP D 260 3.33 3.70 43.95
CA ASP D 260 2.80 3.26 45.25
C ASP D 260 3.65 2.21 45.96
N ILE D 261 4.12 1.20 45.23
CA ILE D 261 5.18 0.33 45.73
C ILE D 261 6.38 1.09 46.34
N LYS D 262 7.00 1.95 45.57
CA LYS D 262 8.16 2.76 45.99
C LYS D 262 7.85 3.76 47.13
N LEU D 263 6.64 4.31 47.16
CA LEU D 263 6.31 5.37 48.14
C LEU D 263 6.48 4.92 49.61
N LYS D 264 6.21 3.63 49.85
CA LYS D 264 6.36 2.96 51.15
C LYS D 264 7.76 3.06 51.74
N TYR D 265 8.76 3.25 50.86
CA TYR D 265 10.20 3.29 51.16
C TYR D 265 10.86 4.68 51.00
N LEU D 266 10.05 5.69 50.72
CA LEU D 266 10.63 6.97 50.31
C LEU D 266 11.34 7.68 51.47
N ASP D 267 10.74 7.80 52.64
CA ASP D 267 11.48 8.39 53.73
C ASP D 267 12.78 7.61 54.05
N GLU D 268 12.70 6.29 54.03
CA GLU D 268 13.89 5.46 54.18
C GLU D 268 14.95 5.77 53.13
N ASP D 269 14.55 5.91 51.86
CA ASP D 269 15.50 6.19 50.79
C ASP D 269 16.16 7.59 50.94
N ASN D 270 15.36 8.59 51.30
CA ASN D 270 15.86 9.95 51.54
C ASN D 270 16.83 9.95 52.71
N ASN D 271 16.53 9.14 53.71
CA ASN D 271 17.46 8.93 54.80
C ASN D 271 18.80 8.36 54.38
N LYS D 272 18.77 7.39 53.46
CA LYS D 272 19.99 6.90 52.83
C LYS D 272 20.74 8.00 52.05
N ARG D 273 20.03 8.78 51.23
CA ARG D 273 20.67 9.95 50.66
C ARG D 273 21.29 10.89 51.74
N LYS D 274 20.59 11.13 52.85
CA LYS D 274 21.16 11.95 53.93
C LYS D 274 22.46 11.35 54.47
N ASN D 275 22.50 10.04 54.61
CA ASN D 275 23.73 9.37 55.02
C ASN D 275 24.94 9.63 54.12
N ILE D 276 24.77 9.45 52.82
CA ILE D 276 25.82 9.69 51.83
C ILE D 276 26.16 11.19 51.77
N ALA D 277 25.16 12.06 51.83
CA ALA D 277 25.44 13.49 51.85
C ALA D 277 26.37 13.87 53.01
N ASN D 278 26.12 13.29 54.19
CA ASN D 278 26.89 13.58 55.40
C ASN D 278 28.31 13.02 55.26
N PHE D 279 28.41 11.83 54.67
CA PHE D 279 29.71 11.26 54.47
C PHE D 279 30.52 12.20 53.59
N TYR D 280 29.89 12.67 52.52
CA TYR D 280 30.52 13.60 51.60
C TYR D 280 30.92 14.86 52.39
N LEU D 281 30.01 15.41 53.19
CA LEU D 281 30.28 16.67 53.88
C LEU D 281 31.33 16.54 54.99
N GLN D 282 31.39 15.36 55.60
CA GLN D 282 32.42 15.08 56.60
C GLN D 282 33.80 14.71 56.02
N ASN D 283 33.83 14.11 54.82
CA ASN D 283 35.12 13.66 54.25
C ASN D 283 35.73 14.46 53.10
N ILE D 284 34.91 15.08 52.26
CA ILE D 284 35.48 15.93 51.23
C ILE D 284 36.13 17.19 51.75
N LYS D 285 37.42 17.32 51.48
CA LYS D 285 38.17 18.51 51.85
C LYS D 285 39.12 18.94 50.75
N ASN D 286 38.69 19.81 49.84
CA ASN D 286 39.52 20.21 48.71
C ASN D 286 39.40 21.72 48.51
N GLU D 287 40.54 22.39 48.42
CA GLU D 287 40.50 23.85 48.38
C GLU D 287 39.82 24.42 47.12
N ASN D 288 39.54 23.56 46.15
CA ASN D 288 38.95 23.99 44.88
C ASN D 288 37.43 23.74 44.84
N ILE D 289 36.88 23.25 45.95
CA ILE D 289 35.52 22.71 45.90
C ILE D 289 34.78 23.38 47.04
N ILE D 290 33.63 23.98 46.74
CA ILE D 290 32.67 24.46 47.76
C ILE D 290 31.52 23.49 47.87
N LEU D 291 31.31 23.02 49.09
CA LEU D 291 30.35 21.97 49.35
C LEU D 291 29.02 22.63 49.63
N PRO D 292 27.92 21.87 49.40
CA PRO D 292 26.56 22.30 49.70
C PRO D 292 26.26 22.17 51.18
N SER D 293 25.41 23.05 51.68
CA SER D 293 24.93 22.93 53.04
C SER D 293 23.44 22.62 52.98
N ASN D 294 22.84 22.37 54.15
CA ASN D 294 21.43 22.11 54.30
C ASN D 294 20.90 22.93 55.48
N LYS D 295 20.60 24.21 55.22
CA LYS D 295 20.06 25.09 56.23
C LYS D 295 18.70 24.60 56.70
N PHE D 296 17.89 24.19 55.75
CA PHE D 296 16.63 23.49 56.04
C PHE D 296 16.67 22.04 55.54
N ASP D 297 15.63 21.27 55.82
CA ASP D 297 15.58 19.88 55.46
C ASP D 297 15.89 19.66 53.97
N HIS D 298 16.71 18.65 53.70
CA HIS D 298 17.33 18.43 52.41
C HIS D 298 17.26 16.93 52.15
N VAL D 299 16.54 16.57 51.09
CA VAL D 299 16.41 15.16 50.68
C VAL D 299 17.39 14.79 49.59
N TRP D 300 18.24 15.75 49.22
CA TRP D 300 19.49 15.47 48.51
C TRP D 300 19.18 14.72 47.22
N HIS D 301 18.23 15.24 46.46
CA HIS D 301 17.98 14.77 45.09
C HIS D 301 19.26 14.88 44.29
N LEU D 302 19.98 15.98 44.48
CA LEU D 302 21.23 16.27 43.78
C LEU D 302 22.17 16.72 44.87
N PHE D 303 23.41 16.23 44.76
CA PHE D 303 24.51 16.69 45.59
C PHE D 303 25.43 17.60 44.77
N VAL D 304 25.22 18.89 44.98
CA VAL D 304 25.85 19.90 44.15
C VAL D 304 27.05 20.58 44.79
N VAL D 305 28.23 20.42 44.17
CA VAL D 305 29.42 21.19 44.49
C VAL D 305 29.66 22.33 43.52
N LYS D 306 30.50 23.27 43.93
CA LYS D 306 30.78 24.46 43.15
CA LYS D 306 30.78 24.47 43.17
C LYS D 306 32.29 24.69 43.05
N THR D 307 32.76 24.92 41.84
CA THR D 307 34.20 25.13 41.61
C THR D 307 34.42 26.08 40.45
N LYS D 308 35.42 26.95 40.57
CA LYS D 308 35.97 27.66 39.41
C LYS D 308 36.48 26.76 38.26
N LEU D 309 36.83 25.51 38.54
CA LEU D 309 37.39 24.59 37.53
C LEU D 309 36.45 23.45 37.19
N ARG D 310 35.20 23.80 36.91
CA ARG D 310 34.11 22.81 36.77
C ARG D 310 34.35 21.81 35.63
N ASP D 311 34.66 22.31 34.43
CA ASP D 311 34.70 21.44 33.25
C ASP D 311 35.91 20.53 33.43
N GLU D 312 36.98 21.08 33.98
CA GLU D 312 38.15 20.31 34.37
C GLU D 312 37.81 19.20 35.36
N LEU D 313 37.05 19.55 36.39
CA LEU D 313 36.66 18.55 37.38
C LEU D 313 35.85 17.43 36.73
N GLN D 314 34.91 17.78 35.86
CA GLN D 314 34.10 16.78 35.18
C GLN D 314 34.99 15.82 34.42
N HIS D 315 35.97 16.38 33.71
CA HIS D 315 37.00 15.64 32.99
C HIS D 315 37.73 14.69 33.93
N TYR D 316 38.25 15.25 35.02
CA TYR D 316 39.01 14.50 36.00
C TYR D 316 38.26 13.29 36.52
N LEU D 317 36.98 13.46 36.85
CA LEU D 317 36.21 12.36 37.44
C LEU D 317 35.87 11.26 36.43
N ASN D 318 35.55 11.66 35.19
CA ASN D 318 35.40 10.74 34.06
C ASN D 318 36.60 9.82 33.93
N ASN D 319 37.78 10.42 33.94
CA ASN D 319 39.04 9.69 33.80
C ASN D 319 39.19 8.63 34.89
N HIS D 320 38.33 8.73 35.92
CA HIS D 320 38.32 7.79 37.03
C HIS D 320 37.02 6.98 37.08
N ASP D 321 36.34 6.91 35.94
CA ASP D 321 35.16 6.03 35.83
C ASP D 321 34.08 6.49 36.82
N ILE D 322 34.01 7.80 37.04
CA ILE D 322 32.93 8.47 37.80
C ILE D 322 32.17 9.49 36.93
N GLN D 323 30.93 9.15 36.58
CA GLN D 323 30.07 10.00 35.76
C GLN D 323 29.38 11.10 36.59
N THR D 324 29.59 12.35 36.22
CA THR D 324 28.80 13.46 36.77
C THR D 324 28.04 14.19 35.66
N ILE D 325 27.02 14.92 36.10
CA ILE D 325 26.14 15.71 35.25
C ILE D 325 26.01 17.09 35.86
N ILE D 326 25.83 18.11 35.02
CA ILE D 326 25.71 19.48 35.47
C ILE D 326 24.23 19.86 35.60
N HIS D 327 23.84 20.27 36.80
CA HIS D 327 22.54 20.90 37.00
C HIS D 327 22.78 22.35 37.47
N TYR D 328 22.90 23.35 36.58
CA TYR D 328 22.72 23.30 35.13
C TYR D 328 23.77 24.29 34.59
N PRO D 329 24.17 24.14 33.32
CA PRO D 329 25.23 24.94 32.67
C PRO D 329 24.71 26.26 32.07
N ILE D 330 23.48 26.25 31.56
CA ILE D 330 22.85 27.46 31.02
C ILE D 330 21.56 27.83 31.75
N PRO D 331 21.50 29.04 32.33
CA PRO D 331 20.27 29.45 32.99
C PRO D 331 19.16 29.82 32.00
N PRO D 332 17.89 29.77 32.46
CA PRO D 332 16.74 30.00 31.58
C PRO D 332 16.82 31.28 30.73
N HIS D 333 17.14 32.40 31.38
CA HIS D 333 17.17 33.73 30.73
C HIS D 333 18.24 33.84 29.66
N LYS D 334 19.21 32.94 29.70
CA LYS D 334 20.24 32.81 28.65
C LYS D 334 20.00 31.74 27.58
N GLN D 335 18.91 30.97 27.62
CA GLN D 335 18.63 29.97 26.56
C GLN D 335 18.16 30.66 25.27
N LYS D 336 18.31 29.99 24.13
CA LYS D 336 17.83 30.54 22.85
C LYS D 336 16.33 30.76 22.78
N CYS D 337 15.58 29.95 23.50
CA CYS D 337 14.12 30.04 23.50
C CYS D 337 13.62 31.29 24.25
N TYR D 338 14.50 31.96 25.00
CA TYR D 338 14.11 33.12 25.78
C TYR D 338 15.01 34.29 25.37
N LYS D 339 15.07 34.53 24.07
CA LYS D 339 15.84 35.67 23.59
C LYS D 339 15.40 36.97 24.28
N ASP D 340 14.10 37.10 24.56
CA ASP D 340 13.55 38.25 25.30
C ASP D 340 14.11 38.49 26.73
N LEU D 341 14.88 37.52 27.26
CA LEU D 341 15.44 37.56 28.61
C LEU D 341 16.95 37.59 28.68
N ASN D 342 17.64 37.52 27.55
CA ASN D 342 19.07 37.24 27.55
C ASN D 342 19.83 38.41 28.17
N HIS D 343 19.22 39.60 28.12
CA HIS D 343 19.81 40.86 28.59
C HIS D 343 19.82 40.97 30.11
N LEU D 344 18.93 40.24 30.78
CA LEU D 344 18.79 40.34 32.24
C LEU D 344 20.13 40.10 32.90
N LYS D 345 20.48 40.95 33.86
CA LYS D 345 21.67 40.75 34.69
C LYS D 345 21.33 40.05 35.99
N LEU D 346 21.73 38.79 36.05
CA LEU D 346 21.54 37.95 37.22
C LEU D 346 22.87 37.27 37.53
N PRO D 347 23.82 38.02 38.10
CA PRO D 347 25.17 37.47 38.20
C PRO D 347 25.34 36.30 39.16
N ILE D 348 24.51 36.21 40.19
CA ILE D 348 24.62 35.13 41.14
C ILE D 348 24.19 33.85 40.42
N THR D 349 23.06 33.93 39.74
CA THR D 349 22.56 32.82 38.92
C THR D 349 23.58 32.39 37.87
N GLU D 350 24.14 33.37 37.15
CA GLU D 350 25.07 33.12 36.06
C GLU D 350 26.33 32.45 36.58
N ASN D 351 26.87 32.94 37.70
CA ASN D 351 28.07 32.35 38.33
C ASN D 351 27.85 30.93 38.79
N ILE D 352 26.70 30.67 39.37
CA ILE D 352 26.30 29.32 39.76
C ILE D 352 26.29 28.38 38.56
N HIS D 353 25.69 28.83 37.47
CA HIS D 353 25.62 27.99 36.29
C HIS D 353 26.95 27.75 35.64
N GLN D 354 27.92 28.63 35.88
CA GLN D 354 29.27 28.35 35.37
C GLN D 354 30.04 27.42 36.26
N GLU D 355 29.61 27.23 37.52
CA GLU D 355 30.49 26.60 38.51
C GLU D 355 30.01 25.28 39.14
N VAL D 356 28.73 24.93 38.98
CA VAL D 356 28.25 23.73 39.69
C VAL D 356 28.46 22.42 38.95
N LEU D 357 28.62 21.35 39.72
CA LEU D 357 28.57 19.99 39.20
C LEU D 357 27.94 19.09 40.27
N SER D 358 27.10 18.14 39.83
CA SER D 358 26.48 17.13 40.69
C SER D 358 27.30 15.83 40.81
N LEU D 359 27.45 15.37 42.05
CA LEU D 359 28.13 14.10 42.35
C LEU D 359 27.14 12.97 42.46
N PRO D 360 27.58 11.75 42.13
CA PRO D 360 26.62 10.66 42.22
C PRO D 360 26.06 10.53 43.64
N ILE D 361 24.76 10.40 43.73
CA ILE D 361 24.10 10.06 45.00
C ILE D 361 22.77 9.32 44.74
N SER D 362 22.48 8.30 45.52
CA SER D 362 21.25 7.56 45.38
C SER D 362 21.00 6.74 46.65
N PRO D 363 19.76 6.30 46.90
CA PRO D 363 19.50 5.45 48.08
C PRO D 363 20.26 4.12 48.11
N THR D 364 20.51 3.54 46.93
CA THR D 364 21.05 2.17 46.79
C THR D 364 22.58 2.25 46.55
N MET D 365 23.12 3.46 46.56
CA MET D 365 24.53 3.66 46.24
C MET D 365 25.51 2.97 47.21
N LYS D 366 26.59 2.40 46.67
CA LYS D 366 27.45 1.51 47.46
C LYS D 366 28.50 2.28 48.26
N GLU D 367 28.78 1.83 49.48
CA GLU D 367 29.76 2.49 50.34
C GLU D 367 31.12 2.51 49.64
N ASN D 368 31.47 1.41 48.98
CA ASN D 368 32.63 1.37 48.06
C ASN D 368 32.66 2.57 47.12
N ASP D 369 31.54 2.79 46.43
CA ASP D 369 31.41 3.88 45.47
C ASP D 369 31.53 5.29 46.08
N PHE D 370 30.75 5.66 47.08
CA PHE D 370 30.92 7.02 47.56
C PHE D 370 32.21 7.25 48.31
N LYS D 371 32.84 6.18 48.81
CA LYS D 371 34.14 6.36 49.43
C LYS D 371 35.14 6.75 48.33
N LYS D 372 35.03 6.11 47.16
CA LYS D 372 35.85 6.44 46.00
C LYS D 372 35.67 7.89 45.58
N VAL D 373 34.43 8.29 45.36
CA VAL D 373 34.17 9.68 45.01
C VAL D 373 34.89 10.59 46.00
N ALA D 374 34.73 10.34 47.31
CA ALA D 374 35.31 11.22 48.32
C ALA D 374 36.83 11.22 48.23
N ASP D 375 37.42 10.05 47.99
CA ASP D 375 38.88 9.91 47.98
C ASP D 375 39.50 10.55 46.74
N ILE D 376 38.82 10.34 45.61
CA ILE D 376 39.30 10.85 44.34
C ILE D 376 39.29 12.38 44.36
N LEU D 377 38.22 12.93 44.93
CA LEU D 377 38.03 14.37 45.03
C LEU D 377 39.07 15.01 45.94
N ASN D 378 39.31 14.39 47.07
CA ASN D 378 40.41 14.81 47.95
C ASN D 378 41.72 14.92 47.16
N LYS D 379 41.99 13.95 46.29
CA LYS D 379 43.26 13.88 45.58
C LYS D 379 43.41 14.91 44.46
N TRP D 380 42.30 15.55 44.10
CA TRP D 380 42.23 16.42 42.92
C TRP D 380 43.04 17.70 43.15
N LYS D 381 43.96 18.04 42.26
CA LYS D 381 44.62 19.34 42.36
C LYS D 381 44.59 20.15 41.07
CL CL E . 3.55 -13.03 -36.21
CL CL F . 32.03 5.28 -49.33
NA NA G . -3.21 -9.22 -29.46
NA NA H . 2.35 9.11 29.79
CL CL I . 8.53 15.61 34.66
#